data_5LKJ
#
_entry.id   5LKJ
#
_cell.length_a   74.637
_cell.length_b   98.161
_cell.length_c   206.499
_cell.angle_alpha   90.00
_cell.angle_beta   90.00
_cell.angle_gamma   90.00
#
_symmetry.space_group_name_H-M   'P 21 21 2'
#
loop_
_entity.id
_entity.type
_entity.pdbx_description
1 polymer 'Histone-arginine methyltransferase CARM1'
2 non-polymer '(2~{S})-4-[[(2~{R},3~{S},4~{R},5~{R})-5-(6-aminopurin-9-yl)-3,4-bis(oxidanyl)oxolan-2-yl]methyl-(2-carbamimidamidoethyl)amino]-2-azanyl-butanoic acid'
3 non-polymer 1,2-ETHANEDIOL
4 non-polymer 1,2-DIMETHOXYETHANE
5 non-polymer DI(HYDROXYETHYL)ETHER
6 non-polymer 3,6,9,12,15,18-HEXAOXAICOSANE-1,20-DIOL
7 water water
#
_entity_poly.entity_id   1
_entity_poly.type   'polypeptide(L)'
_entity_poly.pdbx_seq_one_letter_code
;GHMGHTLERSVFSERTEESSAVQYFQFYGYLSQQQNMMQDYVRTGTYQRAILQNHTDFKDKIVLDVGCGSGILSFFAAQA
GARKIYAVEASTMAQHAEVLVKSNNLTDRIVVIPGKVEEVSLPEQVDIIISEPMGYMLFNERMLESYLHAKKYLKPSGNM
FPTIGDVHLAPFTDEQLYMEQFTKANFWYQPSFHGVDLSALRGAAVDEYFRQPVVDTFDIRILMAKSVKYTVNFLEAKEG
DLHRIEIPFKFHMLHSGLVHGLAFWFDVAFIGSIMTVWLSTAPTEPLTHWYQVRCLFQSPLFAKAGDTLSGTCLLIANKR
QSYDISIVAQVDQTGSKSSNLLDLKNPFFRYTGTTPSPPPGSHYTSPSENM
;
_entity_poly.pdbx_strand_id   A,B,C,D
#
loop_
_chem_comp.id
_chem_comp.type
_chem_comp.name
_chem_comp.formula
6YB non-polymer '(2~{S})-4-[[(2~{R},3~{S},4~{R},5~{R})-5-(6-aminopurin-9-yl)-3,4-bis(oxidanyl)oxolan-2-yl]methyl-(2-carbamimidamidoethyl)amino]-2-azanyl-butanoic acid' 'C17 H28 N10 O5'
DXE non-polymer 1,2-DIMETHOXYETHANE 'C4 H10 O2'
EDO non-polymer 1,2-ETHANEDIOL 'C2 H6 O2'
P33 non-polymer 3,6,9,12,15,18-HEXAOXAICOSANE-1,20-DIOL 'C14 H30 O8'
PEG non-polymer DI(HYDROXYETHYL)ETHER 'C4 H10 O3'
#
# COMPACT_ATOMS: atom_id res chain seq x y z
N SER A 10 -36.02 -23.73 -18.02
CA SER A 10 -35.21 -24.00 -16.83
C SER A 10 -35.97 -23.64 -15.56
N VAL A 11 -35.99 -24.57 -14.62
CA VAL A 11 -36.64 -24.38 -13.33
C VAL A 11 -36.26 -23.03 -12.72
N PHE A 12 -35.05 -22.55 -12.99
CA PHE A 12 -34.58 -21.30 -12.42
C PHE A 12 -35.31 -20.10 -13.04
N SER A 13 -35.31 -20.05 -14.37
CA SER A 13 -35.89 -18.92 -15.10
C SER A 13 -37.38 -18.80 -14.85
N GLU A 14 -38.03 -19.94 -14.61
CA GLU A 14 -39.48 -19.96 -14.41
C GLU A 14 -39.89 -19.34 -13.08
N ARG A 15 -38.98 -19.33 -12.10
CA ARG A 15 -39.30 -18.82 -10.78
C ARG A 15 -38.64 -17.45 -10.54
N THR A 16 -37.96 -16.92 -11.55
CA THR A 16 -37.19 -15.70 -11.39
C THR A 16 -37.38 -14.71 -12.54
N GLU A 17 -37.74 -13.48 -12.19
CA GLU A 17 -37.78 -12.40 -13.18
C GLU A 17 -36.37 -12.16 -13.71
N GLU A 18 -36.27 -11.97 -15.02
CA GLU A 18 -34.97 -11.80 -15.67
C GLU A 18 -34.16 -10.66 -15.04
N SER A 19 -34.83 -9.53 -14.80
CA SER A 19 -34.18 -8.35 -14.24
C SER A 19 -33.43 -8.67 -12.93
N SER A 20 -34.11 -9.40 -12.06
CA SER A 20 -33.57 -9.80 -10.77
C SER A 20 -32.39 -10.71 -10.96
N ALA A 21 -32.52 -11.69 -11.85
CA ALA A 21 -31.46 -12.67 -12.06
C ALA A 21 -30.23 -11.98 -12.62
N VAL A 22 -30.43 -11.09 -13.58
CA VAL A 22 -29.33 -10.36 -14.20
C VAL A 22 -28.61 -9.55 -13.12
N GLN A 23 -29.36 -8.75 -12.37
CA GLN A 23 -28.76 -7.94 -11.33
C GLN A 23 -28.07 -8.83 -10.27
N TYR A 24 -28.73 -9.93 -9.94
CA TYR A 24 -28.25 -10.87 -8.94
C TYR A 24 -26.88 -11.45 -9.32
N PHE A 25 -26.78 -11.96 -10.55
CA PHE A 25 -25.54 -12.59 -10.97
C PHE A 25 -24.48 -11.56 -11.37
N GLN A 26 -24.92 -10.37 -11.78
CA GLN A 26 -23.97 -9.29 -11.98
C GLN A 26 -23.29 -8.96 -10.65
N PHE A 27 -24.09 -8.90 -9.59
CA PHE A 27 -23.56 -8.63 -8.26
C PHE A 27 -22.44 -9.61 -7.88
N TYR A 28 -22.66 -10.90 -8.11
CA TYR A 28 -21.70 -11.92 -7.69
C TYR A 28 -20.54 -12.11 -8.67
N GLY A 29 -20.55 -11.38 -9.77
CA GLY A 29 -19.43 -11.38 -10.69
C GLY A 29 -18.26 -10.52 -10.21
N TYR A 30 -18.48 -9.77 -9.15
CA TYR A 30 -17.44 -8.90 -8.58
C TYR A 30 -16.55 -9.62 -7.59
N LEU A 31 -15.23 -9.50 -7.78
CA LEU A 31 -14.25 -10.09 -6.87
C LEU A 31 -14.38 -9.52 -5.45
N SER A 32 -14.75 -8.25 -5.34
CA SER A 32 -14.87 -7.60 -4.04
C SER A 32 -15.96 -8.26 -3.19
N GLN A 33 -17.02 -8.73 -3.85
CA GLN A 33 -18.12 -9.37 -3.15
C GLN A 33 -17.71 -10.77 -2.69
N GLN A 34 -16.96 -11.46 -3.53
CA GLN A 34 -16.40 -12.76 -3.14
C GLN A 34 -15.46 -12.55 -1.96
N GLN A 35 -14.64 -11.51 -2.06
CA GLN A 35 -13.68 -11.18 -1.01
C GLN A 35 -14.40 -10.91 0.31
N ASN A 36 -15.48 -10.13 0.27
CA ASN A 36 -16.22 -9.82 1.50
C ASN A 36 -16.64 -11.09 2.22
N MET A 37 -17.16 -12.05 1.48
CA MET A 37 -17.61 -13.32 2.04
C MET A 37 -16.44 -14.18 2.51
N MET A 38 -15.40 -14.24 1.70
CA MET A 38 -14.22 -15.03 2.06
C MET A 38 -13.60 -14.50 3.34
N GLN A 39 -13.66 -13.19 3.54
CA GLN A 39 -13.06 -12.55 4.70
C GLN A 39 -13.92 -12.67 5.95
N ASP A 40 -15.10 -13.26 5.81
CA ASP A 40 -15.92 -13.62 6.97
C ASP A 40 -15.32 -14.89 7.56
N TYR A 41 -14.50 -14.72 8.61
CA TYR A 41 -13.68 -15.81 9.11
C TYR A 41 -14.52 -16.96 9.67
N VAL A 42 -15.61 -16.63 10.36
CA VAL A 42 -16.48 -17.64 10.94
C VAL A 42 -17.01 -18.55 9.84
N ARG A 43 -17.56 -17.94 8.79
CA ARG A 43 -18.15 -18.68 7.68
C ARG A 43 -17.12 -19.60 7.02
N THR A 44 -16.05 -18.99 6.53
CA THR A 44 -15.05 -19.71 5.75
C THR A 44 -14.32 -20.75 6.61
N GLY A 45 -13.94 -20.34 7.81
CA GLY A 45 -13.24 -21.23 8.73
C GLY A 45 -14.11 -22.39 9.15
N THR A 46 -15.39 -22.12 9.38
CA THR A 46 -16.30 -23.18 9.80
C THR A 46 -16.51 -24.17 8.66
N TYR A 47 -16.66 -23.66 7.44
CA TYR A 47 -16.75 -24.56 6.28
C TYR A 47 -15.49 -25.42 6.15
N GLN A 48 -14.32 -24.79 6.25
CA GLN A 48 -13.07 -25.53 6.10
C GLN A 48 -12.97 -26.61 7.18
N ARG A 49 -13.29 -26.24 8.42
CA ARG A 49 -13.29 -27.20 9.52
C ARG A 49 -14.28 -28.34 9.27
N ALA A 50 -15.48 -27.97 8.84
CA ALA A 50 -16.53 -28.95 8.58
C ALA A 50 -16.08 -29.96 7.54
N ILE A 51 -15.46 -29.47 6.47
CA ILE A 51 -15.04 -30.36 5.39
C ILE A 51 -13.82 -31.20 5.80
N LEU A 52 -12.80 -30.57 6.37
CA LEU A 52 -11.56 -31.27 6.68
C LEU A 52 -11.69 -32.24 7.86
N GLN A 53 -12.44 -31.85 8.89
CA GLN A 53 -12.62 -32.72 10.04
C GLN A 53 -13.49 -33.93 9.71
N ASN A 54 -14.24 -33.83 8.61
CA ASN A 54 -15.01 -34.97 8.10
C ASN A 54 -14.41 -35.49 6.80
N HIS A 55 -13.09 -35.64 6.76
CA HIS A 55 -12.37 -36.00 5.54
C HIS A 55 -12.85 -37.31 4.92
N THR A 56 -13.37 -38.21 5.73
CA THR A 56 -13.84 -39.50 5.23
C THR A 56 -15.09 -39.36 4.36
N ASP A 57 -15.77 -38.21 4.49
CA ASP A 57 -16.92 -37.94 3.65
C ASP A 57 -16.50 -37.41 2.27
N PHE A 58 -15.20 -37.13 2.12
CA PHE A 58 -14.71 -36.51 0.89
C PHE A 58 -13.60 -37.31 0.22
N LYS A 59 -12.77 -38.00 1.01
CA LYS A 59 -11.61 -38.69 0.46
C LYS A 59 -12.02 -39.66 -0.66
N ASP A 60 -11.48 -39.42 -1.85
CA ASP A 60 -11.74 -40.26 -3.01
C ASP A 60 -13.20 -40.28 -3.43
N LYS A 61 -13.93 -39.22 -3.09
CA LYS A 61 -15.36 -39.12 -3.42
C LYS A 61 -15.57 -38.20 -4.62
N ILE A 62 -16.77 -38.26 -5.20
CA ILE A 62 -17.18 -37.29 -6.22
C ILE A 62 -17.99 -36.21 -5.53
N VAL A 63 -17.67 -34.95 -5.79
CA VAL A 63 -18.29 -33.83 -5.07
C VAL A 63 -18.94 -32.86 -6.04
N LEU A 64 -20.07 -32.28 -5.63
CA LEU A 64 -20.66 -31.17 -6.37
C LEU A 64 -20.69 -29.90 -5.51
N ASP A 65 -20.07 -28.84 -6.00
CA ASP A 65 -20.09 -27.54 -5.33
C ASP A 65 -21.09 -26.63 -6.03
N VAL A 66 -22.23 -26.37 -5.39
CA VAL A 66 -23.29 -25.59 -6.01
C VAL A 66 -23.07 -24.09 -5.78
N GLY A 67 -22.72 -23.38 -6.85
CA GLY A 67 -22.43 -21.96 -6.76
C GLY A 67 -21.06 -21.75 -6.13
N CYS A 68 -20.03 -22.19 -6.84
CA CYS A 68 -18.68 -22.28 -6.27
C CYS A 68 -18.03 -20.92 -6.04
N GLY A 69 -18.55 -19.89 -6.71
CA GLY A 69 -17.97 -18.57 -6.60
C GLY A 69 -16.50 -18.58 -6.98
N SER A 70 -15.66 -18.18 -6.04
CA SER A 70 -14.20 -18.22 -6.23
C SER A 70 -13.69 -19.65 -6.34
N GLY A 71 -14.45 -20.59 -5.81
CA GLY A 71 -14.06 -21.98 -5.83
C GLY A 71 -13.53 -22.48 -4.49
N ILE A 72 -13.54 -21.61 -3.50
CA ILE A 72 -12.89 -21.87 -2.21
C ILE A 72 -13.35 -23.20 -1.57
N LEU A 73 -14.65 -23.48 -1.58
CA LEU A 73 -15.16 -24.69 -0.96
C LEU A 73 -14.69 -25.92 -1.74
N SER A 74 -14.54 -25.75 -3.06
CA SER A 74 -14.04 -26.83 -3.89
C SER A 74 -12.59 -27.12 -3.50
N PHE A 75 -11.85 -26.08 -3.21
CA PHE A 75 -10.47 -26.22 -2.77
C PHE A 75 -10.43 -26.92 -1.42
N PHE A 76 -11.34 -26.54 -0.52
CA PHE A 76 -11.45 -27.26 0.75
C PHE A 76 -11.75 -28.74 0.50
N ALA A 77 -12.65 -29.01 -0.45
CA ALA A 77 -12.97 -30.39 -0.81
C ALA A 77 -11.74 -31.11 -1.37
N ALA A 78 -10.93 -30.40 -2.15
CA ALA A 78 -9.72 -30.97 -2.71
C ALA A 78 -8.71 -31.28 -1.60
N GLN A 79 -8.61 -30.37 -0.64
CA GLN A 79 -7.74 -30.60 0.52
C GLN A 79 -8.16 -31.83 1.31
N ALA A 80 -9.46 -32.12 1.32
CA ALA A 80 -9.99 -33.24 2.07
C ALA A 80 -9.81 -34.57 1.33
N GLY A 81 -9.29 -34.51 0.10
CA GLY A 81 -8.95 -35.71 -0.63
C GLY A 81 -9.97 -36.14 -1.68
N ALA A 82 -10.84 -35.22 -2.10
CA ALA A 82 -11.85 -35.52 -3.09
C ALA A 82 -11.22 -36.01 -4.40
N ARG A 83 -11.91 -36.95 -5.04
CA ARG A 83 -11.45 -37.52 -6.31
C ARG A 83 -11.79 -36.61 -7.48
N LYS A 84 -12.97 -36.01 -7.41
CA LYS A 84 -13.48 -35.18 -8.51
C LYS A 84 -14.45 -34.16 -7.94
N ILE A 85 -14.30 -32.91 -8.34
CA ILE A 85 -15.18 -31.86 -7.88
C ILE A 85 -15.76 -31.13 -9.07
N TYR A 86 -17.08 -31.15 -9.20
CA TYR A 86 -17.76 -30.36 -10.20
C TYR A 86 -18.20 -29.05 -9.56
N ALA A 87 -17.62 -27.94 -10.02
CA ALA A 87 -17.87 -26.65 -9.42
C ALA A 87 -18.72 -25.81 -10.36
N VAL A 88 -20.00 -25.66 -10.04
CA VAL A 88 -20.94 -24.99 -10.93
C VAL A 88 -21.08 -23.52 -10.54
N GLU A 89 -21.00 -22.63 -11.52
CA GLU A 89 -21.15 -21.19 -11.23
C GLU A 89 -21.77 -20.44 -12.42
N ALA A 90 -22.82 -19.67 -12.12
CA ALA A 90 -23.59 -19.00 -13.16
C ALA A 90 -23.10 -17.59 -13.47
N SER A 91 -22.45 -16.95 -12.49
CA SER A 91 -21.93 -15.60 -12.71
C SER A 91 -20.60 -15.67 -13.43
N THR A 92 -20.07 -14.52 -13.81
CA THR A 92 -18.79 -14.47 -14.52
C THR A 92 -17.62 -14.86 -13.60
N MET A 93 -17.90 -14.98 -12.31
CA MET A 93 -16.86 -15.41 -11.38
C MET A 93 -16.30 -16.76 -11.83
N ALA A 94 -17.14 -17.52 -12.54
CA ALA A 94 -16.73 -18.81 -13.10
C ALA A 94 -15.43 -18.70 -13.88
N GLN A 95 -15.24 -17.59 -14.56
CA GLN A 95 -14.03 -17.41 -15.36
C GLN A 95 -12.81 -17.24 -14.46
N HIS A 96 -13.03 -16.66 -13.28
CA HIS A 96 -11.95 -16.44 -12.33
C HIS A 96 -11.62 -17.71 -11.56
N ALA A 97 -12.66 -18.48 -11.24
CA ALA A 97 -12.49 -19.72 -10.53
C ALA A 97 -11.60 -20.69 -11.31
N GLU A 98 -11.83 -20.77 -12.62
CA GLU A 98 -11.04 -21.65 -13.48
C GLU A 98 -9.57 -21.24 -13.43
N VAL A 99 -9.31 -19.94 -13.39
CA VAL A 99 -7.96 -19.43 -13.30
C VAL A 99 -7.29 -19.93 -12.02
N LEU A 100 -8.02 -19.91 -10.92
CA LEU A 100 -7.49 -20.35 -9.63
C LEU A 100 -7.25 -21.86 -9.63
N VAL A 101 -8.14 -22.60 -10.29
CA VAL A 101 -7.96 -24.05 -10.38
C VAL A 101 -6.69 -24.36 -11.14
N LYS A 102 -6.42 -23.61 -12.22
CA LYS A 102 -5.22 -23.83 -13.02
C LYS A 102 -3.97 -23.48 -12.23
N SER A 103 -3.98 -22.32 -11.59
CA SER A 103 -2.80 -21.81 -10.89
C SER A 103 -2.53 -22.61 -9.62
N ASN A 104 -3.52 -23.34 -9.14
CA ASN A 104 -3.35 -24.22 -7.98
C ASN A 104 -3.14 -25.68 -8.42
N ASN A 105 -2.93 -25.87 -9.71
CA ASN A 105 -2.62 -27.20 -10.25
C ASN A 105 -3.66 -28.24 -9.86
N LEU A 106 -4.93 -27.90 -10.00
CA LEU A 106 -6.00 -28.81 -9.64
C LEU A 106 -6.95 -29.08 -10.80
N THR A 107 -6.49 -28.87 -12.03
CA THR A 107 -7.33 -29.08 -13.20
C THR A 107 -7.73 -30.55 -13.33
N ASP A 108 -6.92 -31.43 -12.76
CA ASP A 108 -7.19 -32.87 -12.81
C ASP A 108 -8.24 -33.31 -11.81
N ARG A 109 -8.65 -32.41 -10.91
CA ARG A 109 -9.53 -32.76 -9.80
C ARG A 109 -10.76 -31.87 -9.74
N ILE A 110 -10.60 -30.60 -10.12
CA ILE A 110 -11.70 -29.65 -10.12
C ILE A 110 -12.09 -29.26 -11.54
N VAL A 111 -13.37 -29.42 -11.85
CA VAL A 111 -13.91 -29.01 -13.15
C VAL A 111 -14.97 -27.94 -12.93
N VAL A 112 -14.65 -26.73 -13.38
CA VAL A 112 -15.57 -25.61 -13.29
C VAL A 112 -16.57 -25.71 -14.43
N ILE A 113 -17.85 -25.64 -14.07
CA ILE A 113 -18.93 -25.68 -15.04
C ILE A 113 -19.68 -24.35 -14.99
N PRO A 114 -19.45 -23.50 -16.01
CA PRO A 114 -20.17 -22.23 -16.05
C PRO A 114 -21.64 -22.47 -16.38
N GLY A 115 -22.53 -21.83 -15.63
CA GLY A 115 -23.95 -21.94 -15.88
C GLY A 115 -24.74 -22.12 -14.60
N LYS A 116 -26.07 -22.13 -14.74
CA LYS A 116 -26.95 -22.31 -13.62
C LYS A 116 -27.10 -23.80 -13.35
N VAL A 117 -27.12 -24.18 -12.07
CA VAL A 117 -27.15 -25.59 -11.70
C VAL A 117 -28.41 -26.25 -12.23
N GLU A 118 -29.45 -25.45 -12.47
CA GLU A 118 -30.70 -25.95 -13.03
C GLU A 118 -30.56 -26.21 -14.54
N GLU A 119 -29.45 -25.78 -15.13
CA GLU A 119 -29.32 -25.76 -16.59
C GLU A 119 -28.10 -26.52 -17.11
N VAL A 120 -27.09 -26.70 -16.27
CA VAL A 120 -25.86 -27.36 -16.69
C VAL A 120 -26.05 -28.87 -16.72
N SER A 121 -25.14 -29.54 -17.41
CA SER A 121 -25.11 -31.00 -17.42
C SER A 121 -23.88 -31.51 -16.68
N LEU A 122 -24.08 -32.40 -15.72
CA LEU A 122 -22.96 -33.09 -15.08
C LEU A 122 -22.80 -34.45 -15.73
N PRO A 123 -21.55 -34.91 -15.91
CA PRO A 123 -21.30 -36.19 -16.58
C PRO A 123 -21.65 -37.40 -15.73
N GLU A 124 -21.72 -37.24 -14.41
CA GLU A 124 -21.96 -38.36 -13.51
C GLU A 124 -22.62 -37.90 -12.22
N GLN A 125 -23.16 -38.87 -11.47
CA GLN A 125 -23.73 -38.60 -10.16
C GLN A 125 -22.60 -38.37 -9.15
N VAL A 126 -22.91 -37.64 -8.08
CA VAL A 126 -21.90 -37.28 -7.09
C VAL A 126 -22.22 -37.92 -5.74
N ASP A 127 -21.21 -38.00 -4.89
CA ASP A 127 -21.36 -38.61 -3.57
C ASP A 127 -21.83 -37.60 -2.53
N ILE A 128 -21.52 -36.33 -2.75
CA ILE A 128 -21.85 -35.31 -1.77
C ILE A 128 -21.98 -33.93 -2.42
N ILE A 129 -22.95 -33.16 -1.94
CA ILE A 129 -23.12 -31.79 -2.42
C ILE A 129 -22.73 -30.80 -1.34
N ILE A 130 -21.89 -29.85 -1.71
CA ILE A 130 -21.53 -28.76 -0.82
C ILE A 130 -22.00 -27.45 -1.46
N SER A 131 -22.36 -26.51 -0.59
CA SER A 131 -22.85 -25.23 -1.05
C SER A 131 -22.90 -24.26 0.12
N GLU A 132 -22.94 -22.98 -0.22
CA GLU A 132 -23.19 -21.93 0.75
C GLU A 132 -24.36 -21.11 0.23
N PRO A 133 -25.59 -21.62 0.39
CA PRO A 133 -26.75 -20.97 -0.21
C PRO A 133 -27.58 -20.11 0.74
N MET A 134 -27.11 -19.92 1.97
CA MET A 134 -27.90 -19.21 2.98
C MET A 134 -27.89 -17.71 2.75
N GLY A 135 -29.06 -17.09 2.85
CA GLY A 135 -29.19 -15.64 2.80
C GLY A 135 -29.66 -15.12 4.15
N TYR A 136 -30.01 -13.84 4.21
CA TYR A 136 -30.62 -13.29 5.43
C TYR A 136 -31.80 -14.17 5.87
N MET A 137 -31.90 -14.39 7.18
CA MET A 137 -32.91 -15.28 7.78
C MET A 137 -32.97 -16.59 7.00
N LEU A 138 -31.81 -17.03 6.52
CA LEU A 138 -31.63 -18.29 5.80
C LEU A 138 -32.20 -18.31 4.38
N PHE A 139 -33.45 -17.88 4.21
CA PHE A 139 -34.17 -18.12 2.96
C PHE A 139 -33.97 -17.06 1.89
N ASN A 140 -33.45 -15.89 2.26
CA ASN A 140 -33.29 -14.81 1.28
C ASN A 140 -32.40 -15.25 0.12
N GLU A 141 -32.72 -14.74 -1.07
CA GLU A 141 -32.02 -15.03 -2.33
C GLU A 141 -32.55 -16.30 -3.00
N ARG A 142 -33.27 -17.13 -2.26
CA ARG A 142 -33.89 -18.33 -2.81
C ARG A 142 -32.85 -19.25 -3.45
N MET A 143 -31.62 -19.22 -2.96
CA MET A 143 -30.58 -20.09 -3.47
C MET A 143 -30.71 -21.51 -2.90
N LEU A 144 -31.43 -21.66 -1.79
CA LEU A 144 -31.67 -22.98 -1.20
C LEU A 144 -32.36 -23.92 -2.20
N GLU A 145 -33.21 -23.35 -3.05
CA GLU A 145 -33.94 -24.13 -4.04
C GLU A 145 -32.99 -24.70 -5.09
N SER A 146 -31.96 -23.95 -5.45
CA SER A 146 -30.95 -24.45 -6.39
C SER A 146 -30.19 -25.59 -5.72
N TYR A 147 -29.87 -25.38 -4.45
CA TYR A 147 -29.17 -26.36 -3.64
C TYR A 147 -29.95 -27.66 -3.59
N LEU A 148 -31.25 -27.57 -3.33
CA LEU A 148 -32.10 -28.76 -3.31
C LEU A 148 -32.27 -29.32 -4.72
N HIS A 149 -32.38 -28.44 -5.71
CA HIS A 149 -32.53 -28.87 -7.09
C HIS A 149 -31.37 -29.75 -7.52
N ALA A 150 -30.17 -29.37 -7.10
CA ALA A 150 -28.96 -30.10 -7.43
C ALA A 150 -28.98 -31.56 -6.96
N LYS A 151 -29.94 -31.90 -6.10
CA LYS A 151 -30.05 -33.24 -5.56
C LYS A 151 -30.37 -34.29 -6.64
N LYS A 152 -30.73 -33.82 -7.83
CA LYS A 152 -30.95 -34.72 -8.96
C LYS A 152 -29.66 -35.42 -9.36
N TYR A 153 -28.52 -34.85 -8.97
CA TYR A 153 -27.22 -35.44 -9.27
C TYR A 153 -26.67 -36.21 -8.08
N LEU A 154 -27.42 -36.27 -6.98
CA LEU A 154 -26.95 -36.91 -5.77
C LEU A 154 -27.35 -38.38 -5.73
N LYS A 155 -26.41 -39.24 -5.36
CA LYS A 155 -26.68 -40.67 -5.19
C LYS A 155 -27.66 -40.90 -4.04
N PRO A 156 -28.42 -42.00 -4.09
CA PRO A 156 -29.39 -42.33 -3.03
C PRO A 156 -28.84 -42.36 -1.60
N SER A 157 -27.53 -42.33 -1.43
CA SER A 157 -26.94 -42.32 -0.09
C SER A 157 -25.88 -41.23 0.01
N GLY A 158 -26.01 -40.21 -0.82
CA GLY A 158 -25.10 -39.10 -0.79
C GLY A 158 -25.41 -38.17 0.36
N ASN A 159 -24.52 -37.22 0.61
CA ASN A 159 -24.69 -36.31 1.73
C ASN A 159 -24.76 -34.87 1.24
N MET A 160 -25.22 -34.00 2.13
CA MET A 160 -25.32 -32.58 1.82
C MET A 160 -24.67 -31.78 2.93
N PHE A 161 -23.82 -30.84 2.52
CA PHE A 161 -23.09 -29.98 3.43
C PHE A 161 -23.39 -28.52 3.05
N PRO A 162 -24.24 -27.83 3.82
CA PRO A 162 -24.87 -28.23 5.09
C PRO A 162 -25.99 -29.26 4.92
N THR A 163 -26.29 -29.96 6.00
CA THR A 163 -27.27 -31.04 6.01
C THR A 163 -28.63 -30.53 6.48
N ILE A 164 -28.61 -29.66 7.47
CA ILE A 164 -29.83 -29.05 8.00
C ILE A 164 -29.65 -27.58 8.26
N GLY A 165 -30.77 -26.88 8.27
CA GLY A 165 -30.82 -25.46 8.58
C GLY A 165 -31.91 -25.20 9.59
N ASP A 166 -31.54 -24.45 10.63
CA ASP A 166 -32.47 -24.06 11.68
C ASP A 166 -32.72 -22.57 11.56
N VAL A 167 -33.99 -22.18 11.54
CA VAL A 167 -34.35 -20.78 11.61
C VAL A 167 -34.95 -20.51 12.98
N HIS A 168 -34.41 -19.51 13.67
CA HIS A 168 -34.87 -19.17 15.00
C HIS A 168 -35.58 -17.83 14.98
N LEU A 169 -36.71 -17.81 15.69
CA LEU A 169 -37.54 -16.63 15.84
C LEU A 169 -37.69 -16.31 17.32
N ALA A 170 -37.71 -15.02 17.67
CA ALA A 170 -37.99 -14.66 19.05
C ALA A 170 -38.55 -13.25 19.18
N PRO A 171 -39.52 -13.04 20.08
CA PRO A 171 -40.04 -11.68 20.23
C PRO A 171 -39.03 -10.76 20.91
N PHE A 172 -38.98 -9.50 20.51
CA PHE A 172 -38.04 -8.56 21.13
C PHE A 172 -38.70 -7.23 21.48
N THR A 173 -38.05 -6.50 22.38
CA THR A 173 -38.44 -5.13 22.69
C THR A 173 -37.30 -4.19 22.33
N ASP A 174 -37.62 -3.15 21.55
CA ASP A 174 -36.64 -2.15 21.16
C ASP A 174 -37.38 -0.87 20.81
N GLU A 175 -37.65 -0.06 21.82
CA GLU A 175 -38.45 1.15 21.66
C GLU A 175 -37.84 2.13 20.65
N GLN A 176 -36.52 2.27 20.67
CA GLN A 176 -35.84 3.23 19.81
C GLN A 176 -35.93 2.84 18.34
N LEU A 177 -35.78 1.55 18.06
CA LEU A 177 -35.89 1.06 16.69
C LEU A 177 -37.29 1.32 16.18
N TYR A 178 -38.27 1.05 17.00
CA TYR A 178 -39.66 1.28 16.63
C TYR A 178 -39.90 2.77 16.36
N MET A 179 -39.44 3.63 17.27
CA MET A 179 -39.63 5.08 17.12
C MET A 179 -38.92 5.66 15.89
N GLU A 180 -37.75 5.13 15.56
CA GLU A 180 -37.01 5.57 14.38
C GLU A 180 -37.89 5.64 13.13
N GLN A 181 -38.79 4.68 12.99
CA GLN A 181 -39.61 4.60 11.79
C GLN A 181 -40.54 5.82 11.67
N PHE A 182 -41.13 6.24 12.79
CA PHE A 182 -41.99 7.42 12.79
C PHE A 182 -41.16 8.68 12.70
N THR A 183 -40.00 8.68 13.31
CA THR A 183 -39.13 9.84 13.21
C THR A 183 -38.78 10.07 11.74
N LYS A 184 -38.47 8.99 11.02
CA LYS A 184 -38.17 9.12 9.60
C LYS A 184 -39.41 9.46 8.77
N ALA A 185 -40.52 8.77 9.04
CA ALA A 185 -41.74 8.99 8.26
C ALA A 185 -42.35 10.35 8.51
N ASN A 186 -42.17 10.91 9.71
CA ASN A 186 -42.79 12.19 10.05
C ASN A 186 -42.17 13.36 9.28
N PHE A 187 -41.12 13.08 8.52
CA PHE A 187 -40.63 14.06 7.56
C PHE A 187 -41.78 14.55 6.69
N TRP A 188 -42.66 13.62 6.32
CA TRP A 188 -43.75 13.95 5.43
C TRP A 188 -44.92 14.60 6.14
N TYR A 189 -44.86 14.68 7.46
CA TYR A 189 -45.97 15.30 8.19
C TYR A 189 -45.70 16.76 8.47
N GLN A 190 -45.65 17.56 7.41
CA GLN A 190 -45.42 18.99 7.57
C GLN A 190 -46.23 19.69 6.50
N PRO A 191 -46.94 20.77 6.88
CA PRO A 191 -47.88 21.44 5.98
C PRO A 191 -47.24 22.35 4.95
N SER A 192 -45.95 22.64 5.09
CA SER A 192 -45.30 23.56 4.17
C SER A 192 -43.81 23.29 4.00
N PHE A 193 -43.49 22.14 3.41
CA PHE A 193 -42.13 21.86 2.97
C PHE A 193 -41.88 22.66 1.70
N HIS A 194 -41.15 23.75 1.81
CA HIS A 194 -40.95 24.66 0.69
C HIS A 194 -42.29 25.05 0.07
N GLY A 195 -43.30 25.24 0.94
CA GLY A 195 -44.60 25.68 0.51
C GLY A 195 -45.57 24.56 0.13
N VAL A 196 -45.11 23.32 0.24
CA VAL A 196 -45.90 22.17 -0.16
C VAL A 196 -46.32 21.34 1.06
N ASP A 197 -47.60 20.99 1.12
CA ASP A 197 -48.12 20.13 2.17
C ASP A 197 -47.86 18.66 1.82
N LEU A 198 -47.00 18.02 2.59
CA LEU A 198 -46.62 16.63 2.34
C LEU A 198 -47.44 15.60 3.13
N SER A 199 -48.30 16.08 4.01
CA SER A 199 -48.92 15.22 5.04
C SER A 199 -49.64 14.00 4.48
N ALA A 200 -50.26 14.16 3.31
CA ALA A 200 -51.07 13.09 2.72
C ALA A 200 -50.28 11.82 2.46
N LEU A 201 -48.96 11.94 2.38
CA LEU A 201 -48.10 10.78 2.09
C LEU A 201 -47.49 10.19 3.34
N ARG A 202 -47.84 10.73 4.50
CA ARG A 202 -47.25 10.26 5.75
C ARG A 202 -47.56 8.79 6.00
N GLY A 203 -48.82 8.41 5.78
CA GLY A 203 -49.22 7.04 5.99
C GLY A 203 -48.46 6.08 5.10
N ALA A 204 -48.28 6.47 3.84
CA ALA A 204 -47.56 5.65 2.88
C ALA A 204 -46.09 5.49 3.27
N ALA A 205 -45.51 6.55 3.81
CA ALA A 205 -44.10 6.52 4.20
C ALA A 205 -43.91 5.57 5.38
N VAL A 206 -44.80 5.67 6.37
CA VAL A 206 -44.77 4.78 7.51
C VAL A 206 -44.85 3.33 7.05
N ASP A 207 -45.80 3.05 6.16
CA ASP A 207 -45.99 1.71 5.64
C ASP A 207 -44.71 1.19 4.98
N GLU A 208 -44.07 2.05 4.19
CA GLU A 208 -42.87 1.65 3.47
C GLU A 208 -41.76 1.29 4.45
N TYR A 209 -41.55 2.12 5.47
CA TYR A 209 -40.48 1.88 6.43
C TYR A 209 -40.68 0.58 7.20
N PHE A 210 -41.93 0.29 7.57
CA PHE A 210 -42.20 -0.91 8.37
C PHE A 210 -42.13 -2.19 7.54
N ARG A 211 -42.18 -2.08 6.21
CA ARG A 211 -42.06 -3.25 5.34
C ARG A 211 -40.60 -3.69 5.19
N GLN A 212 -39.67 -2.92 5.74
CA GLN A 212 -38.26 -3.26 5.65
C GLN A 212 -37.76 -4.09 6.83
N PRO A 213 -37.27 -5.31 6.57
CA PRO A 213 -36.60 -5.98 7.69
C PRO A 213 -35.31 -5.26 8.04
N VAL A 214 -34.99 -5.22 9.34
CA VAL A 214 -33.82 -4.52 9.83
C VAL A 214 -32.67 -5.48 10.04
N VAL A 215 -31.58 -5.26 9.30
CA VAL A 215 -30.40 -6.10 9.42
C VAL A 215 -29.39 -5.45 10.35
N ASP A 216 -29.13 -6.11 11.48
CA ASP A 216 -28.08 -5.66 12.38
C ASP A 216 -27.98 -6.64 13.55
N THR A 217 -27.23 -6.26 14.57
CA THR A 217 -27.12 -7.10 15.76
C THR A 217 -27.74 -6.38 16.95
N PHE A 218 -27.79 -7.05 18.09
CA PHE A 218 -28.44 -6.51 19.28
C PHE A 218 -28.00 -7.26 20.53
N ASP A 219 -28.21 -6.64 21.69
CA ASP A 219 -27.97 -7.30 22.97
C ASP A 219 -29.09 -8.32 23.20
N ILE A 220 -28.72 -9.54 23.60
CA ILE A 220 -29.71 -10.61 23.73
C ILE A 220 -30.76 -10.31 24.79
N ARG A 221 -30.51 -9.34 25.67
CA ARG A 221 -31.48 -9.04 26.72
C ARG A 221 -32.71 -8.28 26.19
N ILE A 222 -32.73 -7.94 24.91
CA ILE A 222 -33.93 -7.34 24.35
C ILE A 222 -34.93 -8.44 24.02
N LEU A 223 -34.46 -9.69 24.04
CA LEU A 223 -35.32 -10.83 23.74
C LEU A 223 -36.20 -11.15 24.95
N MET A 224 -37.48 -11.41 24.69
CA MET A 224 -38.47 -11.52 25.74
C MET A 224 -38.95 -12.94 25.96
N ALA A 225 -38.44 -13.88 25.17
CA ALA A 225 -38.81 -15.28 25.30
C ALA A 225 -37.81 -16.19 24.57
N LYS A 226 -37.75 -17.43 25.00
CA LYS A 226 -36.88 -18.42 24.35
C LYS A 226 -37.33 -18.58 22.91
N SER A 227 -36.37 -18.75 22.01
CA SER A 227 -36.66 -18.75 20.57
C SER A 227 -37.44 -19.98 20.14
N VAL A 228 -38.19 -19.83 19.05
CA VAL A 228 -38.85 -20.95 18.40
C VAL A 228 -38.04 -21.30 17.15
N LYS A 229 -37.93 -22.59 16.89
CA LYS A 229 -37.06 -23.10 15.84
C LYS A 229 -37.86 -23.75 14.73
N TYR A 230 -37.50 -23.45 13.48
CA TYR A 230 -38.04 -24.15 12.32
C TYR A 230 -36.92 -24.79 11.52
N THR A 231 -36.99 -26.10 11.36
CA THR A 231 -35.89 -26.87 10.78
C THR A 231 -36.19 -27.32 9.35
N VAL A 232 -35.22 -27.08 8.47
CA VAL A 232 -35.23 -27.62 7.13
C VAL A 232 -34.16 -28.69 7.03
N ASN A 233 -34.57 -29.91 6.67
CA ASN A 233 -33.64 -31.01 6.42
C ASN A 233 -33.37 -31.07 4.93
N PHE A 234 -32.17 -30.68 4.53
CA PHE A 234 -31.83 -30.55 3.12
C PHE A 234 -31.76 -31.91 2.43
N LEU A 235 -31.55 -32.97 3.20
CA LEU A 235 -31.52 -34.33 2.66
C LEU A 235 -32.91 -34.78 2.26
N GLU A 236 -33.92 -34.23 2.93
CA GLU A 236 -35.31 -34.67 2.77
C GLU A 236 -36.17 -33.69 1.98
N ALA A 237 -35.82 -32.40 2.03
CA ALA A 237 -36.68 -31.36 1.47
C ALA A 237 -36.70 -31.34 -0.06
N LYS A 238 -37.84 -30.92 -0.60
CA LYS A 238 -38.00 -30.68 -2.02
C LYS A 238 -38.04 -29.18 -2.26
N GLU A 239 -37.73 -28.76 -3.48
CA GLU A 239 -37.79 -27.34 -3.85
C GLU A 239 -39.13 -26.72 -3.46
N GLY A 240 -40.21 -27.40 -3.80
CA GLY A 240 -41.54 -26.89 -3.57
C GLY A 240 -41.80 -26.56 -2.11
N ASP A 241 -41.07 -27.21 -1.21
CA ASP A 241 -41.23 -26.99 0.22
C ASP A 241 -40.84 -25.57 0.61
N LEU A 242 -40.04 -24.91 -0.23
CA LEU A 242 -39.51 -23.59 0.13
C LEU A 242 -40.29 -22.43 -0.51
N HIS A 243 -41.32 -22.75 -1.28
CA HIS A 243 -42.16 -21.74 -1.92
C HIS A 243 -43.12 -21.09 -0.92
N ARG A 244 -43.55 -21.90 0.04
CA ARG A 244 -44.45 -21.43 1.09
C ARG A 244 -44.00 -22.00 2.43
N ILE A 245 -43.50 -21.13 3.30
CA ILE A 245 -42.96 -21.60 4.57
C ILE A 245 -43.81 -21.04 5.71
N GLU A 246 -44.52 -21.94 6.40
CA GLU A 246 -45.38 -21.53 7.49
C GLU A 246 -44.73 -21.89 8.81
N ILE A 247 -44.43 -20.86 9.61
CA ILE A 247 -43.76 -21.04 10.88
C ILE A 247 -44.72 -20.64 12.00
N PRO A 248 -45.41 -21.61 12.59
CA PRO A 248 -46.26 -21.30 13.74
C PRO A 248 -45.41 -21.01 14.95
N PHE A 249 -45.88 -20.16 15.86
CA PHE A 249 -45.13 -19.94 17.08
C PHE A 249 -46.03 -19.69 18.28
N LYS A 250 -45.53 -20.14 19.42
CA LYS A 250 -46.13 -19.88 20.71
C LYS A 250 -44.99 -19.55 21.66
N PHE A 251 -44.87 -18.28 21.99
CA PHE A 251 -43.80 -17.82 22.87
C PHE A 251 -44.34 -17.68 24.29
N HIS A 252 -43.58 -18.22 25.24
CA HIS A 252 -43.90 -18.05 26.64
C HIS A 252 -43.02 -16.93 27.21
N MET A 253 -43.64 -15.78 27.44
CA MET A 253 -42.90 -14.56 27.77
C MET A 253 -42.13 -14.68 29.09
N LEU A 254 -40.84 -14.39 29.01
CA LEU A 254 -39.97 -14.43 30.18
C LEU A 254 -39.87 -13.05 30.82
N HIS A 255 -40.14 -12.02 30.02
CA HIS A 255 -40.09 -10.64 30.50
C HIS A 255 -41.37 -9.93 30.15
N SER A 256 -41.76 -8.99 31.00
CA SER A 256 -42.92 -8.15 30.75
C SER A 256 -42.49 -6.94 29.94
N GLY A 257 -43.36 -6.48 29.04
CA GLY A 257 -43.08 -5.30 28.25
C GLY A 257 -43.78 -5.26 26.92
N LEU A 258 -43.38 -4.30 26.09
CA LEU A 258 -43.91 -4.15 24.75
C LEU A 258 -43.09 -4.96 23.77
N VAL A 259 -43.77 -5.84 23.03
CA VAL A 259 -43.15 -6.60 21.95
C VAL A 259 -43.29 -5.76 20.69
N HIS A 260 -42.16 -5.31 20.17
CA HIS A 260 -42.11 -4.45 19.00
C HIS A 260 -41.94 -5.26 17.73
N GLY A 261 -41.59 -6.54 17.86
CA GLY A 261 -41.46 -7.41 16.71
C GLY A 261 -40.75 -8.72 16.96
N LEU A 262 -40.38 -9.38 15.86
CA LEU A 262 -39.70 -10.66 15.92
C LEU A 262 -38.28 -10.57 15.39
N ALA A 263 -37.36 -11.21 16.11
CA ALA A 263 -35.98 -11.32 15.71
C ALA A 263 -35.76 -12.69 15.10
N PHE A 264 -34.94 -12.70 14.05
CA PHE A 264 -34.66 -13.89 13.26
C PHE A 264 -33.17 -14.11 13.15
N TRP A 265 -32.77 -15.37 13.32
CA TRP A 265 -31.41 -15.77 12.96
C TRP A 265 -31.43 -17.24 12.55
N PHE A 266 -30.28 -17.80 12.17
CA PHE A 266 -30.27 -19.19 11.72
C PHE A 266 -28.97 -19.94 12.01
N ASP A 267 -29.08 -21.25 12.09
CA ASP A 267 -27.93 -22.13 12.22
C ASP A 267 -27.95 -23.12 11.06
N VAL A 268 -26.78 -23.61 10.65
CA VAL A 268 -26.77 -24.77 9.77
C VAL A 268 -25.81 -25.80 10.35
N ALA A 269 -26.12 -27.07 10.13
CA ALA A 269 -25.24 -28.12 10.63
C ALA A 269 -24.72 -28.99 9.51
N PHE A 270 -23.42 -29.27 9.58
CA PHE A 270 -22.77 -30.22 8.69
C PHE A 270 -22.64 -31.55 9.42
N ILE A 271 -23.49 -32.50 9.05
CA ILE A 271 -23.56 -33.79 9.72
C ILE A 271 -22.71 -34.79 8.95
N GLY A 272 -21.45 -34.90 9.31
CA GLY A 272 -20.54 -35.81 8.65
C GLY A 272 -20.38 -37.13 9.38
N SER A 273 -19.57 -38.02 8.81
CA SER A 273 -19.37 -39.34 9.36
C SER A 273 -18.54 -39.32 10.63
N ILE A 274 -17.68 -38.31 10.76
CA ILE A 274 -16.78 -38.22 11.91
C ILE A 274 -17.37 -37.32 13.00
N MET A 275 -17.95 -36.19 12.59
CA MET A 275 -18.53 -35.27 13.57
C MET A 275 -19.51 -34.30 12.91
N THR A 276 -20.37 -33.72 13.74
CA THR A 276 -21.28 -32.68 13.28
C THR A 276 -20.66 -31.32 13.59
N VAL A 277 -20.63 -30.44 12.60
CA VAL A 277 -20.08 -29.09 12.80
C VAL A 277 -21.16 -28.05 12.59
N TRP A 278 -21.27 -27.11 13.53
CA TRP A 278 -22.32 -26.11 13.49
C TRP A 278 -21.81 -24.74 13.05
N LEU A 279 -22.57 -24.10 12.18
CA LEU A 279 -22.35 -22.70 11.84
C LEU A 279 -23.57 -21.92 12.32
N SER A 280 -23.35 -21.00 13.26
CA SER A 280 -24.44 -20.28 13.90
C SER A 280 -24.33 -18.78 13.69
N THR A 281 -25.48 -18.13 13.44
CA THR A 281 -25.53 -16.69 13.31
C THR A 281 -26.32 -16.06 14.46
N ALA A 282 -26.42 -16.81 15.55
CA ALA A 282 -27.17 -16.33 16.72
C ALA A 282 -26.51 -15.10 17.33
N PRO A 283 -27.31 -14.28 18.04
CA PRO A 283 -26.75 -13.07 18.67
C PRO A 283 -25.84 -13.38 19.86
N THR A 284 -25.82 -14.65 20.29
CA THR A 284 -24.91 -15.07 21.35
C THR A 284 -23.56 -15.47 20.77
N GLU A 285 -23.48 -15.58 19.45
CA GLU A 285 -22.26 -16.03 18.78
C GLU A 285 -21.58 -14.87 18.07
N PRO A 286 -20.28 -15.01 17.76
CA PRO A 286 -19.58 -13.96 17.03
C PRO A 286 -20.29 -13.56 15.74
N LEU A 287 -20.23 -12.27 15.42
CA LEU A 287 -20.97 -11.71 14.31
C LEU A 287 -20.48 -12.23 12.95
N THR A 288 -21.43 -12.48 12.05
CA THR A 288 -21.12 -12.85 10.67
C THR A 288 -21.72 -11.80 9.75
N HIS A 289 -21.47 -11.92 8.45
CA HIS A 289 -22.00 -10.95 7.49
C HIS A 289 -23.51 -11.12 7.31
N TRP A 290 -24.09 -12.12 7.95
CA TRP A 290 -25.55 -12.28 7.97
C TRP A 290 -26.19 -11.48 9.10
N TYR A 291 -25.39 -11.07 10.08
CA TYR A 291 -25.88 -10.34 11.25
C TYR A 291 -27.13 -11.03 11.81
N GLN A 292 -28.12 -10.25 12.25
CA GLN A 292 -29.42 -10.81 12.56
C GLN A 292 -30.48 -9.94 11.91
N VAL A 293 -31.70 -10.46 11.81
CA VAL A 293 -32.77 -9.72 11.13
C VAL A 293 -33.94 -9.51 12.06
N ARG A 294 -34.44 -8.28 12.11
CA ARG A 294 -35.61 -7.99 12.92
C ARG A 294 -36.76 -7.45 12.09
N CYS A 295 -37.94 -8.02 12.33
CA CYS A 295 -39.16 -7.58 11.69
C CYS A 295 -40.07 -6.94 12.73
N LEU A 296 -40.35 -5.66 12.53
CA LEU A 296 -41.18 -4.90 13.44
C LEU A 296 -42.66 -5.21 13.25
N PHE A 297 -43.42 -5.17 14.34
CA PHE A 297 -44.87 -5.09 14.24
C PHE A 297 -45.28 -3.64 14.01
N GLN A 298 -46.34 -3.44 13.23
CA GLN A 298 -46.85 -2.11 12.98
C GLN A 298 -47.36 -1.49 14.28
N SER A 299 -47.86 -2.33 15.17
CA SER A 299 -48.28 -1.87 16.50
C SER A 299 -47.72 -2.81 17.55
N PRO A 300 -47.01 -2.26 18.55
CA PRO A 300 -46.43 -3.21 19.51
C PRO A 300 -47.49 -3.89 20.36
N LEU A 301 -47.15 -5.07 20.89
CA LEU A 301 -48.08 -5.82 21.72
C LEU A 301 -47.60 -5.85 23.15
N PHE A 302 -48.47 -5.48 24.08
CA PHE A 302 -48.10 -5.54 25.48
C PHE A 302 -48.24 -6.97 26.01
N ALA A 303 -47.18 -7.48 26.62
CA ALA A 303 -47.22 -8.80 27.21
C ALA A 303 -46.54 -8.85 28.57
N LYS A 304 -47.15 -9.60 29.48
CA LYS A 304 -46.60 -9.81 30.81
C LYS A 304 -45.79 -11.09 30.87
N ALA A 305 -44.83 -11.14 31.79
CA ALA A 305 -44.12 -12.39 32.04
C ALA A 305 -45.16 -13.43 32.41
N GLY A 306 -45.10 -14.57 31.74
CA GLY A 306 -46.07 -15.63 31.98
C GLY A 306 -47.15 -15.70 30.92
N ASP A 307 -47.40 -14.58 30.24
CA ASP A 307 -48.33 -14.58 29.12
C ASP A 307 -47.78 -15.39 27.96
N THR A 308 -48.65 -15.76 27.04
CA THR A 308 -48.23 -16.46 25.84
C THR A 308 -48.52 -15.60 24.62
N LEU A 309 -47.54 -15.50 23.74
CA LEU A 309 -47.68 -14.77 22.50
C LEU A 309 -47.72 -15.78 21.37
N SER A 310 -48.88 -15.96 20.76
CA SER A 310 -49.03 -17.01 19.75
C SER A 310 -49.36 -16.39 18.41
N GLY A 311 -48.93 -17.06 17.35
CA GLY A 311 -49.21 -16.59 16.02
C GLY A 311 -48.45 -17.29 14.91
N THR A 312 -48.32 -16.61 13.78
CA THR A 312 -47.72 -17.23 12.61
C THR A 312 -46.82 -16.29 11.82
N CYS A 313 -45.71 -16.87 11.37
CA CYS A 313 -44.84 -16.22 10.41
C CYS A 313 -44.89 -16.98 9.09
N LEU A 314 -45.45 -16.37 8.07
CA LEU A 314 -45.61 -17.02 6.77
C LEU A 314 -44.71 -16.36 5.72
N LEU A 315 -43.83 -17.17 5.13
CA LEU A 315 -42.91 -16.69 4.11
C LEU A 315 -43.37 -17.18 2.74
N ILE A 316 -43.70 -16.23 1.86
CA ILE A 316 -44.17 -16.54 0.52
C ILE A 316 -43.11 -16.12 -0.49
N ALA A 317 -42.57 -17.08 -1.23
CA ALA A 317 -41.52 -16.78 -2.20
C ALA A 317 -42.04 -15.92 -3.35
N ASN A 318 -41.21 -15.00 -3.82
CA ASN A 318 -41.55 -14.15 -4.96
C ASN A 318 -40.50 -14.29 -6.05
N LYS A 319 -40.76 -13.71 -7.22
CA LYS A 319 -39.87 -13.90 -8.36
C LYS A 319 -38.70 -12.91 -8.37
N ARG A 320 -38.59 -12.11 -7.31
CA ARG A 320 -37.42 -11.25 -7.16
C ARG A 320 -36.40 -11.93 -6.25
N GLN A 321 -36.41 -13.26 -6.27
CA GLN A 321 -35.46 -14.07 -5.51
C GLN A 321 -35.51 -13.75 -4.02
N SER A 322 -36.70 -13.50 -3.49
CA SER A 322 -36.83 -13.23 -2.07
C SER A 322 -38.21 -13.67 -1.60
N TYR A 323 -38.62 -13.16 -0.44
CA TYR A 323 -39.87 -13.56 0.18
C TYR A 323 -40.70 -12.38 0.65
N ASP A 324 -42.01 -12.52 0.51
CA ASP A 324 -42.96 -11.65 1.18
C ASP A 324 -43.24 -12.28 2.55
N ILE A 325 -43.03 -11.51 3.61
CA ILE A 325 -43.15 -12.01 4.97
C ILE A 325 -44.44 -11.50 5.58
N SER A 326 -45.29 -12.42 6.02
CA SER A 326 -46.51 -12.05 6.75
C SER A 326 -46.40 -12.52 8.18
N ILE A 327 -46.45 -11.59 9.13
CA ILE A 327 -46.39 -11.97 10.53
C ILE A 327 -47.66 -11.53 11.23
N VAL A 328 -48.32 -12.47 11.89
CA VAL A 328 -49.47 -12.15 12.74
C VAL A 328 -49.22 -12.72 14.12
N ALA A 329 -49.41 -11.88 15.14
CA ALA A 329 -49.17 -12.26 16.51
C ALA A 329 -50.27 -11.77 17.43
N GLN A 330 -50.58 -12.59 18.44
CA GLN A 330 -51.60 -12.25 19.41
C GLN A 330 -51.18 -12.65 20.82
N VAL A 331 -51.47 -11.77 21.77
CA VAL A 331 -51.32 -12.08 23.19
C VAL A 331 -52.57 -12.84 23.61
N ASP A 332 -52.41 -14.11 23.91
CA ASP A 332 -53.55 -14.99 24.16
C ASP A 332 -54.39 -14.55 25.37
N GLN A 333 -53.72 -14.00 26.38
CA GLN A 333 -54.40 -13.64 27.62
C GLN A 333 -55.24 -12.37 27.47
N THR A 334 -54.95 -11.56 26.45
CA THR A 334 -55.62 -10.27 26.31
C THR A 334 -56.34 -10.11 24.98
N GLY A 335 -55.96 -10.92 24.00
CA GLY A 335 -56.53 -10.82 22.67
C GLY A 335 -55.93 -9.70 21.84
N SER A 336 -54.93 -9.02 22.40
CA SER A 336 -54.22 -7.96 21.70
C SER A 336 -53.51 -8.53 20.48
N LYS A 337 -53.73 -7.91 19.33
CA LYS A 337 -53.30 -8.46 18.05
C LYS A 337 -52.52 -7.48 17.19
N SER A 338 -51.47 -7.99 16.55
CA SER A 338 -50.71 -7.18 15.60
C SER A 338 -50.29 -8.00 14.39
N SER A 339 -50.17 -7.32 13.26
CA SER A 339 -49.77 -7.95 12.01
C SER A 339 -48.82 -7.05 11.24
N ASN A 340 -47.94 -7.65 10.43
CA ASN A 340 -47.10 -6.85 9.55
C ASN A 340 -46.75 -7.62 8.29
N LEU A 341 -46.54 -6.88 7.22
CA LEU A 341 -46.14 -7.43 5.93
C LEU A 341 -44.78 -6.84 5.61
N LEU A 342 -43.80 -7.67 5.26
CA LEU A 342 -42.47 -7.18 4.98
C LEU A 342 -41.92 -7.72 3.66
N ASP A 343 -41.08 -6.92 3.02
CA ASP A 343 -40.43 -7.31 1.77
C ASP A 343 -38.96 -7.59 2.04
N LEU A 344 -38.62 -8.87 2.14
CA LEU A 344 -37.28 -9.29 2.51
C LEU A 344 -36.25 -8.85 1.46
N LYS A 345 -36.71 -8.56 0.25
CA LYS A 345 -35.82 -8.15 -0.83
C LYS A 345 -35.18 -6.78 -0.57
N ASN A 346 -35.86 -5.93 0.19
CA ASN A 346 -35.38 -4.57 0.42
C ASN A 346 -35.20 -4.30 1.92
N PRO A 347 -34.19 -4.92 2.53
CA PRO A 347 -33.97 -4.72 3.96
C PRO A 347 -33.26 -3.41 4.25
N PHE A 348 -33.36 -2.96 5.50
CA PHE A 348 -32.66 -1.77 5.92
C PHE A 348 -31.40 -2.19 6.67
N PHE A 349 -30.23 -1.86 6.12
CA PHE A 349 -28.97 -2.20 6.78
C PHE A 349 -28.66 -1.14 7.83
N ARG A 350 -28.89 -1.51 9.10
CA ARG A 350 -28.84 -0.56 10.19
C ARG A 350 -27.52 -0.62 10.97
N TYR A 351 -26.79 -1.72 10.82
CA TYR A 351 -25.55 -1.94 11.56
C TYR A 351 -24.59 -0.75 11.45
N THR A 352 -24.01 -0.35 12.58
CA THR A 352 -23.11 0.80 12.62
C THR A 352 -21.77 0.51 13.29
N GLY A 353 -21.63 -0.68 13.88
CA GLY A 353 -20.39 -1.05 14.54
C GLY A 353 -20.40 -0.75 16.03
N THR A 354 -21.31 0.11 16.45
CA THR A 354 -21.45 0.44 17.87
C THR A 354 -21.93 -0.80 18.63
N THR A 355 -21.37 -1.00 19.82
CA THR A 355 -21.79 -2.10 20.68
C THR A 355 -23.26 -1.90 21.08
N PRO A 356 -24.10 -2.93 20.88
CA PRO A 356 -25.52 -2.79 21.22
C PRO A 356 -25.77 -2.65 22.72
N SER A 357 -26.75 -1.84 23.08
CA SER A 357 -27.09 -1.62 24.48
C SER A 357 -28.21 -2.55 24.93
N PRO A 358 -28.18 -2.96 26.20
CA PRO A 358 -29.28 -3.75 26.74
C PRO A 358 -30.50 -2.88 27.00
N PRO A 359 -31.69 -3.48 27.11
CA PRO A 359 -32.86 -2.65 27.39
C PRO A 359 -32.75 -1.99 28.76
N PRO A 360 -33.27 -0.76 28.91
CA PRO A 360 -33.31 -0.18 30.25
C PRO A 360 -34.58 -0.59 30.99
N GLY A 361 -34.58 -0.91 32.28
CA GLY A 361 -33.39 -0.99 33.12
C GLY A 361 -33.07 -2.44 33.44
N SER A 362 -31.92 -2.90 33.00
CA SER A 362 -31.49 -4.27 33.25
C SER A 362 -30.60 -4.34 34.49
N HIS A 363 -30.49 -3.23 35.20
CA HIS A 363 -29.72 -3.20 36.44
C HIS A 363 -30.60 -3.62 37.61
N TYR A 364 -30.25 -4.76 38.19
CA TYR A 364 -30.99 -5.30 39.33
C TYR A 364 -30.27 -4.98 40.63
N THR A 365 -29.01 -4.57 40.51
CA THR A 365 -28.26 -4.05 41.65
C THR A 365 -27.65 -2.69 41.28
N SER A 366 -27.35 -1.88 42.28
CA SER A 366 -26.88 -0.52 42.04
C SER A 366 -25.58 -0.46 41.24
N PRO A 367 -25.58 0.26 40.10
CA PRO A 367 -24.36 0.44 39.32
C PRO A 367 -23.27 1.27 40.03
N SER A 368 -23.61 1.90 41.15
CA SER A 368 -22.68 2.79 41.84
C SER A 368 -21.86 2.08 42.92
N GLU A 369 -22.09 0.79 43.11
CA GLU A 369 -21.41 0.05 44.17
C GLU A 369 -19.92 -0.29 43.95
N ASN A 370 -19.43 -0.53 42.74
CA ASN A 370 -20.16 -0.50 41.47
C ASN A 370 -21.22 -1.59 41.37
N SER B 10 -39.49 2.71 -28.91
CA SER B 10 -39.23 3.83 -28.00
C SER B 10 -37.74 4.05 -27.86
N VAL B 11 -37.32 5.30 -28.07
CA VAL B 11 -35.93 5.70 -27.94
C VAL B 11 -35.31 5.16 -26.65
N PHE B 12 -36.10 5.13 -25.57
CA PHE B 12 -35.61 4.69 -24.27
C PHE B 12 -35.22 3.21 -24.26
N SER B 13 -36.15 2.36 -24.71
CA SER B 13 -35.95 0.92 -24.68
C SER B 13 -34.82 0.45 -25.59
N GLU B 14 -34.60 1.17 -26.69
CA GLU B 14 -33.56 0.80 -27.64
C GLU B 14 -32.16 1.05 -27.09
N ARG B 15 -32.05 1.98 -26.13
CA ARG B 15 -30.76 2.30 -25.53
C ARG B 15 -30.63 1.74 -24.12
N THR B 16 -31.62 0.99 -23.65
CA THR B 16 -31.62 0.50 -22.28
C THR B 16 -32.04 -0.96 -22.19
N GLU B 17 -31.19 -1.79 -21.59
CA GLU B 17 -31.54 -3.17 -21.30
C GLU B 17 -32.67 -3.16 -20.28
N GLU B 18 -33.65 -4.05 -20.44
CA GLU B 18 -34.82 -4.06 -19.57
C GLU B 18 -34.48 -4.15 -18.09
N SER B 19 -33.52 -5.02 -17.75
CA SER B 19 -33.14 -5.24 -16.36
C SER B 19 -32.77 -3.92 -15.66
N SER B 20 -31.98 -3.13 -16.36
CA SER B 20 -31.51 -1.85 -15.86
C SER B 20 -32.67 -0.90 -15.63
N ALA B 21 -33.58 -0.82 -16.62
CA ALA B 21 -34.71 0.09 -16.52
C ALA B 21 -35.63 -0.31 -15.36
N VAL B 22 -35.88 -1.62 -15.25
CA VAL B 22 -36.74 -2.13 -14.19
C VAL B 22 -36.13 -1.76 -12.85
N GLN B 23 -34.85 -2.08 -12.66
CA GLN B 23 -34.20 -1.76 -11.40
C GLN B 23 -34.19 -0.24 -11.14
N TYR B 24 -33.92 0.52 -12.20
CA TYR B 24 -33.84 1.97 -12.11
C TYR B 24 -35.15 2.56 -11.62
N PHE B 25 -36.26 2.18 -12.25
CA PHE B 25 -37.54 2.77 -11.90
C PHE B 25 -38.12 2.16 -10.63
N GLN B 26 -37.75 0.93 -10.31
CA GLN B 26 -38.11 0.37 -9.01
C GLN B 26 -37.45 1.20 -7.91
N PHE B 27 -36.18 1.55 -8.11
CA PHE B 27 -35.45 2.36 -7.15
C PHE B 27 -36.17 3.67 -6.80
N TYR B 28 -36.62 4.40 -7.81
CA TYR B 28 -37.22 5.71 -7.59
C TYR B 28 -38.68 5.64 -7.18
N GLY B 29 -39.23 4.43 -7.11
CA GLY B 29 -40.58 4.24 -6.60
C GLY B 29 -40.68 4.30 -5.08
N TYR B 30 -39.53 4.32 -4.41
CA TYR B 30 -39.50 4.37 -2.94
C TYR B 30 -39.54 5.79 -2.40
N LEU B 31 -40.44 6.03 -1.45
CA LEU B 31 -40.57 7.34 -0.82
C LEU B 31 -39.30 7.76 -0.09
N SER B 32 -38.57 6.80 0.46
CA SER B 32 -37.36 7.10 1.20
C SER B 32 -36.31 7.80 0.35
N GLN B 33 -36.24 7.46 -0.94
CA GLN B 33 -35.28 8.12 -1.84
C GLN B 33 -35.74 9.52 -2.18
N GLN B 34 -37.04 9.69 -2.37
CA GLN B 34 -37.60 11.01 -2.60
C GLN B 34 -37.29 11.88 -1.38
N GLN B 35 -37.50 11.32 -0.19
CA GLN B 35 -37.16 12.03 1.03
C GLN B 35 -35.67 12.36 1.05
N ASN B 36 -34.85 11.37 0.70
CA ASN B 36 -33.42 11.60 0.69
C ASN B 36 -33.04 12.78 -0.20
N MET B 37 -33.62 12.83 -1.40
CA MET B 37 -33.34 13.94 -2.30
C MET B 37 -33.92 15.27 -1.85
N MET B 38 -35.17 15.25 -1.41
CA MET B 38 -35.85 16.46 -0.96
C MET B 38 -35.15 17.09 0.23
N GLN B 39 -34.56 16.26 1.08
CA GLN B 39 -33.88 16.73 2.28
C GLN B 39 -32.51 17.31 1.94
N ASP B 40 -32.11 17.24 0.68
CA ASP B 40 -30.94 17.96 0.21
C ASP B 40 -31.33 19.43 0.03
N TYR B 41 -31.05 20.24 1.04
CA TYR B 41 -31.55 21.61 1.09
C TYR B 41 -30.97 22.51 -0.01
N VAL B 42 -29.69 22.34 -0.31
CA VAL B 42 -29.06 23.14 -1.36
C VAL B 42 -29.80 22.91 -2.69
N ARG B 43 -29.99 21.64 -3.02
CA ARG B 43 -30.65 21.26 -4.26
C ARG B 43 -32.06 21.85 -4.36
N THR B 44 -32.90 21.51 -3.40
CA THR B 44 -34.31 21.87 -3.41
C THR B 44 -34.47 23.40 -3.33
N GLY B 45 -33.72 24.01 -2.42
CA GLY B 45 -33.76 25.45 -2.25
C GLY B 45 -33.26 26.20 -3.47
N THR B 46 -32.20 25.70 -4.09
CA THR B 46 -31.64 26.37 -5.26
C THR B 46 -32.61 26.23 -6.44
N TYR B 47 -33.22 25.05 -6.60
CA TYR B 47 -34.23 24.91 -7.63
C TYR B 47 -35.41 25.86 -7.39
N GLN B 48 -35.91 25.89 -6.16
CA GLN B 48 -37.05 26.77 -5.87
C GLN B 48 -36.70 28.22 -6.10
N ARG B 49 -35.51 28.62 -5.63
CA ARG B 49 -35.06 30.00 -5.80
C ARG B 49 -34.92 30.33 -7.30
N ALA B 50 -34.30 29.42 -8.05
CA ALA B 50 -34.11 29.62 -9.47
C ALA B 50 -35.45 29.79 -10.16
N ILE B 51 -36.43 28.97 -9.80
CA ILE B 51 -37.73 29.06 -10.46
C ILE B 51 -38.48 30.32 -10.02
N LEU B 52 -38.52 30.61 -8.73
CA LEU B 52 -39.31 31.73 -8.23
C LEU B 52 -38.70 33.09 -8.58
N GLN B 53 -37.37 33.18 -8.58
CA GLN B 53 -36.74 34.45 -8.92
C GLN B 53 -36.92 34.76 -10.41
N ASN B 54 -37.21 33.72 -11.19
CA ASN B 54 -37.54 33.89 -12.62
C ASN B 54 -39.00 33.57 -12.90
N HIS B 55 -39.89 34.04 -12.05
CA HIS B 55 -41.31 33.69 -12.13
C HIS B 55 -41.94 34.06 -13.46
N THR B 56 -41.42 35.10 -14.10
CA THR B 56 -42.00 35.57 -15.37
C THR B 56 -41.78 34.55 -16.49
N ASP B 57 -40.84 33.64 -16.27
CA ASP B 57 -40.58 32.55 -17.22
C ASP B 57 -41.59 31.42 -17.06
N PHE B 58 -42.41 31.52 -16.03
CA PHE B 58 -43.37 30.46 -15.70
C PHE B 58 -44.79 31.02 -15.67
N LYS B 59 -44.92 32.30 -15.30
CA LYS B 59 -46.22 32.93 -15.18
C LYS B 59 -47.09 32.74 -16.42
N ASP B 60 -48.23 32.08 -16.22
CA ASP B 60 -49.22 31.85 -17.28
C ASP B 60 -48.63 31.06 -18.43
N LYS B 61 -47.59 30.27 -18.15
CA LYS B 61 -46.93 29.47 -19.16
C LYS B 61 -47.35 28.01 -19.06
N ILE B 62 -47.05 27.24 -20.11
CA ILE B 62 -47.21 25.80 -20.08
C ILE B 62 -45.85 25.18 -19.77
N VAL B 63 -45.82 24.27 -18.80
CA VAL B 63 -44.57 23.71 -18.32
C VAL B 63 -44.54 22.19 -18.47
N LEU B 64 -43.36 21.66 -18.78
CA LEU B 64 -43.15 20.22 -18.72
C LEU B 64 -42.10 19.88 -17.67
N ASP B 65 -42.49 19.04 -16.70
CA ASP B 65 -41.58 18.56 -15.67
C ASP B 65 -41.14 17.15 -16.01
N VAL B 66 -39.89 16.99 -16.42
CA VAL B 66 -39.40 15.68 -16.85
C VAL B 66 -38.91 14.87 -15.65
N GLY B 67 -39.64 13.82 -15.31
CA GLY B 67 -39.31 12.98 -14.19
C GLY B 67 -39.62 13.67 -12.88
N CYS B 68 -40.91 13.93 -12.66
CA CYS B 68 -41.35 14.81 -11.59
C CYS B 68 -41.18 14.20 -10.19
N GLY B 69 -41.05 12.89 -10.11
CA GLY B 69 -40.89 12.22 -8.83
C GLY B 69 -42.02 12.54 -7.88
N SER B 70 -41.67 13.12 -6.74
CA SER B 70 -42.67 13.55 -5.76
C SER B 70 -43.55 14.67 -6.32
N GLY B 71 -43.03 15.39 -7.30
CA GLY B 71 -43.75 16.49 -7.92
C GLY B 71 -43.27 17.87 -7.48
N ILE B 72 -42.24 17.91 -6.65
CA ILE B 72 -41.80 19.14 -6.00
C ILE B 72 -41.55 20.30 -6.97
N LEU B 73 -40.86 20.03 -8.08
CA LEU B 73 -40.55 21.08 -9.05
C LEU B 73 -41.80 21.60 -9.73
N SER B 74 -42.78 20.71 -9.92
CA SER B 74 -44.06 21.13 -10.49
C SER B 74 -44.77 22.07 -9.52
N PHE B 75 -44.66 21.77 -8.23
CA PHE B 75 -45.23 22.64 -7.21
C PHE B 75 -44.51 23.99 -7.22
N PHE B 76 -43.19 23.97 -7.37
CA PHE B 76 -42.45 25.23 -7.53
C PHE B 76 -42.94 26.00 -8.76
N ALA B 77 -43.15 25.30 -9.88
CA ALA B 77 -43.66 25.94 -11.07
C ALA B 77 -45.05 26.52 -10.84
N ALA B 78 -45.89 25.79 -10.10
CA ALA B 78 -47.23 26.27 -9.81
C ALA B 78 -47.16 27.51 -8.93
N GLN B 79 -46.25 27.49 -7.97
CA GLN B 79 -46.03 28.66 -7.10
C GLN B 79 -45.61 29.87 -7.93
N ALA B 80 -44.85 29.63 -9.00
CA ALA B 80 -44.34 30.71 -9.83
C ALA B 80 -45.41 31.23 -10.79
N GLY B 81 -46.59 30.60 -10.76
CA GLY B 81 -47.74 31.11 -11.49
C GLY B 81 -48.00 30.43 -12.82
N ALA B 82 -47.43 29.24 -13.02
CA ALA B 82 -47.66 28.52 -14.26
C ALA B 82 -49.14 28.24 -14.43
N ARG B 83 -49.60 28.27 -15.68
CA ARG B 83 -50.99 28.01 -16.00
C ARG B 83 -51.29 26.53 -15.93
N LYS B 84 -50.36 25.73 -16.43
CA LYS B 84 -50.56 24.28 -16.47
C LYS B 84 -49.21 23.57 -16.56
N ILE B 85 -49.06 22.53 -15.74
CA ILE B 85 -47.82 21.78 -15.68
C ILE B 85 -48.09 20.30 -15.97
N TYR B 86 -47.44 19.78 -17.00
CA TYR B 86 -47.52 18.35 -17.28
C TYR B 86 -46.34 17.67 -16.59
N ALA B 87 -46.65 16.83 -15.62
CA ALA B 87 -45.61 16.20 -14.81
C ALA B 87 -45.49 14.72 -15.15
N VAL B 88 -44.41 14.38 -15.86
CA VAL B 88 -44.20 13.02 -16.35
C VAL B 88 -43.31 12.23 -15.38
N GLU B 89 -43.76 11.03 -15.05
CA GLU B 89 -43.02 10.14 -14.15
C GLU B 89 -43.32 8.68 -14.51
N ALA B 90 -42.26 7.90 -14.69
CA ALA B 90 -42.40 6.52 -15.15
C ALA B 90 -42.52 5.52 -14.00
N SER B 91 -42.03 5.89 -12.83
CA SER B 91 -42.10 5.01 -11.66
C SER B 91 -43.46 5.13 -10.99
N THR B 92 -43.70 4.28 -9.99
CA THR B 92 -44.97 4.30 -9.26
C THR B 92 -45.12 5.55 -8.39
N MET B 93 -44.03 6.31 -8.24
CA MET B 93 -44.07 7.55 -7.50
C MET B 93 -45.14 8.46 -8.08
N ALA B 94 -45.39 8.29 -9.37
CA ALA B 94 -46.42 9.05 -10.06
C ALA B 94 -47.74 9.00 -9.31
N GLN B 95 -48.03 7.87 -8.67
CA GLN B 95 -49.29 7.76 -7.95
C GLN B 95 -49.24 8.61 -6.68
N HIS B 96 -48.06 8.79 -6.11
CA HIS B 96 -47.92 9.58 -4.89
C HIS B 96 -47.97 11.06 -5.22
N ALA B 97 -47.38 11.44 -6.34
CA ALA B 97 -47.40 12.83 -6.77
C ALA B 97 -48.84 13.30 -6.93
N GLU B 98 -49.66 12.44 -7.52
CA GLU B 98 -51.07 12.76 -7.72
C GLU B 98 -51.79 13.01 -6.39
N VAL B 99 -51.46 12.22 -5.38
CA VAL B 99 -52.05 12.41 -4.06
C VAL B 99 -51.72 13.79 -3.54
N LEU B 100 -50.47 14.22 -3.73
CA LEU B 100 -50.04 15.52 -3.25
C LEU B 100 -50.69 16.65 -4.02
N VAL B 101 -50.90 16.45 -5.32
CA VAL B 101 -51.54 17.46 -6.16
C VAL B 101 -52.97 17.69 -5.68
N LYS B 102 -53.68 16.61 -5.37
CA LYS B 102 -55.05 16.74 -4.90
C LYS B 102 -55.11 17.39 -3.52
N SER B 103 -54.26 16.94 -2.60
CA SER B 103 -54.30 17.42 -1.23
C SER B 103 -53.78 18.86 -1.12
N ASN B 104 -53.06 19.31 -2.15
CA ASN B 104 -52.61 20.71 -2.21
C ASN B 104 -53.50 21.55 -3.11
N ASN B 105 -54.65 21.00 -3.51
CA ASN B 105 -55.65 21.73 -4.30
C ASN B 105 -55.05 22.35 -5.57
N LEU B 106 -54.28 21.57 -6.31
CA LEU B 106 -53.65 22.04 -7.53
C LEU B 106 -54.03 21.16 -8.73
N THR B 107 -55.18 20.48 -8.63
CA THR B 107 -55.62 19.58 -9.68
C THR B 107 -55.90 20.32 -10.98
N ASP B 108 -56.22 21.60 -10.86
CA ASP B 108 -56.53 22.45 -12.01
C ASP B 108 -55.28 22.95 -12.75
N ARG B 109 -54.10 22.71 -12.18
CA ARG B 109 -52.87 23.29 -12.72
C ARG B 109 -51.76 22.25 -12.95
N ILE B 110 -51.70 21.22 -12.11
CA ILE B 110 -50.70 20.17 -12.27
C ILE B 110 -51.38 18.89 -12.74
N VAL B 111 -50.90 18.37 -13.86
CA VAL B 111 -51.43 17.15 -14.44
C VAL B 111 -50.33 16.11 -14.51
N VAL B 112 -50.46 15.07 -13.70
CA VAL B 112 -49.49 13.97 -13.70
C VAL B 112 -49.78 13.04 -14.86
N ILE B 113 -48.76 12.76 -15.67
CA ILE B 113 -48.88 11.85 -16.80
C ILE B 113 -47.93 10.68 -16.55
N PRO B 114 -48.46 9.52 -16.13
CA PRO B 114 -47.60 8.36 -15.88
C PRO B 114 -46.99 7.76 -17.14
N GLY B 115 -45.70 7.48 -17.09
CA GLY B 115 -45.01 6.86 -18.19
C GLY B 115 -43.68 7.50 -18.47
N LYS B 116 -42.94 6.95 -19.44
CA LYS B 116 -41.66 7.50 -19.83
C LYS B 116 -41.88 8.67 -20.79
N VAL B 117 -41.07 9.72 -20.65
CA VAL B 117 -41.24 10.91 -21.46
C VAL B 117 -41.02 10.57 -22.93
N GLU B 118 -40.29 9.48 -23.18
CA GLU B 118 -40.06 9.01 -24.55
C GLU B 118 -41.30 8.34 -25.13
N GLU B 119 -42.29 8.07 -24.28
CA GLU B 119 -43.42 7.23 -24.69
C GLU B 119 -44.78 7.88 -24.51
N VAL B 120 -44.87 8.88 -23.64
CA VAL B 120 -46.16 9.51 -23.35
C VAL B 120 -46.56 10.47 -24.46
N SER B 121 -47.85 10.81 -24.49
CA SER B 121 -48.37 11.82 -25.39
C SER B 121 -48.81 13.03 -24.58
N LEU B 122 -48.30 14.21 -24.94
CA LEU B 122 -48.72 15.44 -24.29
C LEU B 122 -49.78 16.18 -25.12
N PRO B 123 -50.72 16.86 -24.45
CA PRO B 123 -51.80 17.50 -25.22
C PRO B 123 -51.34 18.70 -26.03
N GLU B 124 -50.25 19.32 -25.63
CA GLU B 124 -49.79 20.54 -26.30
C GLU B 124 -48.28 20.73 -26.14
N GLN B 125 -47.73 21.65 -26.93
CA GLN B 125 -46.33 22.03 -26.80
C GLN B 125 -46.19 22.93 -25.57
N VAL B 126 -44.99 22.99 -25.00
CA VAL B 126 -44.78 23.73 -23.76
C VAL B 126 -43.83 24.92 -23.97
N ASP B 127 -43.91 25.88 -23.04
CA ASP B 127 -43.08 27.07 -23.08
C ASP B 127 -41.74 26.82 -22.41
N ILE B 128 -41.72 25.90 -21.46
CA ILE B 128 -40.49 25.64 -20.71
C ILE B 128 -40.45 24.22 -20.15
N ILE B 129 -39.25 23.64 -20.17
CA ILE B 129 -39.05 22.32 -19.59
C ILE B 129 -38.21 22.46 -18.33
N ILE B 130 -38.69 21.84 -17.24
CA ILE B 130 -37.92 21.76 -16.01
C ILE B 130 -37.62 20.31 -15.68
N SER B 131 -36.47 20.09 -15.06
CA SER B 131 -36.07 18.75 -14.67
C SER B 131 -34.85 18.80 -13.77
N GLU B 132 -34.64 17.71 -13.05
CA GLU B 132 -33.43 17.51 -12.28
C GLU B 132 -32.80 16.20 -12.77
N PRO B 133 -32.11 16.25 -13.91
CA PRO B 133 -31.61 15.04 -14.55
C PRO B 133 -30.15 14.71 -14.29
N MET B 134 -29.49 15.48 -13.41
CA MET B 134 -28.07 15.30 -13.16
C MET B 134 -27.80 14.11 -12.25
N GLY B 135 -26.81 13.30 -12.62
CA GLY B 135 -26.36 12.20 -11.79
C GLY B 135 -24.93 12.49 -11.35
N TYR B 136 -24.30 11.49 -10.72
CA TYR B 136 -22.87 11.58 -10.40
C TYR B 136 -22.12 11.98 -11.67
N MET B 137 -21.13 12.84 -11.53
CA MET B 137 -20.42 13.38 -12.70
C MET B 137 -21.37 13.93 -13.75
N LEU B 138 -22.53 14.42 -13.31
CA LEU B 138 -23.53 14.98 -14.21
C LEU B 138 -24.21 13.93 -15.12
N PHE B 139 -23.42 13.09 -15.79
CA PHE B 139 -23.96 12.26 -16.87
C PHE B 139 -24.53 10.90 -16.44
N ASN B 140 -24.22 10.46 -15.24
CA ASN B 140 -24.69 9.15 -14.78
C ASN B 140 -26.22 9.06 -14.82
N GLU B 141 -26.71 7.85 -15.13
CA GLU B 141 -28.14 7.54 -15.23
C GLU B 141 -28.71 7.88 -16.61
N ARG B 142 -27.97 8.67 -17.38
CA ARG B 142 -28.35 8.99 -18.76
C ARG B 142 -29.73 9.62 -18.86
N MET B 143 -30.14 10.31 -17.80
CA MET B 143 -31.44 10.99 -17.80
C MET B 143 -31.38 12.29 -18.61
N LEU B 144 -30.17 12.79 -18.82
CA LEU B 144 -29.99 13.99 -19.63
C LEU B 144 -30.54 13.76 -21.03
N GLU B 145 -30.44 12.53 -21.51
CA GLU B 145 -30.93 12.19 -22.83
C GLU B 145 -32.45 12.25 -22.88
N SER B 146 -33.09 11.85 -21.79
CA SER B 146 -34.55 11.96 -21.69
C SER B 146 -34.91 13.44 -21.64
N TYR B 147 -34.13 14.18 -20.87
CA TYR B 147 -34.31 15.62 -20.74
C TYR B 147 -34.24 16.29 -22.12
N LEU B 148 -33.23 15.93 -22.90
CA LEU B 148 -33.08 16.49 -24.24
C LEU B 148 -34.16 15.96 -25.18
N HIS B 149 -34.51 14.68 -25.02
CA HIS B 149 -35.55 14.06 -25.82
C HIS B 149 -36.86 14.82 -25.67
N ALA B 150 -37.16 15.25 -24.44
CA ALA B 150 -38.39 15.98 -24.16
C ALA B 150 -38.53 17.30 -24.94
N LYS B 151 -37.44 17.73 -25.57
CA LYS B 151 -37.43 19.00 -26.31
C LYS B 151 -38.34 18.96 -27.53
N LYS B 152 -38.82 17.78 -27.90
CA LYS B 152 -39.79 17.63 -28.98
C LYS B 152 -41.12 18.30 -28.64
N TYR B 153 -41.36 18.55 -27.35
CA TYR B 153 -42.58 19.22 -26.91
C TYR B 153 -42.35 20.70 -26.65
N LEU B 154 -41.13 21.17 -26.86
CA LEU B 154 -40.78 22.55 -26.53
C LEU B 154 -41.01 23.48 -27.72
N LYS B 155 -41.64 24.62 -27.45
CA LYS B 155 -41.84 25.64 -28.47
C LYS B 155 -40.50 26.18 -28.94
N PRO B 156 -40.47 26.71 -30.19
CA PRO B 156 -39.23 27.27 -30.74
C PRO B 156 -38.53 28.26 -29.82
N SER B 157 -39.28 29.13 -29.16
CA SER B 157 -38.70 30.12 -28.27
C SER B 157 -38.82 29.70 -26.81
N GLY B 158 -38.92 28.41 -26.56
CA GLY B 158 -39.02 27.89 -25.21
C GLY B 158 -37.70 27.85 -24.45
N ASN B 159 -37.78 27.60 -23.14
CA ASN B 159 -36.60 27.58 -22.29
C ASN B 159 -36.45 26.24 -21.54
N MET B 160 -35.26 26.03 -20.99
CA MET B 160 -34.96 24.84 -20.22
C MET B 160 -34.31 25.18 -18.88
N PHE B 161 -34.85 24.57 -17.82
CA PHE B 161 -34.36 24.78 -16.46
C PHE B 161 -33.99 23.43 -15.84
N PRO B 162 -32.70 23.12 -15.72
CA PRO B 162 -31.51 23.95 -16.00
C PRO B 162 -31.25 24.17 -17.48
N THR B 163 -30.49 25.21 -17.78
CA THR B 163 -30.20 25.58 -19.16
C THR B 163 -28.87 25.02 -19.65
N ILE B 164 -27.85 25.03 -18.78
CA ILE B 164 -26.54 24.51 -19.14
C ILE B 164 -25.91 23.70 -18.01
N GLY B 165 -24.95 22.86 -18.39
CA GLY B 165 -24.21 22.05 -17.43
C GLY B 165 -22.70 22.10 -17.61
N ASP B 166 -22.00 22.29 -16.50
CA ASP B 166 -20.55 22.31 -16.42
C ASP B 166 -20.04 21.03 -15.81
N VAL B 167 -19.09 20.39 -16.48
CA VAL B 167 -18.34 19.31 -15.85
C VAL B 167 -16.95 19.85 -15.64
N HIS B 168 -16.48 19.79 -14.40
CA HIS B 168 -15.17 20.30 -14.03
C HIS B 168 -14.27 19.14 -13.66
N LEU B 169 -13.05 19.21 -14.17
CA LEU B 169 -12.02 18.21 -13.94
C LEU B 169 -10.80 18.86 -13.34
N ALA B 170 -10.13 18.17 -12.42
CA ALA B 170 -8.84 18.67 -11.93
C ALA B 170 -7.98 17.54 -11.37
N PRO B 171 -6.67 17.57 -11.63
CA PRO B 171 -5.84 16.50 -11.08
C PRO B 171 -5.71 16.65 -9.57
N PHE B 172 -5.64 15.54 -8.84
CA PHE B 172 -5.50 15.62 -7.39
C PHE B 172 -4.42 14.68 -6.85
N THR B 173 -3.98 14.96 -5.64
CA THR B 173 -3.07 14.07 -4.92
C THR B 173 -3.74 13.58 -3.64
N ASP B 174 -3.77 12.27 -3.46
CA ASP B 174 -4.33 11.67 -2.25
C ASP B 174 -3.78 10.27 -2.01
N GLU B 175 -2.63 10.18 -1.36
CA GLU B 175 -1.96 8.91 -1.11
C GLU B 175 -2.85 7.98 -0.29
N GLN B 176 -3.63 8.56 0.62
CA GLN B 176 -4.45 7.77 1.54
C GLN B 176 -5.52 6.97 0.81
N LEU B 177 -6.18 7.61 -0.15
CA LEU B 177 -7.22 6.96 -0.94
C LEU B 177 -6.63 5.86 -1.82
N TYR B 178 -5.51 6.17 -2.46
CA TYR B 178 -4.83 5.23 -3.33
C TYR B 178 -4.44 3.99 -2.53
N MET B 179 -3.79 4.22 -1.40
CA MET B 179 -3.36 3.10 -0.57
C MET B 179 -4.59 2.36 -0.05
N GLU B 180 -5.64 3.09 0.30
CA GLU B 180 -6.88 2.46 0.75
C GLU B 180 -7.41 1.48 -0.30
N GLN B 181 -7.48 1.90 -1.55
CA GLN B 181 -7.93 1.02 -2.64
C GLN B 181 -6.95 -0.11 -2.96
N PHE B 182 -5.66 0.19 -2.88
CA PHE B 182 -4.65 -0.82 -3.18
C PHE B 182 -4.62 -1.91 -2.11
N THR B 183 -4.86 -1.50 -0.87
CA THR B 183 -4.90 -2.42 0.27
C THR B 183 -6.01 -3.45 0.09
N LYS B 184 -7.15 -3.02 -0.43
CA LYS B 184 -8.26 -3.93 -0.67
C LYS B 184 -7.89 -4.94 -1.75
N ALA B 185 -7.28 -4.45 -2.83
CA ALA B 185 -6.93 -5.31 -3.94
C ALA B 185 -5.82 -6.28 -3.53
N ASN B 186 -4.98 -5.88 -2.58
CA ASN B 186 -3.89 -6.76 -2.15
C ASN B 186 -4.37 -8.03 -1.42
N PHE B 187 -5.66 -8.11 -1.11
CA PHE B 187 -6.24 -9.35 -0.60
C PHE B 187 -5.94 -10.51 -1.55
N TRP B 188 -6.02 -10.20 -2.84
CA TRP B 188 -5.85 -11.18 -3.90
C TRP B 188 -4.38 -11.49 -4.20
N TYR B 189 -3.49 -10.91 -3.41
CA TYR B 189 -2.05 -11.14 -3.53
C TYR B 189 -1.63 -12.34 -2.67
N GLN B 190 -2.54 -12.86 -1.87
CA GLN B 190 -2.22 -13.96 -0.96
C GLN B 190 -1.82 -15.25 -1.68
N PRO B 191 -0.69 -15.85 -1.27
CA PRO B 191 -0.28 -17.11 -1.90
C PRO B 191 -0.95 -18.31 -1.24
N SER B 192 -1.55 -18.09 -0.08
CA SER B 192 -2.14 -19.18 0.69
C SER B 192 -3.26 -18.74 1.62
N PHE B 193 -4.36 -18.29 1.03
CA PHE B 193 -5.57 -18.01 1.79
C PHE B 193 -6.25 -19.32 2.14
N HIS B 194 -6.13 -19.72 3.41
CA HIS B 194 -6.61 -21.04 3.85
C HIS B 194 -6.05 -22.13 2.96
N GLY B 195 -4.81 -21.96 2.53
CA GLY B 195 -4.15 -22.95 1.70
C GLY B 195 -4.36 -22.77 0.21
N VAL B 196 -5.06 -21.72 -0.18
CA VAL B 196 -5.38 -21.48 -1.59
C VAL B 196 -4.59 -20.28 -2.11
N ASP B 197 -3.95 -20.46 -3.26
CA ASP B 197 -3.19 -19.40 -3.92
C ASP B 197 -4.13 -18.50 -4.72
N LEU B 198 -4.28 -17.26 -4.28
CA LEU B 198 -5.19 -16.33 -4.95
C LEU B 198 -4.46 -15.43 -5.95
N SER B 199 -3.13 -15.44 -5.93
CA SER B 199 -2.33 -14.41 -6.59
C SER B 199 -2.62 -14.26 -8.07
N ALA B 200 -2.98 -15.35 -8.73
CA ALA B 200 -3.19 -15.32 -10.18
C ALA B 200 -4.28 -14.33 -10.55
N LEU B 201 -5.13 -13.99 -9.57
CA LEU B 201 -6.22 -13.06 -9.79
C LEU B 201 -5.94 -11.63 -9.30
N ARG B 202 -4.75 -11.35 -8.78
CA ARG B 202 -4.55 -10.02 -8.18
C ARG B 202 -4.72 -8.93 -9.24
N GLY B 203 -4.20 -9.18 -10.45
CA GLY B 203 -4.30 -8.23 -11.53
C GLY B 203 -5.75 -7.94 -11.87
N ALA B 204 -6.59 -8.98 -11.87
CA ALA B 204 -8.01 -8.81 -12.12
C ALA B 204 -8.65 -8.00 -11.00
N ALA B 205 -8.17 -8.21 -9.79
CA ALA B 205 -8.70 -7.52 -8.62
C ALA B 205 -8.34 -6.03 -8.59
N VAL B 206 -7.06 -5.72 -8.81
CA VAL B 206 -6.60 -4.34 -8.83
C VAL B 206 -7.40 -3.57 -9.87
N ASP B 207 -7.54 -4.18 -11.03
CA ASP B 207 -8.27 -3.56 -12.13
C ASP B 207 -9.71 -3.28 -11.70
N GLU B 208 -10.35 -4.25 -11.04
CA GLU B 208 -11.75 -4.09 -10.65
C GLU B 208 -11.95 -2.94 -9.66
N TYR B 209 -11.10 -2.89 -8.63
CA TYR B 209 -11.23 -1.87 -7.60
C TYR B 209 -10.99 -0.47 -8.17
N PHE B 210 -10.02 -0.37 -9.05
CA PHE B 210 -9.63 0.93 -9.60
C PHE B 210 -10.58 1.41 -10.68
N ARG B 211 -11.44 0.54 -11.19
CA ARG B 211 -12.46 0.97 -12.14
C ARG B 211 -13.62 1.64 -11.41
N GLN B 212 -13.57 1.64 -10.08
CA GLN B 212 -14.65 2.22 -9.29
C GLN B 212 -14.45 3.72 -9.08
N PRO B 213 -15.38 4.54 -9.59
CA PRO B 213 -15.27 5.94 -9.22
C PRO B 213 -15.51 6.13 -7.74
N VAL B 214 -14.78 7.04 -7.11
CA VAL B 214 -14.92 7.26 -5.68
C VAL B 214 -15.83 8.46 -5.47
N VAL B 215 -16.99 8.21 -4.87
CA VAL B 215 -17.95 9.26 -4.58
C VAL B 215 -17.78 9.72 -3.14
N ASP B 216 -17.36 10.97 -2.98
CA ASP B 216 -17.26 11.57 -1.65
C ASP B 216 -16.80 13.01 -1.80
N THR B 217 -16.43 13.62 -0.67
CA THR B 217 -15.92 14.97 -0.71
C THR B 217 -14.45 14.98 -0.32
N PHE B 218 -13.83 16.13 -0.46
CA PHE B 218 -12.40 16.24 -0.17
C PHE B 218 -12.04 17.69 0.00
N ASP B 219 -10.90 17.91 0.64
CA ASP B 219 -10.38 19.24 0.78
C ASP B 219 -9.80 19.76 -0.53
N ILE B 220 -10.11 21.00 -0.86
CA ILE B 220 -9.71 21.58 -2.13
C ILE B 220 -8.19 21.65 -2.28
N ARG B 221 -7.45 21.51 -1.18
CA ARG B 221 -6.01 21.66 -1.23
C ARG B 221 -5.31 20.45 -1.87
N ILE B 222 -6.08 19.40 -2.18
CA ILE B 222 -5.51 18.23 -2.86
C ILE B 222 -5.43 18.47 -4.37
N LEU B 223 -6.10 19.51 -4.86
CA LEU B 223 -6.09 19.81 -6.28
C LEU B 223 -4.77 20.46 -6.68
N MET B 224 -4.20 20.00 -7.79
CA MET B 224 -2.85 20.37 -8.17
C MET B 224 -2.81 21.32 -9.36
N ALA B 225 -3.99 21.67 -9.88
CA ALA B 225 -4.09 22.62 -10.98
C ALA B 225 -5.52 23.13 -11.06
N LYS B 226 -5.69 24.32 -11.62
CA LYS B 226 -7.01 24.89 -11.81
C LYS B 226 -7.79 24.00 -12.79
N SER B 227 -9.10 23.86 -12.56
CA SER B 227 -9.91 22.88 -13.28
C SER B 227 -10.10 23.18 -14.77
N VAL B 228 -10.38 22.11 -15.52
CA VAL B 228 -10.78 22.20 -16.91
C VAL B 228 -12.29 21.97 -16.99
N LYS B 229 -12.95 22.71 -17.88
CA LYS B 229 -14.41 22.73 -17.97
C LYS B 229 -14.95 22.16 -19.29
N TYR B 230 -15.97 21.32 -19.19
CA TYR B 230 -16.70 20.87 -20.37
C TYR B 230 -18.17 21.26 -20.22
N THR B 231 -18.68 22.03 -21.17
CA THR B 231 -20.01 22.62 -21.05
C THR B 231 -21.02 21.98 -22.01
N VAL B 232 -22.17 21.59 -21.49
CA VAL B 232 -23.29 21.15 -22.31
C VAL B 232 -24.40 22.20 -22.27
N ASN B 233 -24.79 22.69 -23.44
CA ASN B 233 -25.92 23.60 -23.56
C ASN B 233 -27.17 22.81 -23.91
N PHE B 234 -28.09 22.70 -22.95
CA PHE B 234 -29.26 21.84 -23.09
C PHE B 234 -30.23 22.37 -24.13
N LEU B 235 -30.18 23.67 -24.40
CA LEU B 235 -31.02 24.25 -25.45
C LEU B 235 -30.51 23.89 -26.85
N GLU B 236 -29.21 23.63 -26.96
CA GLU B 236 -28.58 23.46 -28.27
C GLU B 236 -28.28 21.99 -28.56
N ALA B 237 -28.07 21.21 -27.49
CA ALA B 237 -27.58 19.85 -27.60
C ALA B 237 -28.65 18.90 -28.13
N LYS B 238 -28.20 17.85 -28.82
CA LYS B 238 -29.07 16.77 -29.28
C LYS B 238 -28.85 15.55 -28.39
N GLU B 239 -29.85 14.68 -28.32
CA GLU B 239 -29.73 13.46 -27.53
C GLU B 239 -28.48 12.69 -27.95
N GLY B 240 -28.30 12.57 -29.26
CA GLY B 240 -27.19 11.82 -29.82
C GLY B 240 -25.84 12.33 -29.36
N ASP B 241 -25.80 13.59 -28.94
CA ASP B 241 -24.55 14.19 -28.47
C ASP B 241 -24.03 13.51 -27.22
N LEU B 242 -24.91 12.82 -26.49
CA LEU B 242 -24.52 12.25 -25.20
C LEU B 242 -24.17 10.77 -25.28
N HIS B 243 -24.19 10.20 -26.47
CA HIS B 243 -23.82 8.79 -26.63
C HIS B 243 -22.30 8.63 -26.55
N ARG B 244 -21.55 9.63 -27.03
CA ARG B 244 -20.10 9.61 -26.95
C ARG B 244 -19.60 11.00 -26.58
N ILE B 245 -19.05 11.12 -25.38
CA ILE B 245 -18.61 12.42 -24.88
C ILE B 245 -17.09 12.43 -24.72
N GLU B 246 -16.42 13.24 -25.54
CA GLU B 246 -14.97 13.34 -25.49
C GLU B 246 -14.54 14.67 -24.87
N ILE B 247 -13.85 14.57 -23.74
CA ILE B 247 -13.41 15.74 -22.98
C ILE B 247 -11.87 15.80 -22.97
N PRO B 248 -11.28 16.56 -23.89
CA PRO B 248 -9.82 16.73 -23.85
C PRO B 248 -9.41 17.66 -22.72
N PHE B 249 -8.21 17.50 -22.17
CA PHE B 249 -7.76 18.40 -21.13
C PHE B 249 -6.26 18.66 -21.18
N LYS B 250 -5.91 19.87 -20.77
CA LYS B 250 -4.53 20.31 -20.61
C LYS B 250 -4.40 21.09 -19.31
N PHE B 251 -3.82 20.47 -18.30
CA PHE B 251 -3.65 21.11 -16.99
C PHE B 251 -2.26 21.70 -16.86
N HIS B 252 -2.18 22.93 -16.38
N HIS B 252 -2.19 22.94 -16.37
CA HIS B 252 -0.90 23.55 -16.06
CA HIS B 252 -0.92 23.57 -16.05
C HIS B 252 -0.66 23.41 -14.56
C HIS B 252 -0.66 23.42 -14.56
N MET B 253 0.23 22.50 -14.20
CA MET B 253 0.43 22.11 -12.81
C MET B 253 0.93 23.27 -11.94
N LEU B 254 0.21 23.51 -10.85
CA LEU B 254 0.56 24.57 -9.91
C LEU B 254 1.43 24.04 -8.77
N HIS B 255 1.35 22.74 -8.52
CA HIS B 255 2.13 22.12 -7.45
C HIS B 255 2.86 20.89 -7.96
N SER B 256 4.02 20.62 -7.37
CA SER B 256 4.78 19.42 -7.70
C SER B 256 4.30 18.27 -6.83
N GLY B 257 4.31 17.06 -7.39
CA GLY B 257 3.91 15.90 -6.64
C GLY B 257 3.35 14.77 -7.47
N LEU B 258 2.78 13.79 -6.77
CA LEU B 258 2.12 12.67 -7.40
C LEU B 258 0.66 12.97 -7.68
N VAL B 259 0.27 12.81 -8.93
CA VAL B 259 -1.11 12.88 -9.35
C VAL B 259 -1.67 11.48 -9.26
N HIS B 260 -2.62 11.29 -8.35
CA HIS B 260 -3.22 9.98 -8.10
C HIS B 260 -4.48 9.79 -8.93
N GLY B 261 -4.98 10.87 -9.50
CA GLY B 261 -6.14 10.78 -10.37
C GLY B 261 -6.79 12.10 -10.68
N LEU B 262 -8.00 12.01 -11.22
CA LEU B 262 -8.75 13.21 -11.58
C LEU B 262 -10.00 13.36 -10.73
N ALA B 263 -10.23 14.58 -10.27
CA ALA B 263 -11.42 14.92 -9.53
C ALA B 263 -12.42 15.57 -10.48
N PHE B 264 -13.68 15.21 -10.26
CA PHE B 264 -14.81 15.63 -11.08
C PHE B 264 -15.91 16.24 -10.22
N TRP B 265 -16.45 17.35 -10.69
CA TRP B 265 -17.71 17.86 -10.14
C TRP B 265 -18.46 18.61 -11.22
N PHE B 266 -19.64 19.14 -10.92
CA PHE B 266 -20.40 19.80 -11.97
C PHE B 266 -21.22 20.99 -11.48
N ASP B 267 -21.53 21.89 -12.41
CA ASP B 267 -22.44 23.00 -12.14
C ASP B 267 -23.61 22.91 -13.11
N VAL B 268 -24.76 23.43 -12.73
CA VAL B 268 -25.81 23.67 -13.72
C VAL B 268 -26.26 25.10 -13.55
N ALA B 269 -26.68 25.73 -14.65
CA ALA B 269 -27.16 27.10 -14.57
C ALA B 269 -28.58 27.22 -15.08
N PHE B 270 -29.39 27.92 -14.30
CA PHE B 270 -30.74 28.28 -14.69
C PHE B 270 -30.72 29.70 -15.21
N ILE B 271 -30.78 29.82 -16.54
CA ILE B 271 -30.68 31.11 -17.22
C ILE B 271 -32.09 31.62 -17.50
N GLY B 272 -32.63 32.40 -16.58
CA GLY B 272 -33.95 32.95 -16.73
C GLY B 272 -33.96 34.38 -17.26
N SER B 273 -35.15 34.93 -17.44
CA SER B 273 -35.31 36.26 -17.99
C SER B 273 -34.90 37.34 -16.99
N ILE B 274 -35.03 37.03 -15.70
CA ILE B 274 -34.76 38.00 -14.65
C ILE B 274 -33.33 37.86 -14.15
N MET B 275 -32.89 36.62 -13.94
CA MET B 275 -31.53 36.39 -13.45
C MET B 275 -31.08 34.95 -13.71
N THR B 276 -29.76 34.76 -13.69
CA THR B 276 -29.18 33.43 -13.80
C THR B 276 -28.85 32.90 -12.41
N VAL B 277 -29.30 31.70 -12.11
CA VAL B 277 -29.03 31.09 -10.81
C VAL B 277 -28.20 29.82 -11.02
N TRP B 278 -27.12 29.69 -10.26
CA TRP B 278 -26.21 28.56 -10.40
C TRP B 278 -26.38 27.53 -9.29
N LEU B 279 -26.35 26.25 -9.66
CA LEU B 279 -26.27 25.16 -8.69
C LEU B 279 -24.93 24.45 -8.90
N SER B 280 -24.10 24.47 -7.87
CA SER B 280 -22.74 23.94 -7.96
C SER B 280 -22.51 22.81 -6.96
N THR B 281 -21.79 21.78 -7.38
CA THR B 281 -21.41 20.69 -6.49
C THR B 281 -19.91 20.74 -6.25
N ALA B 282 -19.32 21.91 -6.44
CA ALA B 282 -17.89 22.11 -6.27
C ALA B 282 -17.49 21.83 -4.82
N PRO B 283 -16.23 21.44 -4.61
CA PRO B 283 -15.74 21.17 -3.25
C PRO B 283 -15.59 22.43 -2.40
N THR B 284 -15.72 23.60 -3.02
CA THR B 284 -15.69 24.86 -2.28
C THR B 284 -17.07 25.22 -1.75
N GLU B 285 -18.10 24.50 -2.21
CA GLU B 285 -19.48 24.82 -1.86
C GLU B 285 -20.06 23.80 -0.90
N PRO B 286 -21.18 24.15 -0.24
CA PRO B 286 -21.85 23.22 0.67
C PRO B 286 -22.15 21.89 0.00
N LEU B 287 -22.01 20.81 0.76
CA LEU B 287 -22.12 19.47 0.22
C LEU B 287 -23.54 19.16 -0.24
N THR B 288 -23.64 18.44 -1.36
CA THR B 288 -24.92 17.95 -1.85
C THR B 288 -24.89 16.43 -1.88
N HIS B 289 -26.01 15.82 -2.24
CA HIS B 289 -26.08 14.37 -2.30
C HIS B 289 -25.31 13.84 -3.52
N TRP B 290 -24.80 14.74 -4.35
CA TRP B 290 -23.93 14.34 -5.46
C TRP B 290 -22.48 14.25 -5.01
N TYR B 291 -22.16 14.88 -3.87
CA TYR B 291 -20.78 14.92 -3.38
C TYR B 291 -19.83 15.31 -4.51
N GLN B 292 -18.66 14.69 -4.56
CA GLN B 292 -17.78 14.82 -5.72
C GLN B 292 -17.30 13.44 -6.15
N VAL B 293 -16.75 13.35 -7.36
CA VAL B 293 -16.33 12.05 -7.89
C VAL B 293 -14.85 12.07 -8.24
N ARG B 294 -14.13 11.05 -7.82
CA ARG B 294 -12.71 10.94 -8.15
C ARG B 294 -12.38 9.65 -8.88
N CYS B 295 -11.59 9.78 -9.95
CA CYS B 295 -11.11 8.63 -10.71
C CYS B 295 -9.62 8.46 -10.46
N LEU B 296 -9.27 7.32 -9.84
CA LEU B 296 -7.88 7.01 -9.53
C LEU B 296 -7.13 6.47 -10.73
N PHE B 297 -5.85 6.81 -10.81
CA PHE B 297 -4.94 6.12 -11.71
C PHE B 297 -4.45 4.85 -11.03
N GLN B 298 -4.24 3.79 -11.79
CA GLN B 298 -3.72 2.56 -11.22
C GLN B 298 -2.30 2.82 -10.73
N SER B 299 -1.61 3.72 -11.41
CA SER B 299 -0.28 4.14 -10.99
C SER B 299 -0.21 5.67 -11.08
N PRO B 300 0.21 6.32 -9.98
CA PRO B 300 0.23 7.79 -9.98
C PRO B 300 1.28 8.38 -10.93
N LEU B 301 1.07 9.63 -11.34
CA LEU B 301 2.01 10.30 -12.24
C LEU B 301 2.75 11.42 -11.53
N PHE B 302 4.07 11.44 -11.59
CA PHE B 302 4.83 12.53 -10.98
C PHE B 302 4.85 13.74 -11.90
N ALA B 303 4.52 14.90 -11.35
CA ALA B 303 4.57 16.15 -12.12
C ALA B 303 5.17 17.29 -11.30
N LYS B 304 5.97 18.15 -11.94
CA LYS B 304 6.48 19.35 -11.29
C LYS B 304 5.56 20.52 -11.56
N ALA B 305 5.59 21.50 -10.66
CA ALA B 305 4.91 22.76 -10.92
C ALA B 305 5.45 23.33 -12.22
N GLY B 306 4.55 23.72 -13.12
CA GLY B 306 4.94 24.26 -14.41
C GLY B 306 4.81 23.26 -15.55
N ASP B 307 4.84 21.97 -15.22
CA ASP B 307 4.62 20.93 -16.21
C ASP B 307 3.17 20.99 -16.69
N THR B 308 2.89 20.33 -17.81
CA THR B 308 1.53 20.24 -18.31
C THR B 308 1.06 18.79 -18.32
N LEU B 309 -0.16 18.56 -17.81
CA LEU B 309 -0.75 17.24 -17.83
C LEU B 309 -1.88 17.23 -18.84
N SER B 310 -1.67 16.54 -19.96
CA SER B 310 -2.63 16.59 -21.05
C SER B 310 -3.21 15.21 -21.31
N GLY B 311 -4.43 15.17 -21.80
CA GLY B 311 -5.04 13.90 -22.12
C GLY B 311 -6.51 13.98 -22.45
N THR B 312 -7.20 12.86 -22.31
CA THR B 312 -8.60 12.78 -22.71
C THR B 312 -9.44 11.96 -21.74
N CYS B 313 -10.64 12.45 -21.48
CA CYS B 313 -11.65 11.69 -20.77
C CYS B 313 -12.77 11.36 -21.75
N LEU B 314 -12.93 10.08 -22.06
CA LEU B 314 -13.92 9.64 -23.04
C LEU B 314 -15.02 8.82 -22.37
N LEU B 315 -16.26 9.30 -22.48
CA LEU B 315 -17.41 8.60 -21.94
C LEU B 315 -18.24 7.97 -23.06
N ILE B 316 -18.36 6.65 -23.03
CA ILE B 316 -19.13 5.92 -24.01
C ILE B 316 -20.38 5.37 -23.35
N ALA B 317 -21.55 5.82 -23.81
CA ALA B 317 -22.80 5.38 -23.22
C ALA B 317 -23.00 3.89 -23.44
N ASN B 318 -23.54 3.21 -22.43
CA ASN B 318 -23.85 1.79 -22.52
C ASN B 318 -25.32 1.57 -22.20
N LYS B 319 -25.78 0.33 -22.35
CA LYS B 319 -27.21 0.04 -22.24
C LYS B 319 -27.68 -0.16 -20.80
N ARG B 320 -26.79 0.02 -19.83
CA ARG B 320 -27.18 -0.03 -18.42
C ARG B 320 -27.35 1.37 -17.85
N GLN B 321 -27.76 2.31 -18.70
CA GLN B 321 -28.06 3.67 -18.27
C GLN B 321 -26.87 4.34 -17.61
N SER B 322 -25.67 4.08 -18.14
CA SER B 322 -24.48 4.70 -17.60
C SER B 322 -23.43 4.83 -18.69
N TYR B 323 -22.18 5.05 -18.29
CA TYR B 323 -21.11 5.28 -19.23
C TYR B 323 -19.89 4.43 -18.90
N ASP B 324 -19.23 3.95 -19.94
CA ASP B 324 -17.90 3.38 -19.80
C ASP B 324 -16.93 4.53 -19.94
N ILE B 325 -16.11 4.75 -18.91
CA ILE B 325 -15.22 5.90 -18.89
C ILE B 325 -13.78 5.48 -19.13
N SER B 326 -13.15 6.07 -20.15
CA SER B 326 -11.73 5.84 -20.36
C SER B 326 -11.01 7.16 -20.14
N ILE B 327 -10.07 7.16 -19.21
CA ILE B 327 -9.27 8.35 -18.94
C ILE B 327 -7.83 8.05 -19.30
N VAL B 328 -7.27 8.90 -20.14
CA VAL B 328 -5.85 8.81 -20.45
C VAL B 328 -5.22 10.16 -20.15
N ALA B 329 -4.11 10.12 -19.41
CA ALA B 329 -3.43 11.34 -19.00
C ALA B 329 -1.92 11.19 -19.16
N GLN B 330 -1.27 12.27 -19.56
CA GLN B 330 0.17 12.26 -19.77
C GLN B 330 0.85 13.53 -19.31
N VAL B 331 2.01 13.36 -18.67
CA VAL B 331 2.89 14.48 -18.37
C VAL B 331 3.71 14.74 -19.63
N ASP B 332 3.45 15.88 -20.26
CA ASP B 332 4.04 16.17 -21.56
C ASP B 332 5.56 16.22 -21.52
N GLN B 333 6.11 16.68 -20.41
CA GLN B 333 7.56 16.87 -20.28
C GLN B 333 8.35 15.58 -20.09
N THR B 334 7.69 14.52 -19.64
CA THR B 334 8.39 13.28 -19.29
C THR B 334 7.89 12.07 -20.08
N GLY B 335 6.70 12.20 -20.68
CA GLY B 335 6.11 11.11 -21.42
C GLY B 335 5.46 10.07 -20.52
N SER B 336 5.42 10.36 -19.23
CA SER B 336 4.76 9.48 -18.27
C SER B 336 3.28 9.45 -18.60
N LYS B 337 2.76 8.23 -18.74
CA LYS B 337 1.44 8.03 -19.32
C LYS B 337 0.62 7.17 -18.40
N SER B 338 -0.65 7.50 -18.26
CA SER B 338 -1.54 6.64 -17.51
C SER B 338 -2.87 6.51 -18.23
N SER B 339 -3.45 5.33 -18.09
CA SER B 339 -4.70 5.02 -18.74
C SER B 339 -5.57 4.31 -17.72
N ASN B 340 -6.86 4.55 -17.78
CA ASN B 340 -7.77 3.88 -16.87
C ASN B 340 -9.16 3.75 -17.45
N LEU B 341 -9.86 2.71 -17.00
CA LEU B 341 -11.23 2.48 -17.36
C LEU B 341 -12.05 2.52 -16.09
N LEU B 342 -13.17 3.22 -16.10
CA LEU B 342 -14.02 3.24 -14.93
C LEU B 342 -15.45 2.93 -15.33
N ASP B 343 -16.13 2.24 -14.41
CA ASP B 343 -17.52 1.86 -14.60
C ASP B 343 -18.36 2.76 -13.71
N LEU B 344 -18.92 3.79 -14.31
CA LEU B 344 -19.66 4.81 -13.58
C LEU B 344 -20.87 4.18 -12.90
N LYS B 345 -21.27 3.00 -13.39
CA LYS B 345 -22.42 2.29 -12.88
C LYS B 345 -22.21 1.77 -11.46
N ASN B 346 -20.96 1.47 -11.09
CA ASN B 346 -20.65 0.86 -9.81
C ASN B 346 -19.65 1.70 -9.01
N PRO B 347 -20.10 2.84 -8.46
CA PRO B 347 -19.16 3.68 -7.73
C PRO B 347 -18.88 3.19 -6.30
N PHE B 348 -17.78 3.67 -5.74
CA PHE B 348 -17.43 3.40 -4.36
C PHE B 348 -17.83 4.58 -3.49
N PHE B 349 -18.83 4.37 -2.65
CA PHE B 349 -19.31 5.41 -1.75
C PHE B 349 -18.44 5.44 -0.50
N ARG B 350 -17.54 6.42 -0.44
CA ARG B 350 -16.53 6.47 0.60
C ARG B 350 -16.92 7.39 1.75
N TYR B 351 -17.83 8.32 1.46
CA TYR B 351 -18.24 9.32 2.43
C TYR B 351 -18.63 8.72 3.78
N THR B 352 -18.16 9.34 4.86
CA THR B 352 -18.44 8.86 6.20
C THR B 352 -19.16 9.94 7.02
N SER C 10 42.11 -6.82 -21.14
CA SER C 10 41.14 -6.35 -20.16
C SER C 10 41.68 -5.14 -19.40
N VAL C 11 41.53 -3.97 -19.99
CA VAL C 11 41.98 -2.72 -19.39
C VAL C 11 41.46 -2.53 -17.96
N PHE C 12 40.20 -2.89 -17.73
CA PHE C 12 39.55 -2.67 -16.45
C PHE C 12 40.23 -3.35 -15.25
N SER C 13 40.48 -4.65 -15.35
CA SER C 13 40.99 -5.41 -14.21
C SER C 13 42.39 -4.98 -13.76
N GLU C 14 43.22 -4.52 -14.69
CA GLU C 14 44.58 -4.12 -14.36
C GLU C 14 44.62 -2.82 -13.54
N ARG C 15 43.59 -2.01 -13.69
CA ARG C 15 43.49 -0.72 -13.02
C ARG C 15 42.48 -0.73 -11.87
N THR C 16 41.95 -1.91 -11.56
CA THR C 16 40.92 -2.07 -10.52
C THR C 16 41.20 -3.26 -9.62
N GLU C 17 41.24 -3.01 -8.31
CA GLU C 17 41.33 -4.10 -7.33
C GLU C 17 40.08 -4.97 -7.41
N GLU C 18 40.29 -6.28 -7.36
CA GLU C 18 39.19 -7.25 -7.48
C GLU C 18 38.13 -7.04 -6.41
N SER C 19 38.60 -6.88 -5.17
CA SER C 19 37.73 -6.71 -4.01
C SER C 19 36.76 -5.56 -4.22
N SER C 20 37.30 -4.45 -4.73
CA SER C 20 36.49 -3.26 -4.99
C SER C 20 35.46 -3.52 -6.08
N ALA C 21 35.91 -4.14 -7.17
CA ALA C 21 35.05 -4.38 -8.33
C ALA C 21 33.88 -5.29 -7.98
N VAL C 22 34.14 -6.34 -7.20
CA VAL C 22 33.08 -7.28 -6.84
C VAL C 22 31.95 -6.54 -6.12
N GLN C 23 32.28 -5.84 -5.05
CA GLN C 23 31.27 -5.10 -4.31
C GLN C 23 30.66 -4.00 -5.17
N TYR C 24 31.50 -3.36 -5.98
CA TYR C 24 31.04 -2.27 -6.83
C TYR C 24 29.91 -2.74 -7.74
N PHE C 25 30.12 -3.84 -8.44
CA PHE C 25 29.10 -4.34 -9.36
C PHE C 25 27.98 -5.09 -8.63
N GLN C 26 28.27 -5.64 -7.45
CA GLN C 26 27.20 -6.19 -6.62
C GLN C 26 26.23 -5.07 -6.22
N PHE C 27 26.79 -3.93 -5.86
CA PHE C 27 25.99 -2.76 -5.47
C PHE C 27 24.97 -2.39 -6.55
N TYR C 28 25.41 -2.36 -7.80
CA TYR C 28 24.55 -1.93 -8.90
C TYR C 28 23.65 -3.05 -9.42
N GLY C 29 23.79 -4.24 -8.85
CA GLY C 29 22.89 -5.34 -9.16
C GLY C 29 21.55 -5.22 -8.44
N TYR C 30 21.45 -4.25 -7.52
CA TYR C 30 20.22 -4.04 -6.76
C TYR C 30 19.25 -3.10 -7.48
N LEU C 31 18.01 -3.55 -7.62
CA LEU C 31 16.97 -2.73 -8.23
C LEU C 31 16.73 -1.45 -7.44
N SER C 32 16.88 -1.53 -6.12
CA SER C 32 16.62 -0.39 -5.25
C SER C 32 17.52 0.81 -5.55
N GLN C 33 18.77 0.54 -5.94
CA GLN C 33 19.70 1.61 -6.25
C GLN C 33 19.34 2.23 -7.60
N GLN C 34 18.95 1.37 -8.54
CA GLN C 34 18.48 1.84 -9.83
C GLN C 34 17.28 2.73 -9.60
N GLN C 35 16.38 2.29 -8.72
CA GLN C 35 15.21 3.08 -8.37
C GLN C 35 15.65 4.40 -7.77
N ASN C 36 16.61 4.36 -6.85
CA ASN C 36 17.09 5.58 -6.21
C ASN C 36 17.58 6.59 -7.23
N MET C 37 18.36 6.13 -8.20
CA MET C 37 18.85 7.02 -9.25
C MET C 37 17.75 7.46 -10.20
N MET C 38 16.89 6.54 -10.59
CA MET C 38 15.78 6.85 -11.49
C MET C 38 14.83 7.87 -10.88
N GLN C 39 14.67 7.83 -9.56
CA GLN C 39 13.77 8.74 -8.86
C GLN C 39 14.38 10.12 -8.65
N ASP C 40 15.63 10.28 -9.05
CA ASP C 40 16.25 11.60 -9.10
C ASP C 40 15.73 12.29 -10.35
N TYR C 41 14.72 13.13 -10.17
CA TYR C 41 13.98 13.67 -11.30
C TYR C 41 14.84 14.58 -12.17
N VAL C 42 15.73 15.35 -11.54
CA VAL C 42 16.62 16.25 -12.28
C VAL C 42 17.48 15.45 -13.25
N ARG C 43 18.13 14.42 -12.74
CA ARG C 43 19.04 13.58 -13.53
C ARG C 43 18.30 12.96 -14.72
N THR C 44 17.27 12.18 -14.40
CA THR C 44 16.54 11.40 -15.41
C THR C 44 15.84 12.34 -16.38
N GLY C 45 15.20 13.37 -15.84
CA GLY C 45 14.49 14.33 -16.66
C GLY C 45 15.43 15.09 -17.57
N THR C 46 16.61 15.45 -17.07
CA THR C 46 17.57 16.18 -17.87
C THR C 46 18.14 15.29 -18.97
N TYR C 47 18.45 14.03 -18.65
CA TYR C 47 18.90 13.11 -19.68
C TYR C 47 17.83 12.94 -20.76
N GLN C 48 16.59 12.73 -20.33
CA GLN C 48 15.49 12.55 -21.29
C GLN C 48 15.33 13.81 -22.15
N ARG C 49 15.39 14.98 -21.52
CA ARG C 49 15.25 16.24 -22.25
C ARG C 49 16.38 16.34 -23.26
N ALA C 50 17.60 16.07 -22.82
CA ALA C 50 18.77 16.16 -23.69
C ALA C 50 18.67 15.22 -24.88
N ILE C 51 18.24 13.98 -24.65
CA ILE C 51 18.18 13.01 -25.73
C ILE C 51 17.05 13.33 -26.71
N LEU C 52 15.85 13.60 -26.20
CA LEU C 52 14.70 13.82 -27.06
C LEU C 52 14.75 15.18 -27.78
N GLN C 53 15.24 16.21 -27.09
CA GLN C 53 15.34 17.55 -27.69
C GLN C 53 16.39 17.59 -28.80
N ASN C 54 17.31 16.64 -28.77
CA ASN C 54 18.30 16.48 -29.84
C ASN C 54 18.04 15.22 -30.66
N HIS C 55 16.79 15.01 -31.02
CA HIS C 55 16.36 13.79 -31.70
C HIS C 55 17.08 13.55 -33.03
N THR C 56 17.54 14.61 -33.66
CA THR C 56 18.24 14.48 -34.94
C THR C 56 19.61 13.84 -34.75
N ASP C 57 20.11 13.87 -33.52
CA ASP C 57 21.37 13.21 -33.20
C ASP C 57 21.19 11.72 -32.94
N PHE C 58 19.95 11.26 -32.90
CA PHE C 58 19.66 9.87 -32.56
C PHE C 58 18.83 9.15 -33.62
N LYS C 59 17.98 9.90 -34.31
CA LYS C 59 17.05 9.31 -35.26
C LYS C 59 17.80 8.50 -36.33
N ASP C 60 17.47 7.20 -36.40
CA ASP C 60 18.08 6.28 -37.35
C ASP C 60 19.59 6.14 -37.17
N LYS C 61 20.07 6.40 -35.97
CA LYS C 61 21.50 6.31 -35.67
C LYS C 61 21.83 5.02 -34.91
N ILE C 62 23.12 4.68 -34.85
CA ILE C 62 23.58 3.58 -34.01
C ILE C 62 24.08 4.20 -32.71
N VAL C 63 23.63 3.65 -31.58
CA VAL C 63 23.91 4.24 -30.28
C VAL C 63 24.61 3.22 -29.39
N LEU C 64 25.54 3.69 -28.56
CA LEU C 64 26.12 2.85 -27.51
C LEU C 64 25.80 3.40 -26.13
N ASP C 65 25.16 2.58 -25.29
CA ASP C 65 24.87 2.97 -23.91
C ASP C 65 25.88 2.28 -22.97
N VAL C 66 26.81 3.06 -22.42
CA VAL C 66 27.85 2.50 -21.56
C VAL C 66 27.34 2.40 -20.13
N GLY C 67 27.11 1.19 -19.66
CA GLY C 67 26.60 0.97 -18.32
C GLY C 67 25.12 1.32 -18.27
N CYS C 68 24.32 0.56 -18.99
CA CYS C 68 22.93 0.90 -19.22
C CYS C 68 22.08 0.76 -17.97
N GLY C 69 22.58 -0.01 -17.00
CA GLY C 69 21.84 -0.24 -15.77
C GLY C 69 20.47 -0.83 -16.06
N SER C 70 19.43 -0.11 -15.65
CA SER C 70 18.06 -0.53 -15.93
C SER C 70 17.76 -0.46 -17.43
N GLY C 71 18.53 0.34 -18.16
CA GLY C 71 18.34 0.51 -19.59
C GLY C 71 17.64 1.79 -19.96
N ILE C 72 17.34 2.61 -18.95
CA ILE C 72 16.49 3.79 -19.12
C ILE C 72 16.98 4.71 -20.25
N LEU C 73 18.28 4.96 -20.31
CA LEU C 73 18.84 5.86 -21.32
C LEU C 73 18.72 5.24 -22.72
N SER C 74 18.80 3.91 -22.79
CA SER C 74 18.60 3.22 -24.06
C SER C 74 17.17 3.39 -24.52
N PHE C 75 16.24 3.36 -23.57
CA PHE C 75 14.83 3.58 -23.89
C PHE C 75 14.64 5.02 -24.37
N PHE C 76 15.31 5.96 -23.71
CA PHE C 76 15.28 7.35 -24.18
C PHE C 76 15.84 7.42 -25.59
N ALA C 77 16.94 6.72 -25.84
CA ALA C 77 17.53 6.67 -27.17
C ALA C 77 16.54 6.06 -28.17
N ALA C 78 15.80 5.05 -27.71
CA ALA C 78 14.81 4.40 -28.55
C ALA C 78 13.67 5.36 -28.89
N GLN C 79 13.26 6.15 -27.91
CA GLN C 79 12.24 7.17 -28.14
C GLN C 79 12.68 8.18 -29.19
N ALA C 80 13.98 8.45 -29.25
CA ALA C 80 14.51 9.45 -30.18
C ALA C 80 14.66 8.91 -31.61
N GLY C 81 14.40 7.62 -31.80
CA GLY C 81 14.38 7.05 -33.13
C GLY C 81 15.63 6.30 -33.57
N ALA C 82 16.46 5.89 -32.61
CA ALA C 82 17.67 5.15 -32.95
C ALA C 82 17.33 3.85 -33.69
N ARG C 83 18.17 3.48 -34.65
CA ARG C 83 17.96 2.27 -35.43
C ARG C 83 18.43 1.06 -34.62
N LYS C 84 19.51 1.27 -33.88
CA LYS C 84 20.12 0.20 -33.10
C LYS C 84 20.86 0.73 -31.88
N ILE C 85 20.59 0.11 -30.73
CA ILE C 85 21.21 0.51 -29.47
C ILE C 85 21.89 -0.69 -28.83
N TYR C 86 23.20 -0.58 -28.64
CA TYR C 86 23.96 -1.58 -27.90
C TYR C 86 24.07 -1.14 -26.45
N ALA C 87 23.44 -1.91 -25.55
CA ALA C 87 23.39 -1.53 -24.15
C ALA C 87 24.27 -2.47 -23.32
N VAL C 88 25.43 -1.98 -22.90
CA VAL C 88 26.42 -2.80 -22.20
C VAL C 88 26.27 -2.66 -20.70
N GLU C 89 26.26 -3.79 -19.98
CA GLU C 89 26.14 -3.75 -18.52
C GLU C 89 26.88 -4.90 -17.84
N ALA C 90 27.72 -4.57 -16.86
CA ALA C 90 28.61 -5.55 -16.23
C ALA C 90 27.99 -6.20 -14.99
N SER C 91 27.04 -5.53 -14.35
CA SER C 91 26.37 -6.08 -13.17
C SER C 91 25.25 -7.02 -13.59
N THR C 92 24.63 -7.69 -12.63
CA THR C 92 23.54 -8.61 -12.91
C THR C 92 22.29 -7.87 -13.38
N MET C 93 22.29 -6.56 -13.22
CA MET C 93 21.18 -5.73 -13.69
C MET C 93 20.93 -5.96 -15.17
N ALA C 94 21.98 -6.35 -15.88
CA ALA C 94 21.88 -6.65 -17.30
C ALA C 94 20.72 -7.59 -17.60
N GLN C 95 20.47 -8.52 -16.69
CA GLN C 95 19.38 -9.48 -16.88
C GLN C 95 18.02 -8.81 -16.72
N HIS C 96 17.95 -7.78 -15.88
CA HIS C 96 16.70 -7.07 -15.66
C HIS C 96 16.45 -6.14 -16.85
N ALA C 97 17.52 -5.54 -17.35
CA ALA C 97 17.43 -4.64 -18.50
C ALA C 97 16.87 -5.41 -19.69
N GLU C 98 17.37 -6.62 -19.88
CA GLU C 98 16.91 -7.46 -20.97
C GLU C 98 15.42 -7.74 -20.85
N VAL C 99 14.95 -7.95 -19.62
CA VAL C 99 13.53 -8.17 -19.38
C VAL C 99 12.72 -6.96 -19.83
N LEU C 100 13.20 -5.76 -19.53
CA LEU C 100 12.50 -4.54 -19.89
C LEU C 100 12.48 -4.34 -21.40
N VAL C 101 13.57 -4.70 -22.05
CA VAL C 101 13.66 -4.58 -23.50
C VAL C 101 12.61 -5.51 -24.13
N LYS C 102 12.48 -6.70 -23.55
CA LYS C 102 11.56 -7.72 -24.04
C LYS C 102 10.12 -7.25 -23.87
N SER C 103 9.81 -6.74 -22.68
CA SER C 103 8.47 -6.33 -22.32
C SER C 103 8.03 -5.01 -22.96
N ASN C 104 8.99 -4.21 -23.43
CA ASN C 104 8.67 -2.98 -24.14
C ASN C 104 8.76 -3.15 -25.65
N ASN C 105 8.86 -4.40 -26.09
CA ASN C 105 8.86 -4.75 -27.51
C ASN C 105 9.91 -3.98 -28.30
N LEU C 106 11.13 -3.92 -27.77
CA LEU C 106 12.21 -3.21 -28.41
C LEU C 106 13.43 -4.10 -28.64
N THR C 107 13.20 -5.41 -28.72
CA THR C 107 14.28 -6.36 -28.93
C THR C 107 14.92 -6.18 -30.30
N ASP C 108 14.16 -5.63 -31.25
CA ASP C 108 14.67 -5.40 -32.59
C ASP C 108 15.55 -4.16 -32.66
N ARG C 109 15.60 -3.40 -31.57
CA ARG C 109 16.28 -2.12 -31.56
C ARG C 109 17.31 -2.00 -30.43
N ILE C 110 17.03 -2.64 -29.30
CA ILE C 110 17.94 -2.63 -28.16
C ILE C 110 18.53 -4.02 -27.92
N VAL C 111 19.85 -4.11 -27.90
CA VAL C 111 20.52 -5.37 -27.59
C VAL C 111 21.39 -5.22 -26.35
N VAL C 112 21.00 -5.93 -25.30
CA VAL C 112 21.74 -5.93 -24.04
C VAL C 112 22.97 -6.83 -24.13
N ILE C 113 24.11 -6.27 -23.76
CA ILE C 113 25.39 -6.97 -23.74
C ILE C 113 25.92 -7.06 -22.31
N PRO C 114 25.81 -8.23 -21.68
CA PRO C 114 26.35 -8.37 -20.33
C PRO C 114 27.87 -8.38 -20.33
N GLY C 115 28.48 -7.59 -19.45
CA GLY C 115 29.93 -7.56 -19.34
C GLY C 115 30.49 -6.16 -19.25
N LYS C 116 31.80 -6.06 -19.05
CA LYS C 116 32.49 -4.78 -18.98
C LYS C 116 32.78 -4.27 -20.38
N VAL C 117 32.61 -2.96 -20.60
CA VAL C 117 32.77 -2.37 -21.92
C VAL C 117 34.23 -2.52 -22.39
N GLU C 118 35.15 -2.67 -21.45
CA GLU C 118 36.55 -2.90 -21.78
C GLU C 118 36.79 -4.33 -22.27
N GLU C 119 35.80 -5.20 -22.11
CA GLU C 119 35.98 -6.63 -22.32
C GLU C 119 35.02 -7.24 -23.34
N VAL C 120 33.88 -6.60 -23.56
CA VAL C 120 32.88 -7.13 -24.47
C VAL C 120 33.27 -6.83 -25.91
N SER C 121 32.65 -7.55 -26.85
CA SER C 121 32.85 -7.28 -28.27
C SER C 121 31.61 -6.67 -28.88
N LEU C 122 31.77 -5.51 -29.51
CA LEU C 122 30.67 -4.90 -30.25
C LEU C 122 30.87 -5.19 -31.73
N PRO C 123 29.79 -5.45 -32.47
CA PRO C 123 29.91 -5.81 -33.89
C PRO C 123 30.23 -4.64 -34.83
N GLU C 124 29.92 -3.42 -34.43
CA GLU C 124 30.07 -2.29 -35.34
C GLU C 124 30.35 -0.96 -34.63
N GLN C 125 30.77 0.02 -35.42
CA GLN C 125 30.99 1.37 -34.92
C GLN C 125 29.67 2.06 -34.68
N VAL C 126 29.66 3.03 -33.76
CA VAL C 126 28.42 3.71 -33.38
C VAL C 126 28.51 5.18 -33.73
N ASP C 127 27.36 5.83 -33.85
CA ASP C 127 27.30 7.24 -34.20
C ASP C 127 27.39 8.11 -32.96
N ILE C 128 26.95 7.57 -31.83
CA ILE C 128 26.90 8.35 -30.60
C ILE C 128 26.96 7.44 -29.36
N ILE C 129 27.68 7.91 -28.34
CA ILE C 129 27.74 7.18 -27.08
C ILE C 129 26.98 7.95 -25.99
N ILE C 130 26.12 7.23 -25.27
CA ILE C 130 25.43 7.77 -24.11
C ILE C 130 25.85 6.99 -22.87
N SER C 131 25.89 7.70 -21.74
CA SER C 131 26.25 7.10 -20.47
C SER C 131 25.96 8.07 -19.33
N GLU C 132 25.84 7.53 -18.12
CA GLU C 132 25.79 8.36 -16.91
C GLU C 132 26.88 7.88 -15.96
N PRO C 133 28.14 8.28 -16.22
CA PRO C 133 29.29 7.78 -15.48
C PRO C 133 29.82 8.69 -14.37
N MET C 134 29.10 9.77 -14.08
CA MET C 134 29.55 10.75 -13.09
C MET C 134 29.32 10.24 -11.68
N GLY C 135 30.34 10.39 -10.83
CA GLY C 135 30.24 10.08 -9.42
C GLY C 135 30.37 11.35 -8.60
N TYR C 136 30.52 11.21 -7.29
CA TYR C 136 30.86 12.34 -6.44
C TYR C 136 32.06 13.06 -7.04
N MET C 137 32.07 14.39 -6.97
CA MET C 137 33.15 15.17 -7.54
C MET C 137 33.40 14.82 -9.00
N LEU C 138 32.34 14.41 -9.70
CA LEU C 138 32.41 14.01 -11.11
C LEU C 138 33.23 12.74 -11.32
N PHE C 139 34.43 12.69 -10.74
CA PHE C 139 35.41 11.66 -11.08
C PHE C 139 35.30 10.39 -10.25
N ASN C 140 34.59 10.45 -9.11
CA ASN C 140 34.50 9.29 -8.23
C ASN C 140 33.93 8.07 -8.97
N GLU C 141 34.43 6.89 -8.58
CA GLU C 141 34.03 5.60 -9.16
C GLU C 141 34.82 5.29 -10.43
N ARG C 142 35.47 6.31 -11.00
CA ARG C 142 36.36 6.13 -12.15
C ARG C 142 35.66 5.50 -13.34
N MET C 143 34.34 5.71 -13.46
CA MET C 143 33.60 5.18 -14.58
C MET C 143 33.79 6.04 -15.84
N LEU C 144 34.22 7.28 -15.65
CA LEU C 144 34.49 8.17 -16.78
C LEU C 144 35.54 7.58 -17.73
N GLU C 145 36.48 6.84 -17.16
CA GLU C 145 37.53 6.20 -17.96
C GLU C 145 36.94 5.14 -18.85
N SER C 146 35.90 4.44 -18.36
CA SER C 146 35.20 3.46 -19.18
C SER C 146 34.46 4.20 -20.31
N TYR C 147 33.85 5.31 -19.94
CA TYR C 147 33.14 6.15 -20.89
C TYR C 147 34.07 6.59 -22.01
N LEU C 148 35.26 7.06 -21.66
CA LEU C 148 36.26 7.44 -22.65
C LEU C 148 36.81 6.23 -23.39
N HIS C 149 36.98 5.11 -22.67
CA HIS C 149 37.44 3.88 -23.27
C HIS C 149 36.52 3.44 -24.39
N ALA C 150 35.22 3.60 -24.18
CA ALA C 150 34.24 3.19 -25.17
C ALA C 150 34.37 3.91 -26.53
N LYS C 151 35.15 4.99 -26.60
CA LYS C 151 35.29 5.72 -27.86
C LYS C 151 36.04 4.90 -28.92
N LYS C 152 36.62 3.77 -28.54
CA LYS C 152 37.23 2.89 -29.52
C LYS C 152 36.16 2.35 -30.47
N TYR C 153 34.91 2.42 -30.04
CA TYR C 153 33.78 1.99 -30.86
C TYR C 153 33.10 3.16 -31.57
N LEU C 154 33.60 4.37 -31.34
CA LEU C 154 32.96 5.58 -31.88
C LEU C 154 33.51 5.95 -33.26
N LYS C 155 32.61 6.25 -34.19
CA LYS C 155 33.00 6.72 -35.52
C LYS C 155 33.67 8.09 -35.43
N PRO C 156 34.56 8.40 -36.39
CA PRO C 156 35.12 9.75 -36.42
C PRO C 156 34.00 10.79 -36.45
N SER C 157 34.21 11.94 -35.82
CA SER C 157 33.18 12.97 -35.77
C SER C 157 31.90 12.43 -35.13
N GLY C 158 32.05 11.39 -34.31
CA GLY C 158 30.93 10.83 -33.56
C GLY C 158 30.66 11.72 -32.37
N ASN C 159 29.57 11.48 -31.63
CA ASN C 159 29.25 12.34 -30.51
C ASN C 159 29.20 11.60 -29.16
N MET C 160 29.28 12.39 -28.11
CA MET C 160 29.27 11.89 -26.73
C MET C 160 28.22 12.62 -25.93
N PHE C 161 27.39 11.85 -25.23
CA PHE C 161 26.32 12.39 -24.39
C PHE C 161 26.47 11.83 -22.98
N PRO C 162 27.01 12.63 -22.03
CA PRO C 162 27.39 14.03 -22.12
C PRO C 162 28.67 14.27 -22.94
N THR C 163 28.85 15.50 -23.40
CA THR C 163 29.97 15.83 -24.25
C THR C 163 31.12 16.38 -23.42
N ILE C 164 30.79 17.20 -22.42
CA ILE C 164 31.81 17.78 -21.56
C ILE C 164 31.36 17.70 -20.10
N GLY C 165 32.35 17.74 -19.20
CA GLY C 165 32.10 17.75 -17.78
C GLY C 165 32.94 18.81 -17.09
N ASP C 166 32.27 19.63 -16.28
CA ASP C 166 32.93 20.70 -15.54
C ASP C 166 32.96 20.37 -14.04
N VAL C 167 34.13 20.48 -13.43
CA VAL C 167 34.25 20.38 -11.98
C VAL C 167 34.60 21.75 -11.39
N HIS C 168 33.84 22.13 -10.37
CA HIS C 168 33.95 23.45 -9.76
C HIS C 168 34.57 23.39 -8.36
N LEU C 169 35.44 24.37 -8.09
CA LEU C 169 36.11 24.52 -6.80
C LEU C 169 35.81 25.88 -6.19
N ALA C 170 35.65 25.93 -4.88
CA ALA C 170 35.49 27.21 -4.19
C ALA C 170 35.82 27.10 -2.71
N PRO C 171 36.51 28.10 -2.14
CA PRO C 171 36.80 28.03 -0.70
C PRO C 171 35.54 28.30 0.12
N PHE C 172 35.38 27.65 1.27
CA PHE C 172 34.21 27.88 2.09
C PHE C 172 34.56 28.08 3.57
N THR C 173 33.65 28.69 4.30
CA THR C 173 33.77 28.80 5.75
C THR C 173 32.60 28.09 6.43
N ASP C 174 32.90 27.22 7.38
CA ASP C 174 31.88 26.50 8.14
C ASP C 174 32.46 26.08 9.47
N GLU C 175 32.38 26.97 10.44
CA GLU C 175 32.99 26.76 11.75
C GLU C 175 32.44 25.50 12.43
N GLN C 176 31.15 25.26 12.29
CA GLN C 176 30.50 24.14 12.94
C GLN C 176 30.97 22.81 12.37
N LEU C 177 31.10 22.76 11.05
CA LEU C 177 31.56 21.54 10.39
C LEU C 177 32.99 21.24 10.83
N TYR C 178 33.83 22.25 10.84
CA TYR C 178 35.22 22.10 11.24
C TYR C 178 35.31 21.63 12.71
N MET C 179 34.58 22.32 13.57
CA MET C 179 34.58 22.03 15.02
C MET C 179 34.02 20.64 15.34
N GLU C 180 33.03 20.23 14.57
CA GLU C 180 32.42 18.91 14.72
C GLU C 180 33.46 17.79 14.75
N GLN C 181 34.50 17.90 13.93
CA GLN C 181 35.50 16.84 13.84
C GLN C 181 36.23 16.67 15.18
N PHE C 182 36.55 17.79 15.81
CA PHE C 182 37.22 17.74 17.10
C PHE C 182 36.23 17.32 18.18
N THR C 183 34.97 17.73 18.05
CA THR C 183 33.97 17.32 19.02
C THR C 183 33.84 15.81 18.99
N LYS C 184 33.85 15.21 17.81
CA LYS C 184 33.79 13.76 17.68
C LYS C 184 35.09 13.10 18.15
N ALA C 185 36.22 13.66 17.72
CA ALA C 185 37.52 13.08 18.05
C ALA C 185 37.85 13.18 19.54
N ASN C 186 37.32 14.20 20.21
CA ASN C 186 37.65 14.42 21.61
C ASN C 186 37.02 13.35 22.52
N PHE C 187 36.19 12.48 21.95
CA PHE C 187 35.75 11.30 22.68
C PHE C 187 36.96 10.56 23.24
N TRP C 188 38.03 10.52 22.46
CA TRP C 188 39.21 9.78 22.84
C TRP C 188 40.09 10.57 23.82
N TYR C 189 39.75 11.82 24.08
CA TYR C 189 40.56 12.62 24.99
C TYR C 189 40.00 12.59 26.40
N GLN C 190 40.03 11.43 27.04
CA GLN C 190 39.52 11.27 28.40
C GLN C 190 40.38 10.25 29.12
N PRO C 191 40.75 10.54 30.38
CA PRO C 191 41.72 9.70 31.12
C PRO C 191 41.15 8.42 31.71
N SER C 192 39.83 8.25 31.73
CA SER C 192 39.25 7.08 32.35
C SER C 192 37.90 6.70 31.74
N PHE C 193 37.92 6.29 30.48
CA PHE C 193 36.74 5.71 29.86
C PHE C 193 36.60 4.27 30.37
N HIS C 194 35.68 4.07 31.31
CA HIS C 194 35.52 2.78 31.96
C HIS C 194 36.86 2.29 32.49
N GLY C 195 37.67 3.21 33.00
CA GLY C 195 38.95 2.86 33.60
C GLY C 195 40.11 2.86 32.63
N VAL C 196 39.86 3.17 31.36
CA VAL C 196 40.89 3.16 30.33
C VAL C 196 41.21 4.58 29.84
N ASP C 197 42.51 4.88 29.76
CA ASP C 197 42.98 6.16 29.22
C ASP C 197 43.03 6.06 27.69
N LEU C 198 42.16 6.80 27.01
CA LEU C 198 42.06 6.75 25.54
C LEU C 198 42.88 7.83 24.83
N SER C 199 43.46 8.76 25.59
CA SER C 199 44.01 9.99 25.03
C SER C 199 45.04 9.78 23.92
N ALA C 200 45.83 8.71 24.03
CA ALA C 200 46.92 8.47 23.09
C ALA C 200 46.40 8.31 21.65
N LEU C 201 45.12 7.99 21.50
CA LEU C 201 44.57 7.79 20.16
C LEU C 201 43.81 9.01 19.64
N ARG C 202 43.82 10.09 20.40
CA ARG C 202 43.08 11.29 19.99
C ARG C 202 43.57 11.86 18.67
N GLY C 203 44.89 11.95 18.53
CA GLY C 203 45.49 12.48 17.32
C GLY C 203 45.13 11.66 16.09
N ALA C 204 45.15 10.35 16.25
CA ALA C 204 44.83 9.43 15.17
C ALA C 204 43.36 9.57 14.76
N ALA C 205 42.49 9.79 15.73
CA ALA C 205 41.06 9.92 15.46
C ALA C 205 40.80 11.21 14.67
N VAL C 206 41.42 12.30 15.11
CA VAL C 206 41.30 13.59 14.42
C VAL C 206 41.76 13.42 12.98
N ASP C 207 42.90 12.77 12.81
CA ASP C 207 43.48 12.55 11.49
C ASP C 207 42.52 11.81 10.58
N GLU C 208 41.88 10.78 11.13
CA GLU C 208 40.96 9.94 10.38
C GLU C 208 39.75 10.74 9.86
N TYR C 209 39.18 11.57 10.73
CA TYR C 209 37.98 12.31 10.38
C TYR C 209 38.24 13.32 9.25
N PHE C 210 39.40 13.97 9.27
CA PHE C 210 39.70 15.00 8.29
C PHE C 210 40.01 14.45 6.92
N ARG C 211 40.33 13.17 6.84
CA ARG C 211 40.62 12.55 5.56
C ARG C 211 39.34 12.15 4.82
N GLN C 212 38.20 12.32 5.47
CA GLN C 212 36.91 12.01 4.87
C GLN C 212 36.30 13.23 4.20
N PRO C 213 36.08 13.17 2.87
CA PRO C 213 35.30 14.26 2.28
C PRO C 213 33.86 14.23 2.79
N VAL C 214 33.27 15.41 2.98
CA VAL C 214 31.92 15.49 3.51
C VAL C 214 30.91 15.66 2.39
N VAL C 215 30.01 14.68 2.26
CA VAL C 215 28.97 14.70 1.24
C VAL C 215 27.69 15.28 1.84
N ASP C 216 27.28 16.43 1.32
CA ASP C 216 26.02 17.05 1.72
C ASP C 216 25.80 18.32 0.92
N THR C 217 24.83 19.12 1.35
CA THR C 217 24.57 20.40 0.74
C THR C 217 24.87 21.52 1.75
N PHE C 218 24.78 22.76 1.29
CA PHE C 218 25.10 23.90 2.14
C PHE C 218 24.53 25.19 1.56
N ASP C 219 24.42 26.21 2.39
CA ASP C 219 24.02 27.53 1.95
C ASP C 219 25.14 28.19 1.16
N ILE C 220 24.79 28.77 0.01
CA ILE C 220 25.80 29.34 -0.89
C ILE C 220 26.55 30.52 -0.28
N ARG C 221 26.01 31.11 0.79
CA ARG C 221 26.67 32.26 1.42
C ARG C 221 27.88 31.88 2.28
N ILE C 222 28.15 30.58 2.42
CA ILE C 222 29.36 30.14 3.11
C ILE C 222 30.53 30.18 2.14
N LEU C 223 30.24 30.31 0.85
CA LEU C 223 31.29 30.35 -0.16
C LEU C 223 32.00 31.71 -0.13
N MET C 224 33.33 31.67 -0.20
CA MET C 224 34.15 32.86 0.01
C MET C 224 34.76 33.39 -1.28
N ALA C 225 34.49 32.73 -2.41
CA ALA C 225 34.97 33.21 -3.70
C ALA C 225 34.23 32.54 -4.85
N LYS C 226 34.21 33.19 -6.01
CA LYS C 226 33.62 32.58 -7.18
C LYS C 226 34.40 31.32 -7.52
N SER C 227 33.70 30.29 -7.98
CA SER C 227 34.33 29.00 -8.16
C SER C 227 35.33 29.01 -9.32
N VAL C 228 36.29 28.10 -9.25
CA VAL C 228 37.20 27.87 -10.34
C VAL C 228 36.75 26.60 -11.05
N LYS C 229 36.83 26.62 -12.38
CA LYS C 229 36.29 25.55 -13.19
C LYS C 229 37.39 24.76 -13.88
N TYR C 230 37.29 23.45 -13.83
CA TYR C 230 38.18 22.57 -14.59
C TYR C 230 37.33 21.72 -15.51
N THR C 231 37.62 21.82 -16.81
CA THR C 231 36.78 21.20 -17.84
C THR C 231 37.44 19.97 -18.46
N VAL C 232 36.66 18.89 -18.52
CA VAL C 232 37.04 17.70 -19.27
C VAL C 232 36.14 17.61 -20.48
N ASN C 233 36.75 17.61 -21.67
CA ASN C 233 35.99 17.42 -22.90
C ASN C 233 36.08 15.94 -23.28
N PHE C 234 34.97 15.23 -23.14
CA PHE C 234 34.95 13.79 -23.30
C PHE C 234 35.16 13.38 -24.77
N LEU C 235 34.88 14.31 -25.69
CA LEU C 235 35.14 14.05 -27.10
C LEU C 235 36.63 14.10 -27.38
N GLU C 236 37.37 14.85 -26.57
CA GLU C 236 38.77 15.12 -26.84
C GLU C 236 39.69 14.31 -25.91
N ALA C 237 39.19 14.01 -24.72
CA ALA C 237 40.01 13.40 -23.68
C ALA C 237 40.33 11.92 -23.92
N LYS C 238 41.49 11.50 -23.43
CA LYS C 238 41.90 10.10 -23.40
C LYS C 238 41.83 9.57 -21.97
N GLU C 239 41.74 8.25 -21.82
CA GLU C 239 41.66 7.63 -20.51
C GLU C 239 42.74 8.14 -19.55
N GLY C 240 43.98 8.17 -20.03
CA GLY C 240 45.11 8.55 -19.21
C GLY C 240 44.96 9.92 -18.60
N ASP C 241 44.14 10.76 -19.22
CA ASP C 241 43.93 12.12 -18.71
C ASP C 241 43.27 12.11 -17.34
N LEU C 242 42.60 11.01 -17.00
CA LEU C 242 41.86 10.94 -15.75
C LEU C 242 42.58 10.18 -14.64
N HIS C 243 43.80 9.71 -14.92
CA HIS C 243 44.61 9.01 -13.93
C HIS C 243 45.23 10.00 -12.95
N ARG C 244 45.55 11.19 -13.45
CA ARG C 244 46.11 12.25 -12.64
C ARG C 244 45.46 13.57 -13.03
N ILE C 245 44.67 14.13 -12.14
CA ILE C 245 43.95 15.36 -12.46
C ILE C 245 44.47 16.48 -11.58
N GLU C 246 45.16 17.43 -12.20
CA GLU C 246 45.73 18.56 -11.46
C GLU C 246 44.92 19.82 -11.71
N ILE C 247 44.30 20.33 -10.66
CA ILE C 247 43.47 21.51 -10.76
C ILE C 247 44.12 22.64 -9.96
N PRO C 248 44.88 23.51 -10.65
CA PRO C 248 45.43 24.67 -9.96
C PRO C 248 44.33 25.69 -9.70
N PHE C 249 44.46 26.49 -8.65
CA PHE C 249 43.46 27.50 -8.37
C PHE C 249 44.04 28.77 -7.78
N LYS C 250 43.39 29.87 -8.14
CA LYS C 250 43.66 31.19 -7.61
C LYS C 250 42.32 31.86 -7.33
N PHE C 251 41.95 31.93 -6.06
CA PHE C 251 40.68 32.51 -5.68
C PHE C 251 40.86 33.96 -5.26
N HIS C 252 39.99 34.82 -5.78
CA HIS C 252 39.94 36.22 -5.39
C HIS C 252 38.82 36.34 -4.36
N MET C 253 39.22 36.48 -3.10
CA MET C 253 38.29 36.38 -1.98
C MET C 253 37.25 37.50 -2.04
N LEU C 254 35.98 37.10 -1.97
CA LEU C 254 34.88 38.04 -2.00
C LEU C 254 34.46 38.45 -0.59
N HIS C 255 34.78 37.59 0.37
CA HIS C 255 34.47 37.83 1.77
C HIS C 255 35.71 37.60 2.64
N SER C 256 35.81 38.35 3.73
CA SER C 256 36.89 38.14 4.69
C SER C 256 36.47 37.08 5.70
N GLY C 257 37.42 36.28 6.15
CA GLY C 257 37.14 35.26 7.15
C GLY C 257 38.08 34.07 7.11
N LEU C 258 37.72 33.04 7.88
CA LEU C 258 38.50 31.81 7.93
C LEU C 258 38.03 30.81 6.87
N VAL C 259 38.96 30.35 6.05
CA VAL C 259 38.71 29.30 5.08
C VAL C 259 38.97 27.96 5.73
N HIS C 260 37.91 27.16 5.85
CA HIS C 260 37.99 25.85 6.49
C HIS C 260 38.21 24.73 5.46
N GLY C 261 38.01 25.05 4.18
CA GLY C 261 38.23 24.06 3.13
C GLY C 261 37.67 24.42 1.77
N LEU C 262 37.62 23.43 0.89
CA LEU C 262 37.14 23.61 -0.47
C LEU C 262 35.85 22.84 -0.72
N ALA C 263 34.90 23.50 -1.39
CA ALA C 263 33.64 22.89 -1.77
C ALA C 263 33.69 22.44 -3.23
N PHE C 264 33.06 21.30 -3.50
CA PHE C 264 33.10 20.68 -4.81
C PHE C 264 31.70 20.39 -5.33
N TRP C 265 31.49 20.70 -6.61
CA TRP C 265 30.33 20.24 -7.35
C TRP C 265 30.73 20.13 -8.83
N PHE C 266 29.82 19.68 -9.67
CA PHE C 266 30.12 19.50 -11.09
C PHE C 266 28.91 19.69 -11.99
N ASP C 267 29.18 20.04 -13.25
CA ASP C 267 28.15 20.12 -14.28
C ASP C 267 28.54 19.22 -15.44
N VAL C 268 27.55 18.73 -16.20
CA VAL C 268 27.84 18.08 -17.47
C VAL C 268 26.97 18.69 -18.55
N ALA C 269 27.49 18.72 -19.78
CA ALA C 269 26.72 19.27 -20.89
C ALA C 269 26.53 18.27 -22.03
N PHE C 270 25.29 18.19 -22.51
CA PHE C 270 24.94 17.42 -23.69
C PHE C 270 24.84 18.37 -24.87
N ILE C 271 25.87 18.37 -25.71
CA ILE C 271 25.98 19.29 -26.83
C ILE C 271 25.48 18.64 -28.11
N GLY C 272 24.19 18.82 -28.40
CA GLY C 272 23.58 18.24 -29.58
C GLY C 272 23.49 19.19 -30.76
N SER C 273 22.96 18.71 -31.86
CA SER C 273 22.86 19.49 -33.09
C SER C 273 21.80 20.58 -32.98
N ILE C 274 20.79 20.35 -32.14
CA ILE C 274 19.68 21.27 -32.01
C ILE C 274 19.91 22.23 -30.85
N MET C 275 20.38 21.70 -29.73
CA MET C 275 20.61 22.52 -28.54
C MET C 275 21.55 21.85 -27.54
N THR C 276 22.14 22.65 -26.67
CA THR C 276 22.97 22.15 -25.57
C THR C 276 22.14 22.09 -24.30
N VAL C 277 22.17 20.93 -23.63
CA VAL C 277 21.43 20.76 -22.38
C VAL C 277 22.39 20.54 -21.22
N TRP C 278 22.19 21.28 -20.14
CA TRP C 278 23.08 21.20 -18.98
C TRP C 278 22.46 20.46 -17.80
N LEU C 279 23.26 19.60 -17.18
CA LEU C 279 22.90 18.99 -15.91
C LEU C 279 23.87 19.50 -14.85
N SER C 280 23.33 20.21 -13.86
CA SER C 280 24.17 20.85 -12.84
C SER C 280 23.86 20.34 -11.44
N THR C 281 24.92 20.17 -10.65
CA THR C 281 24.79 19.78 -9.25
C THR C 281 25.24 20.92 -8.32
N ALA C 282 25.21 22.14 -8.84
CA ALA C 282 25.63 23.31 -8.06
C ALA C 282 24.73 23.50 -6.85
N PRO C 283 25.25 24.13 -5.78
CA PRO C 283 24.44 24.39 -4.59
C PRO C 283 23.38 25.46 -4.83
N THR C 284 23.46 26.14 -5.97
CA THR C 284 22.44 27.12 -6.35
C THR C 284 21.27 26.45 -7.07
N GLU C 285 21.45 25.18 -7.43
CA GLU C 285 20.45 24.44 -8.18
C GLU C 285 19.78 23.40 -7.29
N PRO C 286 18.61 22.89 -7.72
CA PRO C 286 17.93 21.84 -6.94
C PRO C 286 18.85 20.66 -6.62
N LEU C 287 18.69 20.10 -5.44
CA LEU C 287 19.57 19.05 -4.96
C LEU C 287 19.43 17.79 -5.81
N THR C 288 20.56 17.12 -6.07
CA THR C 288 20.58 15.85 -6.77
C THR C 288 21.17 14.79 -5.85
N HIS C 289 21.19 13.53 -6.30
CA HIS C 289 21.73 12.46 -5.48
C HIS C 289 23.26 12.52 -5.36
N TRP C 290 23.89 13.43 -6.09
CA TRP C 290 25.31 13.69 -5.95
C TRP C 290 25.60 14.69 -4.84
N TYR C 291 24.57 15.45 -4.46
CA TYR C 291 24.71 16.50 -3.45
C TYR C 291 25.93 17.36 -3.78
N GLN C 292 26.67 17.81 -2.76
CA GLN C 292 27.96 18.44 -2.98
C GLN C 292 29.00 17.85 -2.04
N VAL C 293 30.27 18.09 -2.33
CA VAL C 293 31.35 17.50 -1.52
C VAL C 293 32.25 18.59 -0.97
N ARG C 294 32.55 18.52 0.32
CA ARG C 294 33.45 19.50 0.93
C ARG C 294 34.66 18.82 1.56
N CYS C 295 35.84 19.36 1.25
CA CYS C 295 37.10 18.90 1.80
C CYS C 295 37.69 19.94 2.73
N LEU C 296 37.86 19.56 4.00
CA LEU C 296 38.41 20.46 5.01
C LEU C 296 39.92 20.60 4.91
N PHE C 297 40.42 21.78 5.27
CA PHE C 297 41.83 21.98 5.55
C PHE C 297 42.13 21.52 6.96
N GLN C 298 43.35 21.02 7.18
CA GLN C 298 43.76 20.61 8.51
C GLN C 298 43.75 21.79 9.47
N SER C 299 44.08 22.97 8.94
CA SER C 299 44.06 24.21 9.70
C SER C 299 43.42 25.33 8.90
N PRO C 300 42.47 26.07 9.49
CA PRO C 300 41.83 27.09 8.66
C PRO C 300 42.79 28.20 8.26
N LEU C 301 42.49 28.87 7.14
CA LEU C 301 43.31 29.99 6.68
C LEU C 301 42.56 31.30 6.77
N PHE C 302 43.13 32.30 7.43
CA PHE C 302 42.47 33.60 7.44
C PHE C 302 42.77 34.32 6.14
N ALA C 303 41.71 34.83 5.52
CA ALA C 303 41.86 35.60 4.31
C ALA C 303 40.97 36.83 4.36
N LYS C 304 41.50 37.94 3.89
CA LYS C 304 40.74 39.17 3.80
C LYS C 304 40.16 39.30 2.40
N ALA C 305 39.04 39.99 2.27
CA ALA C 305 38.47 40.28 0.96
C ALA C 305 39.51 41.01 0.12
N GLY C 306 39.74 40.51 -1.09
CA GLY C 306 40.74 41.09 -1.97
C GLY C 306 42.03 40.29 -1.99
N ASP C 307 42.28 39.52 -0.93
CA ASP C 307 43.44 38.64 -0.89
C ASP C 307 43.24 37.55 -1.94
N THR C 308 44.31 36.85 -2.25
CA THR C 308 44.23 35.72 -3.18
C THR C 308 44.57 34.43 -2.47
N LEU C 309 43.75 33.40 -2.68
CA LEU C 309 44.01 32.10 -2.12
C LEU C 309 44.45 31.21 -3.25
N SER C 310 45.73 30.84 -3.27
CA SER C 310 46.26 30.11 -4.41
C SER C 310 46.75 28.74 -3.99
N GLY C 311 46.65 27.79 -4.91
CA GLY C 311 47.13 26.45 -4.61
C GLY C 311 46.71 25.42 -5.63
N THR C 312 46.70 24.16 -5.22
CA THR C 312 46.40 23.07 -6.13
C THR C 312 45.57 21.98 -5.48
N CYS C 313 44.63 21.46 -6.27
CA CYS C 313 43.90 20.26 -5.93
C CYS C 313 44.31 19.16 -6.90
N LEU C 314 45.01 18.17 -6.38
CA LEU C 314 45.52 17.08 -7.20
C LEU C 314 44.76 15.80 -6.88
N LEU C 315 44.11 15.23 -7.89
CA LEU C 315 43.35 14.01 -7.72
C LEU C 315 44.12 12.86 -8.36
N ILE C 316 44.51 11.90 -7.52
CA ILE C 316 45.30 10.77 -7.96
C ILE C 316 44.48 9.49 -7.90
N ALA C 317 44.23 8.88 -9.05
CA ALA C 317 43.41 7.68 -9.11
C ALA C 317 44.07 6.50 -8.39
N ASN C 318 43.25 5.71 -7.70
CA ASN C 318 43.73 4.51 -7.03
C ASN C 318 42.94 3.29 -7.51
N LYS C 319 43.36 2.10 -7.07
CA LYS C 319 42.78 0.86 -7.55
C LYS C 319 41.50 0.45 -6.83
N ARG C 320 41.02 1.31 -5.94
CA ARG C 320 39.73 1.09 -5.30
C ARG C 320 38.64 1.87 -6.03
N GLN C 321 38.85 2.10 -7.32
CA GLN C 321 37.87 2.78 -8.15
C GLN C 321 37.55 4.15 -7.59
N SER C 322 38.56 4.83 -7.06
CA SER C 322 38.36 6.17 -6.53
C SER C 322 39.65 6.99 -6.62
N TYR C 323 39.69 8.07 -5.86
CA TYR C 323 40.82 9.00 -5.92
C TYR C 323 41.34 9.40 -4.55
N ASP C 324 42.66 9.57 -4.47
CA ASP C 324 43.30 10.24 -3.34
C ASP C 324 43.36 11.73 -3.67
N ILE C 325 42.84 12.55 -2.78
CA ILE C 325 42.71 13.99 -3.00
C ILE C 325 43.79 14.72 -2.23
N SER C 326 44.63 15.47 -2.93
CA SER C 326 45.63 16.30 -2.27
C SER C 326 45.31 17.77 -2.50
N ILE C 327 45.07 18.50 -1.43
CA ILE C 327 44.78 19.93 -1.54
C ILE C 327 45.83 20.73 -0.79
N VAL C 328 46.47 21.66 -1.51
CA VAL C 328 47.38 22.60 -0.87
C VAL C 328 46.93 24.01 -1.24
N ALA C 329 46.80 24.86 -0.23
CA ALA C 329 46.35 26.24 -0.44
C ALA C 329 47.15 27.19 0.43
N GLN C 330 47.43 28.38 -0.10
CA GLN C 330 48.16 29.38 0.64
C GLN C 330 47.60 30.77 0.32
N VAL C 331 47.54 31.61 1.33
CA VAL C 331 47.18 33.02 1.16
C VAL C 331 48.42 33.79 0.73
N ASP C 332 48.42 34.28 -0.51
CA ASP C 332 49.60 34.91 -1.09
C ASP C 332 50.01 36.18 -0.34
N GLN C 333 49.04 36.92 0.18
CA GLN C 333 49.33 38.19 0.84
C GLN C 333 49.94 37.99 2.22
N THR C 334 49.72 36.83 2.82
CA THR C 334 50.12 36.59 4.21
C THR C 334 51.07 35.40 4.37
N GLY C 335 51.08 34.52 3.37
CA GLY C 335 51.91 33.32 3.44
C GLY C 335 51.30 32.23 4.29
N SER C 336 50.07 32.46 4.78
CA SER C 336 49.37 31.46 5.56
C SER C 336 49.12 30.25 4.68
N LYS C 337 49.51 29.06 5.15
CA LYS C 337 49.50 27.88 4.29
C LYS C 337 48.79 26.71 4.98
N SER C 338 47.97 25.99 4.22
CA SER C 338 47.32 24.80 4.73
C SER C 338 47.20 23.72 3.66
N SER C 339 47.25 22.47 4.10
CA SER C 339 47.18 21.33 3.20
C SER C 339 46.33 20.22 3.81
N ASN C 340 45.72 19.40 2.95
CA ASN C 340 45.02 18.22 3.43
C ASN C 340 45.07 17.13 2.36
N LEU C 341 45.05 15.89 2.82
CA LEU C 341 45.01 14.73 1.95
C LEU C 341 43.77 13.92 2.33
N LEU C 342 42.94 13.56 1.35
CA LEU C 342 41.67 12.88 1.62
C LEU C 342 41.44 11.62 0.80
N ASP C 343 40.68 10.69 1.36
CA ASP C 343 40.31 9.45 0.69
C ASP C 343 38.85 9.48 0.24
N LEU C 344 38.64 9.77 -1.03
CA LEU C 344 37.30 9.95 -1.59
C LEU C 344 36.45 8.68 -1.58
N LYS C 345 37.10 7.53 -1.50
CA LYS C 345 36.39 6.25 -1.51
C LYS C 345 35.51 6.11 -0.27
N ASN C 346 35.90 6.80 0.81
CA ASN C 346 35.19 6.68 2.08
C ASN C 346 34.70 8.06 2.54
N PRO C 347 33.67 8.60 1.87
CA PRO C 347 33.16 9.91 2.27
C PRO C 347 32.25 9.82 3.49
N PHE C 348 32.05 10.95 4.17
CA PHE C 348 31.13 11.01 5.29
C PHE C 348 29.82 11.64 4.81
N PHE C 349 28.74 10.86 4.83
CA PHE C 349 27.44 11.36 4.42
C PHE C 349 26.79 12.11 5.57
N ARG C 350 26.81 13.44 5.48
CA ARG C 350 26.41 14.31 6.57
C ARG C 350 24.98 14.84 6.41
N TYR C 351 24.47 14.79 5.18
CA TYR C 351 23.15 15.35 4.87
C TYR C 351 22.06 14.85 5.82
N THR C 352 21.21 15.76 6.27
CA THR C 352 20.16 15.44 7.23
C THR C 352 18.76 15.90 6.79
N GLY C 353 18.70 16.66 5.70
CA GLY C 353 17.43 17.14 5.20
C GLY C 353 17.06 18.53 5.70
N THR C 354 17.70 18.94 6.80
CA THR C 354 17.48 20.27 7.35
C THR C 354 17.95 21.34 6.37
N THR C 355 17.18 22.42 6.26
CA THR C 355 17.57 23.52 5.41
C THR C 355 18.87 24.12 5.92
N PRO C 356 19.88 24.24 5.06
CA PRO C 356 21.15 24.81 5.54
C PRO C 356 21.02 26.27 5.95
N SER C 357 21.73 26.65 7.00
CA SER C 357 21.68 28.03 7.50
C SER C 357 22.82 28.84 6.89
N PRO C 358 22.58 30.14 6.64
CA PRO C 358 23.69 30.98 6.17
C PRO C 358 24.67 31.30 7.29
N PRO C 359 25.91 31.70 6.94
CA PRO C 359 26.87 32.04 7.99
C PRO C 359 26.44 33.27 8.77
N PRO C 360 26.70 33.31 10.09
CA PRO C 360 26.39 34.55 10.82
C PRO C 360 27.56 35.52 10.77
N GLY C 361 27.36 36.84 10.61
CA GLY C 361 26.07 37.46 10.39
C GLY C 361 25.92 37.89 8.93
N SER C 362 24.95 37.31 8.24
CA SER C 362 24.70 37.64 6.85
C SER C 362 23.62 38.71 6.72
N HIS C 363 23.20 39.26 7.87
CA HIS C 363 22.20 40.32 7.89
C HIS C 363 22.86 41.70 7.73
N TYR C 364 22.56 42.37 6.63
CA TYR C 364 23.13 43.69 6.35
C TYR C 364 22.13 44.79 6.73
N THR C 365 20.88 44.38 6.95
CA THR C 365 19.85 45.30 7.44
C THR C 365 19.19 44.69 8.69
N SER C 366 18.59 45.55 9.52
CA SER C 366 18.02 45.11 10.77
C SER C 366 16.92 44.06 10.54
N PRO C 367 17.08 42.86 11.14
CA PRO C 367 16.03 41.85 11.00
C PRO C 367 14.70 42.21 11.68
N SER C 368 14.69 43.22 12.53
CA SER C 368 13.49 43.54 13.29
C SER C 368 12.64 44.64 12.64
N GLU C 369 13.15 45.25 11.58
CA GLU C 369 12.42 46.33 10.93
C GLU C 369 11.30 45.76 10.08
N ASN C 370 11.51 44.56 9.55
CA ASN C 370 10.50 43.88 8.74
C ASN C 370 9.30 43.51 9.60
N SER D 10 43.51 -22.80 5.78
CA SER D 10 43.24 -22.29 7.12
C SER D 10 41.78 -21.91 7.28
N VAL D 11 41.18 -22.34 8.38
CA VAL D 11 39.79 -22.01 8.69
C VAL D 11 39.60 -20.51 8.46
N PHE D 12 38.37 -20.11 8.20
CA PHE D 12 37.98 -18.73 7.86
C PHE D 12 38.16 -18.50 6.37
N SER D 13 39.36 -18.74 5.86
CA SER D 13 39.63 -18.50 4.46
C SER D 13 38.79 -19.46 3.61
N GLU D 14 38.61 -20.67 4.12
CA GLU D 14 37.84 -21.69 3.43
C GLU D 14 36.33 -21.42 3.51
N ARG D 15 35.90 -20.69 4.53
CA ARG D 15 34.48 -20.39 4.70
C ARG D 15 34.14 -18.94 4.36
N THR D 16 35.12 -18.18 3.90
CA THR D 16 34.92 -16.76 3.66
C THR D 16 35.51 -16.32 2.33
N GLU D 17 34.68 -15.71 1.50
CA GLU D 17 35.16 -15.09 0.28
C GLU D 17 36.08 -13.94 0.68
N GLU D 18 37.24 -13.84 0.03
CA GLU D 18 38.23 -12.83 0.39
C GLU D 18 37.66 -11.43 0.30
N SER D 19 36.91 -11.17 -0.76
CA SER D 19 36.35 -9.84 -1.02
C SER D 19 35.58 -9.34 0.19
N SER D 20 34.76 -10.21 0.79
CA SER D 20 33.98 -9.86 1.97
C SER D 20 34.89 -9.57 3.18
N ALA D 21 35.85 -10.45 3.40
CA ALA D 21 36.75 -10.35 4.55
C ALA D 21 37.57 -9.08 4.50
N VAL D 22 38.06 -8.73 3.31
CA VAL D 22 38.88 -7.53 3.14
C VAL D 22 38.08 -6.32 3.61
N GLN D 23 36.89 -6.14 3.05
CA GLN D 23 36.04 -5.01 3.41
C GLN D 23 35.68 -5.09 4.89
N TYR D 24 35.43 -6.30 5.37
CA TYR D 24 35.06 -6.54 6.76
C TYR D 24 36.12 -6.06 7.75
N PHE D 25 37.37 -6.48 7.55
CA PHE D 25 38.43 -6.10 8.49
C PHE D 25 38.92 -4.69 8.20
N GLN D 26 38.73 -4.24 6.96
CA GLN D 26 38.96 -2.84 6.61
C GLN D 26 38.01 -1.94 7.40
N PHE D 27 36.75 -2.37 7.48
CA PHE D 27 35.72 -1.66 8.21
C PHE D 27 36.09 -1.41 9.67
N TYR D 28 36.58 -2.45 10.34
CA TYR D 28 36.86 -2.36 11.77
C TYR D 28 38.20 -1.72 12.08
N GLY D 29 38.95 -1.37 11.03
CA GLY D 29 40.19 -0.64 11.20
C GLY D 29 39.96 0.84 11.46
N TYR D 30 38.72 1.27 11.32
CA TYR D 30 38.36 2.67 11.55
C TYR D 30 38.03 2.93 13.02
N LEU D 31 38.68 3.96 13.56
CA LEU D 31 38.47 4.37 14.95
C LEU D 31 37.03 4.81 15.21
N SER D 32 36.38 5.39 14.21
CA SER D 32 35.01 5.87 14.36
C SER D 32 34.01 4.75 14.69
N GLN D 33 34.23 3.57 14.14
CA GLN D 33 33.34 2.44 14.42
C GLN D 33 33.58 1.90 15.81
N GLN D 34 34.86 1.86 16.20
CA GLN D 34 35.22 1.47 17.55
C GLN D 34 34.58 2.45 18.52
N GLN D 35 34.67 3.73 18.20
CA GLN D 35 34.04 4.76 19.02
C GLN D 35 32.54 4.53 19.12
N ASN D 36 31.90 4.28 17.97
CA ASN D 36 30.46 4.06 17.95
C ASN D 36 30.08 2.86 18.83
N MET D 37 30.84 1.78 18.76
CA MET D 37 30.55 0.61 19.59
C MET D 37 30.83 0.89 21.07
N MET D 38 31.97 1.52 21.35
CA MET D 38 32.34 1.84 22.73
C MET D 38 31.33 2.79 23.38
N GLN D 39 30.76 3.68 22.58
CA GLN D 39 29.81 4.66 23.09
C GLN D 39 28.43 4.04 23.30
N ASP D 40 28.29 2.76 22.95
CA ASP D 40 27.10 2.00 23.33
C ASP D 40 27.26 1.64 24.80
N TYR D 41 26.66 2.45 25.66
CA TYR D 41 26.91 2.36 27.10
C TYR D 41 26.40 1.06 27.72
N VAL D 42 25.24 0.60 27.25
CA VAL D 42 24.66 -0.65 27.75
C VAL D 42 25.65 -1.79 27.53
N ARG D 43 26.14 -1.90 26.30
CA ARG D 43 27.05 -2.95 25.90
C ARG D 43 28.33 -2.95 26.75
N THR D 44 29.04 -1.83 26.71
CA THR D 44 30.34 -1.71 27.35
C THR D 44 30.19 -1.81 28.87
N GLY D 45 29.19 -1.13 29.41
CA GLY D 45 28.95 -1.16 30.84
C GLY D 45 28.53 -2.53 31.34
N THR D 46 27.71 -3.23 30.55
CA THR D 46 27.25 -4.55 30.94
C THR D 46 28.43 -5.51 30.90
N TYR D 47 29.27 -5.41 29.87
CA TYR D 47 30.48 -6.22 29.80
C TYR D 47 31.42 -5.96 30.98
N GLN D 48 31.68 -4.69 31.27
CA GLN D 48 32.58 -4.36 32.38
C GLN D 48 32.01 -4.85 33.71
N ARG D 49 30.70 -4.65 33.90
CA ARG D 49 30.05 -5.10 35.11
C ARG D 49 30.17 -6.62 35.23
N ALA D 50 29.88 -7.30 34.12
CA ALA D 50 29.93 -8.76 34.07
C ALA D 50 31.33 -9.28 34.40
N ILE D 51 32.35 -8.65 33.84
CA ILE D 51 33.71 -9.09 34.06
C ILE D 51 34.18 -8.77 35.48
N LEU D 52 33.96 -7.53 35.93
CA LEU D 52 34.50 -7.10 37.21
C LEU D 52 33.79 -7.74 38.40
N GLN D 53 32.48 -7.93 38.31
CA GLN D 53 31.77 -8.56 39.43
C GLN D 53 32.11 -10.04 39.52
N ASN D 54 32.63 -10.62 38.44
CA ASN D 54 33.10 -11.99 38.46
C ASN D 54 34.63 -12.03 38.38
N HIS D 55 35.27 -11.17 39.18
CA HIS D 55 36.72 -11.00 39.14
C HIS D 55 37.46 -12.32 39.43
N THR D 56 36.82 -13.20 40.19
CA THR D 56 37.45 -14.46 40.58
C THR D 56 37.62 -15.42 39.42
N ASP D 57 36.87 -15.20 38.34
CA ASP D 57 37.03 -15.99 37.12
C ASP D 57 38.20 -15.48 36.30
N PHE D 58 38.77 -14.36 36.74
CA PHE D 58 39.84 -13.69 36.02
C PHE D 58 41.09 -13.55 36.89
N LYS D 59 40.90 -13.51 38.20
CA LYS D 59 41.99 -13.27 39.14
C LYS D 59 43.17 -14.22 38.89
N ASP D 60 44.31 -13.65 38.53
CA ASP D 60 45.53 -14.43 38.32
C ASP D 60 45.34 -15.49 37.24
N LYS D 61 44.41 -15.22 36.31
CA LYS D 61 44.10 -16.16 35.24
C LYS D 61 44.75 -15.75 33.92
N ILE D 62 44.78 -16.70 32.98
CA ILE D 62 45.17 -16.42 31.60
C ILE D 62 43.89 -16.24 30.80
N VAL D 63 43.85 -15.16 30.02
CA VAL D 63 42.63 -14.80 29.29
C VAL D 63 42.91 -14.70 27.80
N LEU D 64 41.92 -15.10 26.99
CA LEU D 64 41.98 -14.85 25.55
C LEU D 64 40.85 -13.93 25.13
N ASP D 65 41.19 -12.80 24.53
CA ASP D 65 40.19 -11.87 24.01
C ASP D 65 40.10 -12.03 22.49
N VAL D 66 39.01 -12.63 22.02
CA VAL D 66 38.87 -12.90 20.59
C VAL D 66 38.29 -11.67 19.91
N GLY D 67 39.12 -10.99 19.12
CA GLY D 67 38.69 -9.77 18.46
C GLY D 67 38.64 -8.61 19.43
N CYS D 68 39.81 -8.23 19.94
CA CYS D 68 39.90 -7.27 21.04
C CYS D 68 39.54 -5.86 20.58
N GLY D 69 39.59 -5.62 19.27
CA GLY D 69 39.30 -4.31 18.73
C GLY D 69 40.19 -3.25 19.34
N SER D 70 39.57 -2.28 20.00
CA SER D 70 40.32 -1.24 20.70
C SER D 70 41.10 -1.81 21.87
N GLY D 71 40.68 -2.98 22.34
CA GLY D 71 41.33 -3.63 23.48
C GLY D 71 40.55 -3.50 24.77
N ILE D 72 39.39 -2.85 24.69
CA ILE D 72 38.61 -2.48 25.86
C ILE D 72 38.34 -3.68 26.79
N LEU D 73 37.96 -4.81 26.21
CA LEU D 73 37.63 -5.99 26.99
C LEU D 73 38.87 -6.54 27.70
N SER D 74 40.02 -6.42 27.03
CA SER D 74 41.28 -6.85 27.63
C SER D 74 41.60 -5.99 28.84
N PHE D 75 41.31 -4.69 28.73
CA PHE D 75 41.50 -3.77 29.84
C PHE D 75 40.57 -4.13 30.98
N PHE D 76 39.32 -4.47 30.64
CA PHE D 76 38.39 -4.96 31.66
C PHE D 76 38.95 -6.21 32.33
N ALA D 77 39.50 -7.12 31.52
CA ALA D 77 40.12 -8.34 32.05
C ALA D 77 41.31 -7.99 32.95
N ALA D 78 42.08 -6.98 32.56
CA ALA D 78 43.23 -6.54 33.33
C ALA D 78 42.80 -5.96 34.68
N GLN D 79 41.73 -5.17 34.66
CA GLN D 79 41.18 -4.59 35.89
C GLN D 79 40.71 -5.68 36.86
N ALA D 80 40.25 -6.80 36.32
CA ALA D 80 39.71 -7.89 37.14
C ALA D 80 40.80 -8.78 37.73
N GLY D 81 42.06 -8.52 37.38
CA GLY D 81 43.18 -9.22 38.00
C GLY D 81 43.80 -10.36 37.20
N ALA D 82 43.55 -10.40 35.90
CA ALA D 82 44.13 -11.43 35.03
C ALA D 82 45.66 -11.36 35.07
N ARG D 83 46.30 -12.52 34.98
CA ARG D 83 47.76 -12.57 35.00
C ARG D 83 48.31 -12.18 33.64
N LYS D 84 47.63 -12.64 32.60
CA LYS D 84 48.05 -12.37 31.23
C LYS D 84 46.86 -12.47 30.29
N ILE D 85 46.74 -11.51 29.39
CA ILE D 85 45.65 -11.49 28.43
C ILE D 85 46.22 -11.44 27.03
N TYR D 86 45.91 -12.45 26.24
CA TYR D 86 46.30 -12.46 24.83
C TYR D 86 45.15 -11.88 24.03
N ALA D 87 45.40 -10.73 23.41
CA ALA D 87 44.37 -9.98 22.70
C ALA D 87 44.56 -10.08 21.19
N VAL D 88 43.71 -10.89 20.55
CA VAL D 88 43.84 -11.16 19.13
C VAL D 88 42.94 -10.24 18.30
N GLU D 89 43.52 -9.63 17.28
CA GLU D 89 42.80 -8.71 16.41
C GLU D 89 43.39 -8.75 15.00
N ALA D 90 42.52 -8.95 14.01
CA ALA D 90 42.96 -9.14 12.63
C ALA D 90 43.02 -7.84 11.83
N SER D 91 42.24 -6.84 12.25
CA SER D 91 42.23 -5.56 11.55
C SER D 91 43.40 -4.70 12.01
N THR D 92 43.58 -3.56 11.34
CA THR D 92 44.66 -2.66 11.67
C THR D 92 44.43 -1.97 13.02
N MET D 93 43.23 -2.14 13.57
CA MET D 93 42.94 -1.60 14.90
C MET D 93 43.96 -2.14 15.90
N ALA D 94 44.46 -3.33 15.60
CA ALA D 94 45.49 -3.97 16.42
C ALA D 94 46.66 -3.03 16.66
N GLN D 95 46.98 -2.19 15.69
CA GLN D 95 48.09 -1.27 15.87
C GLN D 95 47.72 -0.21 16.90
N HIS D 96 46.44 0.14 16.96
CA HIS D 96 45.98 1.16 17.90
C HIS D 96 45.83 0.61 19.32
N ALA D 97 45.41 -0.65 19.42
CA ALA D 97 45.22 -1.29 20.72
C ALA D 97 46.53 -1.33 21.50
N GLU D 98 47.62 -1.66 20.82
CA GLU D 98 48.92 -1.71 21.47
C GLU D 98 49.31 -0.33 22.04
N VAL D 99 48.97 0.72 21.30
CA VAL D 99 49.25 2.08 21.76
C VAL D 99 48.55 2.32 23.09
N LEU D 100 47.31 1.86 23.20
CA LEU D 100 46.54 2.04 24.43
C LEU D 100 47.12 1.18 25.55
N VAL D 101 47.61 -0.01 25.22
CA VAL D 101 48.21 -0.89 26.21
C VAL D 101 49.42 -0.22 26.83
N LYS D 102 50.26 0.39 25.99
CA LYS D 102 51.45 1.07 26.48
C LYS D 102 51.13 2.35 27.27
N SER D 103 50.20 3.14 26.77
CA SER D 103 49.89 4.41 27.41
C SER D 103 49.18 4.17 28.75
N ASN D 104 48.63 2.97 28.92
CA ASN D 104 48.00 2.60 30.19
C ASN D 104 48.90 1.72 31.06
N ASN D 105 50.17 1.57 30.66
CA ASN D 105 51.14 0.82 31.45
C ASN D 105 50.66 -0.59 31.81
N LEU D 106 50.14 -1.31 30.83
CA LEU D 106 49.64 -2.68 31.05
C LEU D 106 50.33 -3.68 30.13
N THR D 107 51.53 -3.34 29.65
CA THR D 107 52.25 -4.21 28.73
C THR D 107 52.63 -5.55 29.38
N ASP D 108 52.71 -5.55 30.71
CA ASP D 108 53.08 -6.77 31.43
C ASP D 108 51.90 -7.73 31.55
N ARG D 109 50.71 -7.28 31.14
CA ARG D 109 49.50 -8.08 31.35
C ARG D 109 48.69 -8.26 30.06
N ILE D 110 48.73 -7.26 29.18
CA ILE D 110 48.01 -7.37 27.91
C ILE D 110 49.01 -7.51 26.77
N VAL D 111 48.86 -8.59 26.00
CA VAL D 111 49.72 -8.85 24.84
C VAL D 111 48.85 -8.89 23.59
N VAL D 112 49.02 -7.90 22.73
CA VAL D 112 48.28 -7.85 21.48
C VAL D 112 48.94 -8.79 20.48
N ILE D 113 48.13 -9.67 19.87
CA ILE D 113 48.62 -10.60 18.87
C ILE D 113 47.90 -10.28 17.56
N PRO D 114 48.59 -9.61 16.62
CA PRO D 114 47.94 -9.29 15.35
C PRO D 114 47.69 -10.51 14.47
N GLY D 115 46.47 -10.62 13.94
CA GLY D 115 46.12 -11.70 13.06
C GLY D 115 44.75 -12.29 13.36
N LYS D 116 44.34 -13.26 12.54
CA LYS D 116 43.06 -13.93 12.72
C LYS D 116 43.23 -15.02 13.76
N VAL D 117 42.22 -15.18 14.63
CA VAL D 117 42.31 -16.13 15.73
C VAL D 117 42.45 -17.54 15.20
N GLU D 118 42.01 -17.75 13.95
CA GLU D 118 42.14 -19.04 13.31
C GLU D 118 43.56 -19.35 12.86
N GLU D 119 44.44 -18.35 12.91
CA GLU D 119 45.75 -18.46 12.29
C GLU D 119 46.94 -18.19 13.23
N VAL D 120 46.70 -17.47 14.32
CA VAL D 120 47.79 -17.08 15.21
C VAL D 120 48.21 -18.23 16.13
N SER D 121 49.41 -18.11 16.69
CA SER D 121 49.92 -19.07 17.67
C SER D 121 50.02 -18.42 19.04
N LEU D 122 49.40 -19.06 20.04
CA LEU D 122 49.47 -18.58 21.42
C LEU D 122 50.52 -19.36 22.22
N PRO D 123 51.19 -18.69 23.19
CA PRO D 123 52.24 -19.40 23.93
C PRO D 123 51.70 -20.47 24.88
N GLU D 124 50.44 -20.36 25.29
CA GLU D 124 49.89 -21.28 26.27
C GLU D 124 48.36 -21.40 26.17
N GLN D 125 47.81 -22.40 26.83
CA GLN D 125 46.36 -22.56 26.91
C GLN D 125 45.81 -21.50 27.88
N VAL D 126 44.54 -21.16 27.74
CA VAL D 126 43.96 -20.09 28.54
C VAL D 126 42.88 -20.64 29.46
N ASP D 127 42.60 -19.89 30.54
CA ASP D 127 41.61 -20.29 31.53
C ASP D 127 40.22 -19.83 31.12
N ILE D 128 40.16 -18.76 30.35
CA ILE D 128 38.88 -18.17 29.97
C ILE D 128 38.98 -17.39 28.66
N ILE D 129 37.92 -17.49 27.86
CA ILE D 129 37.84 -16.73 26.61
C ILE D 129 36.77 -15.65 26.74
N ILE D 130 37.13 -14.44 26.35
CA ILE D 130 36.19 -13.33 26.28
C ILE D 130 36.09 -12.83 24.84
N SER D 131 34.91 -12.35 24.48
CA SER D 131 34.66 -11.81 23.16
C SER D 131 33.31 -11.10 23.10
N GLU D 132 33.17 -10.23 22.10
CA GLU D 132 31.88 -9.64 21.79
C GLU D 132 31.60 -9.91 20.31
N PRO D 133 31.15 -11.14 20.00
CA PRO D 133 30.99 -11.56 18.61
C PRO D 133 29.56 -11.49 18.09
N MET D 134 28.65 -10.93 18.87
CA MET D 134 27.25 -10.91 18.47
C MET D 134 27.00 -9.86 17.41
N GLY D 135 26.28 -10.26 16.36
CA GLY D 135 25.84 -9.34 15.32
C GLY D 135 24.35 -9.22 15.31
N TYR D 136 23.80 -8.59 14.28
CA TYR D 136 22.36 -8.57 14.06
C TYR D 136 21.84 -10.01 14.14
N MET D 137 20.68 -10.18 14.76
CA MET D 137 20.09 -11.50 14.98
C MET D 137 21.11 -12.44 15.63
N LEU D 138 22.01 -11.87 16.44
CA LEU D 138 23.05 -12.63 17.12
C LEU D 138 24.11 -13.21 16.16
N PHE D 139 23.67 -13.86 15.08
CA PHE D 139 24.57 -14.67 14.25
C PHE D 139 25.29 -13.92 13.13
N ASN D 140 24.82 -12.72 12.80
CA ASN D 140 25.42 -11.97 11.68
C ASN D 140 26.92 -11.74 11.90
N GLU D 141 27.66 -11.76 10.78
CA GLU D 141 29.12 -11.57 10.74
C GLU D 141 29.86 -12.89 10.99
N ARG D 142 29.15 -13.89 11.50
CA ARG D 142 29.71 -15.22 11.68
C ARG D 142 30.96 -15.22 12.56
N MET D 143 31.05 -14.24 13.47
CA MET D 143 32.19 -14.16 14.37
C MET D 143 32.06 -15.17 15.51
N LEU D 144 30.83 -15.63 15.74
CA LEU D 144 30.58 -16.64 16.76
C LEU D 144 31.37 -17.91 16.44
N GLU D 145 31.59 -18.16 15.15
CA GLU D 145 32.35 -19.32 14.72
C GLU D 145 33.82 -19.18 15.12
N SER D 146 34.34 -17.96 15.03
CA SER D 146 35.69 -17.68 15.47
C SER D 146 35.77 -17.81 16.99
N TYR D 147 34.74 -17.28 17.65
CA TYR D 147 34.63 -17.35 19.10
C TYR D 147 34.66 -18.82 19.56
N LEU D 148 33.88 -19.67 18.91
CA LEU D 148 33.87 -21.09 19.24
C LEU D 148 35.18 -21.76 18.80
N HIS D 149 35.70 -21.34 17.65
CA HIS D 149 36.97 -21.87 17.15
C HIS D 149 38.08 -21.65 18.15
N ALA D 150 38.08 -20.49 18.80
CA ALA D 150 39.11 -20.16 19.77
C ALA D 150 39.20 -21.14 20.95
N LYS D 151 38.22 -22.01 21.12
CA LYS D 151 38.25 -22.97 22.22
C LYS D 151 39.38 -23.99 22.10
N LYS D 152 40.03 -24.03 20.94
CA LYS D 152 41.21 -24.89 20.78
C LYS D 152 42.31 -24.44 21.72
N TYR D 153 42.23 -23.20 22.20
CA TYR D 153 43.17 -22.66 23.16
C TYR D 153 42.65 -22.75 24.59
N LEU D 154 41.44 -23.29 24.74
CA LEU D 154 40.78 -23.32 26.04
C LEU D 154 41.09 -24.59 26.82
N LYS D 155 41.40 -24.42 28.11
CA LYS D 155 41.63 -25.56 28.99
C LYS D 155 40.35 -26.39 29.14
N PRO D 156 40.49 -27.69 29.42
CA PRO D 156 39.32 -28.57 29.59
C PRO D 156 38.27 -28.04 30.57
N SER D 157 38.66 -27.21 31.52
CA SER D 157 37.73 -26.68 32.52
C SER D 157 37.66 -25.16 32.50
N GLY D 158 37.98 -24.57 31.36
CA GLY D 158 37.94 -23.13 31.19
C GLY D 158 36.54 -22.59 30.98
N ASN D 159 36.42 -21.26 30.99
CA ASN D 159 35.13 -20.60 30.86
C ASN D 159 35.05 -19.67 29.65
N MET D 160 33.83 -19.29 29.30
CA MET D 160 33.59 -18.37 28.19
C MET D 160 32.67 -17.24 28.61
N PHE D 161 33.06 -16.02 28.26
CA PHE D 161 32.30 -14.81 28.55
C PHE D 161 32.02 -14.06 27.26
N PRO D 162 30.77 -14.12 26.74
CA PRO D 162 29.55 -14.73 27.28
C PRO D 162 29.52 -16.25 27.26
N THR D 163 28.65 -16.82 28.07
CA THR D 163 28.56 -18.28 28.21
C THR D 163 27.48 -18.89 27.32
N ILE D 164 26.33 -18.23 27.23
CA ILE D 164 25.23 -18.72 26.41
C ILE D 164 24.58 -17.57 25.65
N GLY D 165 23.88 -17.92 24.58
CA GLY D 165 23.17 -16.95 23.78
C GLY D 165 21.73 -17.34 23.47
N ASP D 166 20.82 -16.40 23.69
CA ASP D 166 19.40 -16.57 23.41
C ASP D 166 19.04 -15.81 22.15
N VAL D 167 18.40 -16.48 21.20
CA VAL D 167 17.79 -15.78 20.09
C VAL D 167 16.29 -15.96 20.30
N HIS D 168 15.54 -14.85 20.29
CA HIS D 168 14.11 -14.90 20.53
C HIS D 168 13.31 -14.57 19.26
N LEU D 169 12.23 -15.30 19.05
CA LEU D 169 11.37 -15.07 17.87
C LEU D 169 9.95 -14.79 18.34
N ALA D 170 9.25 -13.89 17.65
CA ALA D 170 7.85 -13.65 17.95
C ALA D 170 7.13 -13.03 16.76
N PRO D 171 5.88 -13.44 16.51
CA PRO D 171 5.15 -12.83 15.40
C PRO D 171 4.72 -11.41 15.72
N PHE D 172 4.71 -10.52 14.72
CA PHE D 172 4.31 -9.15 14.98
C PHE D 172 3.31 -8.63 13.95
N THR D 173 2.59 -7.57 14.31
CA THR D 173 1.73 -6.86 13.38
C THR D 173 2.21 -5.43 13.23
N ASP D 174 2.43 -5.02 11.99
CA ASP D 174 2.84 -3.64 11.70
C ASP D 174 2.48 -3.30 10.27
N GLU D 175 1.25 -2.86 10.08
CA GLU D 175 0.72 -2.55 8.76
C GLU D 175 1.54 -1.45 8.08
N GLN D 176 2.01 -0.50 8.89
CA GLN D 176 2.69 0.68 8.37
C GLN D 176 4.00 0.30 7.70
N LEU D 177 4.75 -0.58 8.35
CA LEU D 177 6.02 -1.06 7.81
C LEU D 177 5.82 -1.84 6.52
N TYR D 178 4.84 -2.74 6.54
CA TYR D 178 4.55 -3.57 5.38
C TYR D 178 4.18 -2.72 4.18
N MET D 179 3.23 -1.81 4.34
CA MET D 179 2.84 -0.97 3.24
C MET D 179 4.00 -0.04 2.87
N GLU D 180 4.78 0.38 3.86
CA GLU D 180 5.98 1.18 3.58
C GLU D 180 6.89 0.46 2.58
N GLN D 181 7.14 -0.83 2.82
CA GLN D 181 7.97 -1.62 1.89
C GLN D 181 7.26 -1.87 0.55
N PHE D 182 5.96 -2.10 0.61
CA PHE D 182 5.19 -2.39 -0.59
C PHE D 182 5.13 -1.14 -1.49
N THR D 183 5.08 0.03 -0.87
CA THR D 183 5.07 1.30 -1.60
C THR D 183 6.36 1.45 -2.38
N LYS D 184 7.47 1.05 -1.75
CA LYS D 184 8.77 1.12 -2.39
C LYS D 184 8.82 0.13 -3.54
N ALA D 185 8.34 -1.09 -3.30
CA ALA D 185 8.38 -2.11 -4.35
C ALA D 185 7.45 -1.72 -5.49
N ASN D 186 6.39 -0.98 -5.19
CA ASN D 186 5.40 -0.58 -6.20
C ASN D 186 5.92 0.44 -7.20
N PHE D 187 7.11 1.00 -6.97
CA PHE D 187 7.75 1.85 -7.97
C PHE D 187 7.84 1.12 -9.31
N TRP D 188 8.13 -0.17 -9.23
CA TRP D 188 8.35 -1.01 -10.40
C TRP D 188 7.03 -1.45 -11.04
N TYR D 189 5.92 -0.96 -10.50
CA TYR D 189 4.59 -1.24 -11.05
C TYR D 189 4.21 -0.24 -12.12
N GLN D 190 4.97 0.84 -12.24
CA GLN D 190 4.63 1.88 -13.20
C GLN D 190 4.59 1.34 -14.63
N PRO D 191 3.49 1.60 -15.35
CA PRO D 191 3.41 1.12 -16.73
C PRO D 191 4.08 2.07 -17.70
N SER D 192 4.39 3.28 -17.22
CA SER D 192 4.97 4.30 -18.07
C SER D 192 5.80 5.30 -17.27
N PHE D 193 6.90 4.83 -16.70
CA PHE D 193 7.89 5.70 -16.07
C PHE D 193 8.70 6.39 -17.14
N HIS D 194 8.44 7.68 -17.36
CA HIS D 194 9.05 8.43 -18.45
C HIS D 194 8.86 7.66 -19.77
N GLY D 195 7.70 7.03 -19.92
CA GLY D 195 7.37 6.31 -21.13
C GLY D 195 7.79 4.85 -21.16
N VAL D 196 8.38 4.37 -20.07
CA VAL D 196 8.89 3.00 -20.01
C VAL D 196 8.03 2.15 -19.06
N ASP D 197 7.65 0.97 -19.54
CA ASP D 197 6.91 0.02 -18.71
C ASP D 197 7.87 -0.78 -17.84
N LEU D 198 7.80 -0.54 -16.54
CA LEU D 198 8.70 -1.19 -15.59
C LEU D 198 8.06 -2.43 -14.96
N SER D 199 6.76 -2.62 -15.22
CA SER D 199 5.95 -3.57 -14.46
C SER D 199 6.54 -4.98 -14.48
N ALA D 200 7.19 -5.35 -15.58
CA ALA D 200 7.70 -6.71 -15.74
C ALA D 200 8.70 -7.07 -14.64
N LEU D 201 9.29 -6.07 -14.01
CA LEU D 201 10.30 -6.31 -12.96
C LEU D 201 9.74 -6.15 -11.55
N ARG D 202 8.45 -5.87 -11.42
CA ARG D 202 7.91 -5.61 -10.09
C ARG D 202 8.02 -6.83 -9.18
N GLY D 203 7.79 -8.02 -9.73
CA GLY D 203 7.91 -9.23 -8.94
C GLY D 203 9.31 -9.38 -8.37
N ALA D 204 10.32 -9.07 -9.18
CA ALA D 204 11.70 -9.11 -8.76
C ALA D 204 11.97 -8.04 -7.69
N ALA D 205 11.33 -6.89 -7.84
CA ALA D 205 11.52 -5.77 -6.92
C ALA D 205 10.93 -6.09 -5.54
N VAL D 206 9.72 -6.62 -5.51
CA VAL D 206 9.09 -7.02 -4.25
C VAL D 206 9.99 -8.01 -3.53
N ASP D 207 10.48 -9.00 -4.28
CA ASP D 207 11.35 -10.02 -3.72
C ASP D 207 12.59 -9.39 -3.10
N GLU D 208 13.21 -8.45 -3.82
CA GLU D 208 14.43 -7.83 -3.34
C GLU D 208 14.20 -7.04 -2.05
N TYR D 209 13.15 -6.23 -2.03
CA TYR D 209 12.86 -5.38 -0.87
C TYR D 209 12.50 -6.20 0.36
N PHE D 210 11.71 -7.25 0.19
CA PHE D 210 11.25 -8.06 1.30
C PHE D 210 12.32 -9.02 1.82
N ARG D 211 13.36 -9.22 1.03
CA ARG D 211 14.53 -10.02 1.42
C ARG D 211 15.42 -9.23 2.40
N GLN D 212 15.08 -7.96 2.62
CA GLN D 212 15.85 -7.12 3.54
C GLN D 212 15.28 -7.21 4.95
N PRO D 213 16.08 -7.70 5.90
CA PRO D 213 15.60 -7.60 7.28
C PRO D 213 15.53 -6.16 7.74
N VAL D 214 14.53 -5.81 8.54
CA VAL D 214 14.35 -4.44 8.99
C VAL D 214 14.99 -4.27 10.36
N VAL D 215 16.02 -3.45 10.42
CA VAL D 215 16.73 -3.18 11.67
C VAL D 215 16.20 -1.89 12.29
N ASP D 216 15.56 -2.02 13.45
CA ASP D 216 15.09 -0.87 14.20
C ASP D 216 14.46 -1.37 15.49
N THR D 217 13.78 -0.48 16.20
CA THR D 217 13.07 -0.86 17.41
C THR D 217 11.57 -0.73 17.20
N PHE D 218 10.79 -1.17 18.18
CA PHE D 218 9.35 -1.16 18.06
C PHE D 218 8.71 -1.29 19.43
N ASP D 219 7.46 -0.88 19.53
CA ASP D 219 6.69 -1.06 20.75
C ASP D 219 6.30 -2.53 20.87
N ILE D 220 6.46 -3.10 22.05
CA ILE D 220 6.23 -4.52 22.26
C ILE D 220 4.78 -4.93 22.02
N ARG D 221 3.87 -3.97 21.96
CA ARG D 221 2.45 -4.31 21.83
C ARG D 221 2.14 -4.78 20.42
N ILE D 222 3.11 -4.72 19.51
CA ILE D 222 2.91 -5.22 18.16
C ILE D 222 3.10 -6.74 18.12
N LEU D 223 3.65 -7.29 19.19
CA LEU D 223 3.88 -8.73 19.27
C LEU D 223 2.56 -9.46 19.54
N MET D 224 2.36 -10.55 18.81
CA MET D 224 1.08 -11.25 18.78
C MET D 224 1.11 -12.56 19.57
N ALA D 225 2.29 -12.88 20.11
CA ALA D 225 2.46 -14.10 20.89
C ALA D 225 3.74 -14.03 21.72
N LYS D 226 3.79 -14.82 22.79
CA LYS D 226 4.99 -14.93 23.60
C LYS D 226 6.11 -15.49 22.72
N SER D 227 7.33 -15.00 22.93
CA SER D 227 8.43 -15.36 22.06
C SER D 227 8.84 -16.81 22.23
N VAL D 228 9.45 -17.37 21.19
CA VAL D 228 10.07 -18.68 21.28
C VAL D 228 11.58 -18.46 21.38
N LYS D 229 12.24 -19.28 22.19
CA LYS D 229 13.65 -19.09 22.49
C LYS D 229 14.49 -20.20 21.89
N TYR D 230 15.58 -19.82 21.25
CA TYR D 230 16.57 -20.80 20.79
C TYR D 230 17.94 -20.46 21.39
N THR D 231 18.51 -21.42 22.10
CA THR D 231 19.72 -21.20 22.88
C THR D 231 20.97 -21.85 22.28
N VAL D 232 22.04 -21.07 22.21
CA VAL D 232 23.35 -21.62 21.86
C VAL D 232 24.23 -21.59 23.11
N ASN D 233 24.72 -22.77 23.50
CA ASN D 233 25.63 -22.89 24.63
C ASN D 233 27.07 -22.89 24.10
N PHE D 234 27.78 -21.78 24.35
CA PHE D 234 29.11 -21.59 23.77
C PHE D 234 30.15 -22.53 24.35
N LEU D 235 29.89 -23.04 25.56
CA LEU D 235 30.80 -24.00 26.18
C LEU D 235 30.68 -25.37 25.52
N GLU D 236 29.51 -25.65 24.96
CA GLU D 236 29.21 -26.97 24.41
C GLU D 236 29.19 -26.97 22.88
N ALA D 237 28.90 -25.82 22.28
CA ALA D 237 28.68 -25.76 20.85
C ALA D 237 29.96 -25.97 20.06
N LYS D 238 29.82 -26.53 18.87
CA LYS D 238 30.92 -26.71 17.95
C LYS D 238 30.78 -25.68 16.82
N GLU D 239 31.90 -25.34 16.18
CA GLU D 239 31.88 -24.37 15.10
C GLU D 239 30.87 -24.78 14.02
N GLY D 240 30.93 -26.05 13.63
CA GLY D 240 30.09 -26.58 12.57
C GLY D 240 28.61 -26.37 12.83
N ASP D 241 28.25 -26.21 14.09
CA ASP D 241 26.85 -26.02 14.47
C ASP D 241 26.28 -24.73 13.91
N LEU D 242 27.14 -23.79 13.53
CA LEU D 242 26.65 -22.48 13.10
C LEU D 242 26.56 -22.35 11.58
N HIS D 243 26.88 -23.44 10.87
CA HIS D 243 26.79 -23.44 9.42
C HIS D 243 25.33 -23.59 8.99
N ARG D 244 24.56 -24.34 9.77
CA ARG D 244 23.14 -24.55 9.50
C ARG D 244 22.36 -24.53 10.81
N ILE D 245 21.53 -23.51 10.99
CA ILE D 245 20.79 -23.36 12.24
C ILE D 245 19.31 -23.52 11.96
N GLU D 246 18.71 -24.60 12.47
CA GLU D 246 17.29 -24.84 12.27
C GLU D 246 16.53 -24.55 13.56
N ILE D 247 15.66 -23.54 13.50
CA ILE D 247 14.90 -23.10 14.65
C ILE D 247 13.41 -23.34 14.43
N PRO D 248 12.89 -24.47 14.95
CA PRO D 248 11.45 -24.71 14.85
C PRO D 248 10.67 -23.80 15.79
N PHE D 249 9.43 -23.46 15.43
CA PHE D 249 8.61 -22.64 16.33
C PHE D 249 7.12 -22.99 16.25
N LYS D 250 6.48 -22.87 17.40
CA LYS D 250 5.03 -23.00 17.52
C LYS D 250 4.51 -21.92 18.46
N PHE D 251 3.88 -20.90 17.90
CA PHE D 251 3.36 -19.79 18.68
C PHE D 251 1.87 -19.98 18.96
N HIS D 252 1.46 -19.76 20.21
CA HIS D 252 0.04 -19.73 20.53
C HIS D 252 -0.41 -18.27 20.61
N MET D 253 -1.16 -17.85 19.61
CA MET D 253 -1.50 -16.44 19.39
C MET D 253 -2.33 -15.89 20.55
N LEU D 254 -1.89 -14.76 21.10
CA LEU D 254 -2.59 -14.12 22.21
C LEU D 254 -3.59 -13.09 21.71
N HIS D 255 -3.36 -12.58 20.50
CA HIS D 255 -4.24 -11.58 19.90
C HIS D 255 -4.62 -11.98 18.48
N SER D 256 -5.82 -11.57 18.06
CA SER D 256 -6.27 -11.81 16.70
C SER D 256 -5.79 -10.68 15.79
N GLY D 257 -5.47 -11.03 14.55
CA GLY D 257 -5.03 -10.02 13.60
C GLY D 257 -4.12 -10.54 12.50
N LEU D 258 -3.53 -9.58 11.78
CA LEU D 258 -2.59 -9.89 10.71
C LEU D 258 -1.16 -9.98 11.23
N VAL D 259 -0.54 -11.13 10.97
CA VAL D 259 0.87 -11.31 11.25
C VAL D 259 1.62 -10.90 9.99
N HIS D 260 2.40 -9.83 10.10
CA HIS D 260 3.16 -9.29 8.98
C HIS D 260 4.58 -9.87 8.93
N GLY D 261 4.99 -10.52 10.01
CA GLY D 261 6.29 -11.15 10.04
C GLY D 261 6.77 -11.55 11.42
N LEU D 262 8.07 -11.86 11.51
CA LEU D 262 8.68 -12.27 12.76
C LEU D 262 9.70 -11.26 13.26
N ALA D 263 9.64 -10.96 14.55
CA ALA D 263 10.60 -10.07 15.19
C ALA D 263 11.67 -10.89 15.89
N PHE D 264 12.90 -10.39 15.82
CA PHE D 264 14.07 -11.06 16.36
C PHE D 264 14.85 -10.12 17.27
N TRP D 265 15.28 -10.66 18.40
CA TRP D 265 16.27 -10.02 19.26
C TRP D 265 17.03 -11.13 19.95
N PHE D 266 18.02 -10.79 20.76
CA PHE D 266 18.84 -11.82 21.38
C PHE D 266 19.34 -11.39 22.76
N ASP D 267 19.65 -12.37 23.59
CA ASP D 267 20.28 -12.13 24.88
C ASP D 267 21.60 -12.90 24.91
N VAL D 268 22.55 -12.43 25.70
CA VAL D 268 23.72 -13.25 26.01
C VAL D 268 23.88 -13.26 27.52
N ALA D 269 24.40 -14.37 28.06
CA ALA D 269 24.60 -14.45 29.50
C ALA D 269 26.06 -14.71 29.86
N PHE D 270 26.54 -13.92 30.82
CA PHE D 270 27.85 -14.12 31.40
C PHE D 270 27.68 -14.86 32.72
N ILE D 271 27.96 -16.15 32.69
CA ILE D 271 27.76 -17.01 33.86
C ILE D 271 29.08 -17.15 34.60
N GLY D 272 29.31 -16.27 35.56
CA GLY D 272 30.54 -16.30 36.33
C GLY D 272 30.40 -17.04 37.66
N SER D 273 31.49 -17.11 38.41
CA SER D 273 31.51 -17.85 39.67
C SER D 273 30.73 -17.12 40.77
N ILE D 274 30.64 -15.80 40.66
CA ILE D 274 29.98 -15.00 41.70
C ILE D 274 28.53 -14.74 41.32
N MET D 275 28.27 -14.41 40.06
CA MET D 275 26.91 -14.14 39.62
C MET D 275 26.75 -14.25 38.10
N THR D 276 25.52 -14.42 37.66
CA THR D 276 25.20 -14.42 36.24
C THR D 276 24.72 -13.04 35.82
N VAL D 277 25.30 -12.50 34.76
CA VAL D 277 24.92 -11.18 34.26
C VAL D 277 24.36 -11.31 32.84
N TRP D 278 23.20 -10.70 32.59
CA TRP D 278 22.55 -10.80 31.29
C TRP D 278 22.68 -9.51 30.46
N LEU D 279 22.97 -9.68 29.18
CA LEU D 279 22.91 -8.58 28.22
C LEU D 279 21.80 -8.85 27.21
N SER D 280 20.80 -7.99 27.19
CA SER D 280 19.60 -8.19 26.36
C SER D 280 19.37 -7.06 25.36
N THR D 281 18.96 -7.43 24.15
CA THR D 281 18.60 -6.44 23.13
C THR D 281 17.10 -6.46 22.91
N ALA D 282 16.37 -6.93 23.91
CA ALA D 282 14.92 -7.00 23.83
C ALA D 282 14.33 -5.59 23.69
N PRO D 283 13.13 -5.50 23.09
CA PRO D 283 12.47 -4.20 22.94
C PRO D 283 11.94 -3.63 24.25
N THR D 284 11.98 -4.41 25.33
CA THR D 284 11.59 -3.94 26.65
C THR D 284 12.77 -3.27 27.37
N GLU D 285 13.97 -3.43 26.82
CA GLU D 285 15.18 -2.94 27.47
C GLU D 285 15.74 -1.74 26.72
N PRO D 286 16.61 -0.95 27.38
CA PRO D 286 17.22 0.20 26.69
C PRO D 286 17.88 -0.20 25.37
N LEU D 287 17.78 0.68 24.39
CA LEU D 287 18.24 0.39 23.04
C LEU D 287 19.75 0.23 22.98
N THR D 288 20.20 -0.72 22.17
CA THR D 288 21.62 -0.93 21.89
C THR D 288 21.86 -0.72 20.40
N HIS D 289 23.11 -0.80 19.98
CA HIS D 289 23.44 -0.61 18.57
C HIS D 289 22.98 -1.81 17.72
N TRP D 290 22.49 -2.86 18.38
CA TRP D 290 21.92 -3.98 17.67
C TRP D 290 20.44 -3.78 17.34
N TYR D 291 19.80 -2.85 18.03
CA TYR D 291 18.37 -2.60 17.85
C TYR D 291 17.60 -3.92 17.90
N GLN D 292 16.58 -4.05 17.07
CA GLN D 292 15.94 -5.33 16.86
C GLN D 292 15.77 -5.55 15.36
N VAL D 293 15.49 -6.80 14.99
CA VAL D 293 15.39 -7.14 13.57
C VAL D 293 14.04 -7.74 13.27
N ARG D 294 13.39 -7.27 12.21
CA ARG D 294 12.12 -7.85 11.81
C ARG D 294 12.17 -8.38 10.39
N CYS D 295 11.66 -9.60 10.21
CA CYS D 295 11.56 -10.23 8.90
C CYS D 295 10.11 -10.26 8.47
N LEU D 296 9.82 -9.53 7.39
CA LEU D 296 8.48 -9.44 6.84
C LEU D 296 8.11 -10.63 5.97
N PHE D 297 6.83 -10.99 6.03
CA PHE D 297 6.23 -11.88 5.04
C PHE D 297 5.84 -11.01 3.85
N GLN D 298 5.93 -11.55 2.63
CA GLN D 298 5.48 -10.80 1.46
C GLN D 298 3.97 -10.58 1.54
N SER D 299 3.27 -11.52 2.16
CA SER D 299 1.84 -11.38 2.43
C SER D 299 1.55 -11.81 3.86
N PRO D 300 0.84 -10.96 4.62
CA PRO D 300 0.57 -11.28 6.02
C PRO D 300 -0.34 -12.48 6.21
N LEU D 301 -0.29 -13.09 7.39
CA LEU D 301 -1.14 -14.23 7.71
C LEU D 301 -2.17 -13.85 8.76
N PHE D 302 -3.44 -14.09 8.51
CA PHE D 302 -4.46 -13.80 9.50
C PHE D 302 -4.55 -14.90 10.54
N ALA D 303 -4.52 -14.53 11.82
CA ALA D 303 -4.69 -15.50 12.89
C ALA D 303 -5.60 -14.96 13.99
N LYS D 304 -6.45 -15.82 14.53
CA LYS D 304 -7.29 -15.47 15.67
C LYS D 304 -6.60 -15.88 16.96
N ALA D 305 -6.92 -15.19 18.05
CA ALA D 305 -6.44 -15.57 19.37
C ALA D 305 -6.80 -17.02 19.65
N GLY D 306 -5.82 -17.80 20.08
CA GLY D 306 -6.01 -19.21 20.36
C GLY D 306 -5.47 -20.11 19.27
N ASP D 307 -5.31 -19.57 18.06
CA ASP D 307 -4.71 -20.33 16.97
C ASP D 307 -3.23 -20.59 17.25
N THR D 308 -2.66 -21.54 16.52
CA THR D 308 -1.24 -21.82 16.62
C THR D 308 -0.55 -21.53 15.29
N LEU D 309 0.58 -20.82 15.39
CA LEU D 309 1.39 -20.50 14.22
C LEU D 309 2.67 -21.33 14.27
N SER D 310 2.79 -22.30 13.38
CA SER D 310 3.91 -23.22 13.43
C SER D 310 4.79 -23.08 12.22
N GLY D 311 6.08 -23.35 12.40
CA GLY D 311 6.98 -23.32 11.27
C GLY D 311 8.44 -23.41 11.65
N THR D 312 9.29 -22.95 10.74
CA THR D 312 10.73 -23.09 10.94
C THR D 312 11.47 -21.88 10.42
N CYS D 313 12.49 -21.49 11.16
CA CYS D 313 13.46 -20.51 10.69
C CYS D 313 14.79 -21.22 10.49
N LEU D 314 15.21 -21.34 9.23
CA LEU D 314 16.43 -22.05 8.89
C LEU D 314 17.48 -21.06 8.39
N LEU D 315 18.62 -21.03 9.07
CA LEU D 315 19.71 -20.13 8.75
C LEU D 315 20.86 -20.88 8.10
N ILE D 316 21.18 -20.53 6.86
CA ILE D 316 22.27 -21.16 6.13
C ILE D 316 23.41 -20.16 5.94
N ALA D 317 24.56 -20.47 6.51
CA ALA D 317 25.72 -19.58 6.41
C ALA D 317 26.19 -19.46 4.97
N ASN D 318 26.64 -18.28 4.58
CA ASN D 318 27.15 -18.04 3.24
C ASN D 318 28.59 -17.52 3.30
N LYS D 319 29.22 -17.39 2.14
CA LYS D 319 30.64 -17.06 2.08
C LYS D 319 30.90 -15.56 2.22
N ARG D 320 29.84 -14.79 2.41
CA ARG D 320 29.96 -13.37 2.67
C ARG D 320 29.80 -13.01 4.15
N GLN D 321 30.15 -13.94 5.03
CA GLN D 321 30.13 -13.69 6.47
C GLN D 321 28.75 -13.28 6.97
N SER D 322 27.71 -13.92 6.44
CA SER D 322 26.35 -13.64 6.87
C SER D 322 25.51 -14.90 6.67
N TYR D 323 24.19 -14.75 6.67
CA TYR D 323 23.31 -15.90 6.55
C TYR D 323 22.21 -15.69 5.53
N ASP D 324 21.88 -16.76 4.83
CA ASP D 324 20.68 -16.83 4.04
C ASP D 324 19.59 -17.34 4.98
N ILE D 325 18.53 -16.54 5.15
CA ILE D 325 17.51 -16.85 6.13
C ILE D 325 16.26 -17.37 5.41
N SER D 326 15.82 -18.56 5.76
CA SER D 326 14.55 -19.06 5.24
C SER D 326 13.54 -19.21 6.37
N ILE D 327 12.41 -18.53 6.24
CA ILE D 327 11.35 -18.59 7.23
C ILE D 327 10.11 -19.17 6.57
N VAL D 328 9.59 -20.24 7.18
CA VAL D 328 8.32 -20.80 6.75
C VAL D 328 7.42 -20.82 7.97
N ALA D 329 6.21 -20.29 7.80
CA ALA D 329 5.26 -20.17 8.89
C ALA D 329 3.86 -20.55 8.42
N GLN D 330 3.11 -21.19 9.29
CA GLN D 330 1.76 -21.65 8.95
C GLN D 330 0.77 -21.48 10.09
N VAL D 331 -0.44 -21.05 9.77
CA VAL D 331 -1.54 -21.08 10.72
C VAL D 331 -2.12 -22.47 10.64
N ASP D 332 -1.94 -23.25 11.70
CA ASP D 332 -2.29 -24.67 11.69
C ASP D 332 -3.78 -24.90 11.47
N GLN D 333 -4.60 -24.00 11.99
CA GLN D 333 -6.06 -24.18 11.94
C GLN D 333 -6.65 -23.95 10.56
N THR D 334 -5.94 -23.21 9.71
CA THR D 334 -6.48 -22.82 8.41
C THR D 334 -5.60 -23.27 7.26
N GLY D 335 -4.36 -23.61 7.55
CA GLY D 335 -3.43 -24.00 6.50
C GLY D 335 -2.84 -22.80 5.79
N SER D 336 -3.16 -21.60 6.27
CA SER D 336 -2.58 -20.41 5.68
C SER D 336 -1.07 -20.46 5.90
N LYS D 337 -0.34 -20.34 4.81
CA LYS D 337 1.09 -20.63 4.77
C LYS D 337 1.86 -19.46 4.18
N SER D 338 3.03 -19.18 4.75
CA SER D 338 3.90 -18.17 4.20
C SER D 338 5.34 -18.64 4.24
N SER D 339 6.10 -18.22 3.23
CA SER D 339 7.48 -18.59 3.11
C SER D 339 8.24 -17.35 2.73
N ASN D 340 9.46 -17.22 3.23
CA ASN D 340 10.28 -16.08 2.85
C ASN D 340 11.77 -16.39 2.94
N LEU D 341 12.52 -15.72 2.06
CA LEU D 341 13.97 -15.80 2.02
C LEU D 341 14.54 -14.42 2.27
N LEU D 342 15.48 -14.30 3.20
CA LEU D 342 16.05 -13.00 3.52
C LEU D 342 17.56 -13.03 3.46
N ASP D 343 18.13 -11.89 3.05
CA ASP D 343 19.57 -11.71 2.96
C ASP D 343 20.05 -10.80 4.08
N LEU D 344 20.58 -11.39 5.12
CA LEU D 344 20.99 -10.66 6.30
C LEU D 344 22.14 -9.68 6.07
N LYS D 345 22.92 -9.90 5.01
CA LYS D 345 24.08 -9.05 4.72
C LYS D 345 23.64 -7.65 4.30
N ASN D 346 22.41 -7.54 3.79
CA ASN D 346 21.89 -6.28 3.27
C ASN D 346 20.60 -5.88 4.00
N PRO D 347 20.73 -5.43 5.26
CA PRO D 347 19.54 -5.03 6.02
C PRO D 347 19.06 -3.63 5.67
N PHE D 348 17.82 -3.35 6.00
CA PHE D 348 17.25 -2.01 5.86
C PHE D 348 17.26 -1.28 7.20
N PHE D 349 18.08 -0.24 7.30
CA PHE D 349 18.17 0.55 8.51
C PHE D 349 17.06 1.60 8.53
N ARG D 350 16.03 1.34 9.32
CA ARG D 350 14.82 2.15 9.31
C ARG D 350 14.80 3.17 10.45
N TYR D 351 15.60 2.91 11.48
CA TYR D 351 15.61 3.74 12.69
C TYR D 351 15.75 5.23 12.37
N THR D 352 14.93 6.04 13.04
CA THR D 352 14.84 7.49 12.84
C THR D 352 15.49 7.99 11.56
N1 6YB E . -26.42 -21.75 -10.27
C2 6YB E . -25.11 -21.54 -10.17
N3 6YB E . -24.59 -20.68 -9.26
C4 6YB E . -25.42 -20.03 -8.42
C6 6YB E . -27.29 -21.12 -9.45
N10 6YB E . -24.77 -15.88 -0.55
C11 6YB E . -23.83 -16.99 -0.99
C10 6YB E . -22.69 -16.40 -1.81
ND 6YB E . -22.13 -17.29 -2.84
C5' 6YB E . -23.21 -17.79 -3.78
C4' 6YB E . -22.62 -18.00 -5.18
O4' 6YB E . -23.26 -19.13 -5.79
C1' 6YB E . -23.82 -18.71 -7.07
N9 6YB E . -25.19 -19.12 -7.43
C5 6YB E . -26.80 -20.22 -8.49
N6 6YB E . -28.75 -21.35 -9.55
N7 6YB E . -27.37 -19.44 -7.55
C8 6YB E . -26.37 -18.78 -6.88
C2' 6YB E . -23.89 -17.18 -7.02
O2' 6YB E . -23.68 -16.58 -8.32
C3' 6YB E . -22.79 -16.82 -6.10
O3' 6YB E . -21.62 -16.64 -6.81
CG 6YB E . -21.31 -18.35 -2.26
CB 6YB E . -19.98 -18.42 -2.99
CA 6YB E . -18.93 -19.44 -2.47
C 6YB E . -17.88 -18.76 -1.63
O 6YB E . -17.74 -19.05 -0.42
N 6YB E . -19.52 -20.52 -1.74
C12 6YB E . -24.57 -15.19 0.71
N12 6YB E . -25.39 -14.24 1.06
N11 6YB E . -23.48 -15.56 1.59
OXT 6YB E . -17.11 -17.87 -2.18
H21 6YB E . -24.51 -21.99 -10.77
H103 6YB E . -25.44 -15.64 -1.09
H112 6YB E . -24.32 -17.61 -1.55
H111 6YB E . -23.46 -17.47 -0.18
H102 6YB E . -23.01 -15.59 -2.24
H101 6YB E . -21.97 -16.16 -1.20
H5'2 6YB E . -23.92 -17.16 -3.79
H5'1 6YB E . -23.54 -18.65 -3.46
H4'1 6YB E . -21.67 -18.16 -5.09
H1'1 6YB E . -23.20 -19.00 -7.80
H62 6YB E . -29.25 -20.84 -10.08
H61 6YB E . -29.13 -22.01 -9.08
H81 6YB E . -26.50 -18.16 -6.17
H2'1 6YB E . -24.73 -16.89 -6.66
H2'2 6YB E . -22.80 -16.65 -8.56
H3'1 6YB E . -23.03 -16.02 -5.60
H3'2 6YB E . -21.39 -17.38 -7.16
HG3 6YB E . -21.75 -19.18 -2.36
HG2 6YB E . -21.16 -18.17 -1.31
HB3 6YB E . -20.18 -18.65 -3.89
HB2 6YB E . -19.58 -17.52 -2.99
HA 6YB E . -18.50 -19.81 -3.22
H 6YB E . -20.37 -20.29 -1.49
H2 6YB E . -19.55 -21.26 -2.27
H121 6YB E . -25.28 -13.82 1.84
H113 6YB E . -23.37 -15.13 2.37
H4 6YB E . -22.88 -16.26 1.33
C1 EDO F . -5.22 -27.86 6.81
O1 EDO F . -5.28 -27.09 5.64
C2 EDO F . -6.10 -27.19 7.87
O2 EDO F . -6.36 -28.12 8.88
H11 EDO F . -5.55 -28.75 6.63
H12 EDO F . -4.31 -27.90 7.12
HO1 EDO F . -4.63 -27.30 5.13
H21 EDO F . -5.63 -26.42 8.25
H22 EDO F . -6.93 -26.90 7.47
HO2 EDO F . -5.63 -28.50 9.12
C1 EDO G . -50.55 -20.46 16.25
O1 EDO G . -49.62 -21.23 16.96
C2 EDO G . -50.51 -20.90 14.79
O2 EDO G . -51.46 -21.90 14.60
H11 EDO G . -50.30 -19.51 16.32
H12 EDO G . -51.43 -20.59 16.61
HO1 EDO G . -49.83 -21.23 17.79
H21 EDO G . -50.72 -20.14 14.21
H22 EDO G . -49.63 -21.23 14.58
HO2 EDO G . -51.16 -22.47 14.04
C1 EDO H . -39.89 -27.80 11.45
O1 EDO H . -39.22 -28.07 12.65
C2 EDO H . -40.12 -29.13 10.72
O2 EDO H . -40.61 -28.84 9.44
H11 EDO H . -40.75 -27.39 11.63
H12 EDO H . -39.36 -27.21 10.90
HO1 EDO H . -39.79 -28.05 13.30
H21 EDO H . -39.28 -29.61 10.65
H22 EDO H . -40.77 -29.67 11.20
HO2 EDO H . -39.96 -28.86 8.88
C1 EDO I . -31.79 -37.68 -2.08
O1 EDO I . -30.98 -38.11 -1.02
C2 EDO I . -31.11 -38.07 -3.41
O2 EDO I . -31.92 -37.65 -4.46
C4 DXE J . -27.59 -9.83 -0.71
O2 DXE J . -27.86 -10.39 -1.96
C3 DXE J . -27.17 -9.81 -3.03
C2 DXE J . -28.08 -8.85 -3.78
O1 DXE J . -28.06 -9.15 -5.14
C1 DXE J . -28.75 -8.22 -5.95
H41 DXE J . -28.18 -10.22 -0.04
H42 DXE J . -26.67 -10.01 -0.46
H43 DXE J . -27.74 -8.87 -0.75
H31 DXE J . -26.40 -9.32 -2.68
H32 DXE J . -26.86 -10.50 -3.63
H21 DXE J . -27.78 -7.93 -3.64
H22 DXE J . -28.99 -8.93 -3.44
H11 DXE J . -28.39 -7.34 -5.79
H12 DXE J . -28.62 -8.46 -6.88
H13 DXE J . -29.69 -8.25 -5.72
C4 DXE K . -17.85 -9.62 6.95
O2 DXE K . -17.38 -9.87 8.25
C3 DXE K . -18.38 -10.09 9.20
C2 DXE K . -18.95 -8.75 9.68
O1 DXE K . -18.93 -8.72 11.08
C1 DXE K . -18.72 -7.45 11.63
H41 DXE K . -17.11 -9.37 6.37
H42 DXE K . -18.27 -10.42 6.60
H43 DXE K . -18.49 -8.90 6.97
H31 DXE K . -19.10 -10.62 8.80
H32 DXE K . -18.02 -10.58 9.95
H21 DXE K . -19.86 -8.65 9.36
H22 DXE K . -18.40 -8.04 9.33
H11 DXE K . -19.39 -6.83 11.28
H12 DXE K . -17.84 -7.13 11.38
H13 DXE K . -18.81 -7.50 12.59
C4 DXE L . -24.01 -23.47 18.22
O2 DXE L . -25.38 -23.46 18.54
C3 DXE L . -26.21 -24.08 17.60
C2 DXE L . -26.61 -25.48 18.09
O1 DXE L . -25.58 -26.02 18.88
C1 DXE L . -25.98 -27.09 19.68
H41 DXE L . -23.69 -24.39 18.25
H42 DXE L . -23.88 -23.12 17.33
H43 DXE L . -23.52 -22.94 18.86
H31 DXE L . -27.01 -23.56 17.46
H32 DXE L . -25.74 -24.17 16.76
H21 DXE L . -26.77 -26.06 17.33
H22 DXE L . -27.41 -25.41 18.63
H11 DXE L . -25.20 -27.46 20.14
H12 DXE L . -26.63 -26.78 20.34
H13 DXE L . -26.38 -27.78 19.13
C1 PEG M . -25.82 -39.43 4.77
O1 PEG M . -26.80 -40.41 4.53
C2 PEG M . -24.68 -40.09 5.56
O2 PEG M . -24.42 -39.32 6.69
C3 PEG M . -23.41 -39.83 7.51
C4 PEG M . -23.86 -39.68 8.96
O4 PEG M . -23.21 -40.65 9.73
H11 PEG M . -25.49 -39.09 3.93
H12 PEG M . -26.20 -38.71 5.29
HO1 PEG M . -27.43 -40.06 4.07
H21 PEG M . -24.93 -40.99 5.81
H22 PEG M . -23.89 -40.13 5.00
H31 PEG M . -22.59 -39.32 7.37
H32 PEG M . -23.26 -40.76 7.31
H41 PEG M . -23.62 -38.80 9.30
H42 PEG M . -24.81 -39.80 9.03
HO4 PEG M . -23.23 -40.44 10.55
N1 6YB N . -39.26 9.18 -18.06
C2 6YB N . -39.97 9.63 -17.01
N3 6YB N . -39.39 9.80 -15.79
C4 6YB N . -38.09 9.51 -15.62
C6 6YB N . -37.95 8.88 -17.93
N10 6YB N . -31.44 12.03 -10.29
C11 6YB N . -32.78 12.71 -10.48
C10 6YB N . -33.76 12.20 -9.45
ND 6YB N . -35.18 12.26 -9.85
C5' 6YB N . -35.43 11.58 -11.17
C4' 6YB N . -36.92 11.20 -11.32
O4' 6YB N . -37.33 11.37 -12.69
C1' 6YB N . -37.75 10.08 -13.22
N9 6YB N . -37.27 9.59 -14.53
C5 6YB N . -37.33 9.04 -16.69
N6 6YB N . -37.17 8.37 -19.08
N7 6YB N . -36.06 8.84 -16.22
C8 6YB N . -36.04 9.19 -14.91
C2' 6YB N . -37.24 9.04 -12.23
O2' 6YB N . -38.09 7.88 -12.16
C3' 6YB N . -37.20 9.77 -10.95
O3' 6YB N . -38.43 9.70 -10.33
CG 6YB N . -35.73 13.62 -9.81
CB 6YB N . -36.89 13.70 -8.85
CA 6YB N . -37.64 15.06 -8.82
C 6YB N . -37.43 15.79 -7.53
O 6YB N . -36.68 16.80 -7.48
N 6YB N . -37.22 15.89 -9.91
C12 6YB N . -30.59 12.42 -9.18
N12 6YB N . -29.44 11.83 -8.99
N11 6YB N . -31.03 13.44 -8.27
OXT 6YB N . -38.00 15.36 -6.45
H21 6YB N . -40.89 9.83 -17.12
H103 6YB N . -31.18 11.38 -10.85
H112 6YB N . -32.67 13.67 -10.39
H111 6YB N . -33.13 12.49 -11.42
H102 6YB N . -33.54 11.28 -9.24
H101 6YB N . -33.65 12.73 -8.64
H5'2 6YB N . -35.16 12.13 -11.89
H5'1 6YB N . -34.91 10.76 -11.20
H4'1 6YB N . -37.44 11.77 -10.74
H1'1 6YB N . -38.76 10.06 -13.23
H62 6YB N . -37.47 8.49 -19.91
H61 6YB N . -36.39 7.93 -18.95
H81 6YB N . -35.28 9.14 -14.33
H2'1 6YB N . -36.34 8.76 -12.48
H2'2 6YB N . -38.89 8.10 -11.75
H3'1 6YB N . -36.50 9.41 -10.38
H3'2 6YB N . -39.01 10.12 -10.79
HG3 6YB N . -35.06 14.23 -9.55
HG2 6YB N . -36.04 13.85 -10.70
HB3 6YB N . -36.56 13.54 -7.97
HB2 6YB N . -37.54 12.99 -9.06
HA 6YB N . -38.56 14.89 -8.92
H 6YB N . -37.86 15.89 -10.56
H2 6YB N . -37.09 16.74 -9.60
H121 6YB N . -28.92 12.06 -8.33
H113 6YB N . -31.84 13.85 -8.40
H4 6YB N . -30.47 13.71 -7.54
C1 EDO O . -25.52 15.14 2.12
O1 EDO O . -24.38 15.63 2.77
C2 EDO O . -26.52 16.29 2.00
O2 EDO O . -27.65 15.81 1.32
H11 EDO O . -25.91 14.43 2.65
H12 EDO O . -25.28 14.81 1.25
HO1 EDO O . -24.27 15.21 3.51
H21 EDO O . -26.78 16.60 2.88
H22 EDO O . -26.12 17.01 1.50
HO2 EDO O . -27.89 15.07 1.65
C1 EDO P . -35.81 24.81 -29.22
O1 EDO P . -34.51 25.33 -29.18
C2 EDO P . -35.74 23.31 -28.98
O2 EDO P . -36.72 22.69 -29.75
H11 EDO P . -36.21 24.98 -30.09
H12 EDO P . -36.36 25.23 -28.53
HO1 EDO P . -34.54 26.15 -28.94
H21 EDO P . -34.85 22.98 -29.24
H22 EDO P . -35.88 23.12 -28.04
HO2 EDO P . -36.40 21.98 -30.11
C1 EDO Q . -36.82 14.08 10.08
O1 EDO Q . -36.58 13.08 9.12
C2 EDO Q . -36.69 15.44 9.39
O2 EDO Q . -37.93 16.10 9.47
H11 EDO Q . -36.16 14.01 10.79
H12 EDO Q . -37.71 13.98 10.44
HO1 EDO Q . -35.98 12.55 9.41
H21 EDO Q . -36.01 15.97 9.84
H22 EDO Q . -36.45 15.32 8.46
HO2 EDO Q . -37.83 16.90 9.21
O22 P33 R . -47.22 4.25 -22.61
C21 P33 R . -47.22 3.38 -23.73
C20 P33 R . -45.91 2.59 -23.74
O19 P33 R . -45.41 2.54 -25.05
C18 P33 R . -44.42 1.57 -25.22
C17 P33 R . -43.52 1.91 -26.43
O16 P33 R . -43.74 3.22 -26.84
C15 P33 R . -43.39 3.45 -28.18
C14 P33 R . -42.97 4.91 -28.38
O13 P33 R . -44.12 5.70 -28.38
C12 P33 R . -43.88 7.03 -28.73
C11 P33 R . -45.19 7.81 -28.63
O10 P33 R . -44.90 9.15 -28.89
C9 P33 R . -45.96 10.03 -28.70
C8 P33 R . -45.97 11.00 -29.88
O7 P33 R . -45.82 12.29 -29.37
C6 P33 R . -45.72 13.28 -30.35
C5 P33 R . -44.27 13.33 -30.83
O4 P33 R . -44.05 14.56 -31.47
C3 P33 R . -43.90 15.66 -30.62
C2 P33 R . -45.07 16.61 -30.85
O1 P33 R . -44.78 17.40 -31.97
H22 P33 R . -47.78 3.95 -22.03
H211 P33 R . -47.29 3.90 -24.53
H212 P33 R . -47.97 2.77 -23.66
H201 P33 R . -46.07 1.69 -23.43
H202 P33 R . -45.27 3.02 -23.16
H181 P33 R . -44.84 0.71 -25.39
H182 P33 R . -43.88 1.51 -24.42
H171 P33 R . -42.59 1.82 -26.16
H172 P33 R . -43.71 1.31 -27.15
H151 P33 R . -42.65 2.87 -28.42
H152 P33 R . -44.15 3.25 -28.76
H141 P33 R . -42.40 5.18 -27.64
H142 P33 R . -42.50 5.01 -29.21
H121 P33 R . -43.23 7.42 -28.14
H122 P33 R . -43.55 7.07 -29.64
H111 P33 R . -45.83 7.48 -29.28
H112 P33 R . -45.56 7.72 -27.73
H91 P33 R . -45.85 10.52 -27.87
H92 P33 R . -46.80 9.54 -28.68
H81 P33 R . -46.81 10.92 -30.36
H82 P33 R . -45.24 10.79 -30.47
H61 P33 R . -45.97 14.14 -29.98
H62 P33 R . -46.30 13.06 -31.10
H51 P33 R . -44.10 12.60 -31.46
H52 P33 R . -43.67 13.24 -30.07
H31 P33 R . -43.06 16.11 -30.82
H32 P33 R . -43.89 15.36 -29.69
H21 P33 R . -45.18 17.17 -30.07
H22A P33 R . -45.88 16.10 -31.01
HO1 P33 R . -45.44 17.90 -32.15
C4 DXE S . -20.92 -4.40 -6.26
O2 DXE S . -22.19 -3.80 -6.24
C3 DXE S . -22.81 -3.70 -7.48
C2 DXE S . -23.70 -4.92 -7.70
O1 DXE S . -24.02 -5.04 -9.06
C1 DXE S . -25.35 -5.36 -9.33
H41 DXE S . -20.52 -4.33 -5.39
H42 DXE S . -20.37 -3.94 -6.91
H43 DXE S . -21.02 -5.33 -6.51
H31 DXE S . -22.14 -3.66 -8.18
H32 DXE S . -23.36 -2.90 -7.51
H21 DXE S . -24.52 -4.82 -7.20
H22 DXE S . -23.23 -5.72 -7.41
H11 DXE S . -25.50 -5.36 -10.29
H12 DXE S . -25.54 -6.25 -8.98
H13 DXE S . -25.94 -4.72 -8.90
C4 DXE T . -27.34 6.45 -8.34
O2 DXE T . -28.69 6.26 -8.67
C3 DXE T . -28.93 5.18 -9.53
C2 DXE T . -30.21 4.47 -9.11
O1 DXE T . -30.44 3.36 -9.93
C1 DXE T . -29.89 2.16 -9.46
H41 DXE T . -27.02 5.71 -7.82
H42 DXE T . -27.24 7.28 -7.84
H43 DXE T . -26.81 6.52 -9.16
H31 DXE T . -28.18 4.56 -9.48
H32 DXE T . -29.01 5.50 -10.44
H21 DXE T . -30.96 5.08 -9.18
H22 DXE T . -30.13 4.17 -8.19
H11 DXE T . -30.22 1.98 -8.56
H12 DXE T . -30.16 1.43 -10.05
H13 DXE T . -28.93 2.22 -9.44
N1 6YB U . 31.14 -1.90 -18.09
C2 6YB U . 29.81 -2.02 -18.13
N3 6YB U . 29.01 -1.40 -17.22
C4 6YB U . 29.58 -0.65 -16.25
C6 6YB U . 31.74 -1.16 -17.14
N10 6YB U . 26.11 5.45 -11.04
C11 6YB U . 25.31 5.43 -12.31
C10 6YB U . 24.43 4.22 -12.33
ND 6YB U . 24.53 3.45 -13.57
C5' 6YB U . 25.95 2.99 -13.81
C4' 6YB U . 25.88 1.54 -14.31
O4' 6YB U . 26.89 1.35 -15.31
C1' 6YB U . 27.58 0.11 -15.03
N9 6YB U . 29.03 0.04 -15.21
C5 6YB U . 30.97 -0.51 -16.17
N6 6YB U . 33.23 -1.05 -17.12
N7 6YB U . 31.22 0.28 -15.11
C8 6YB U . 30.04 0.63 -14.53
C2' 6YB U . 27.33 -0.19 -13.56
O2' 6YB U . 27.21 -1.61 -13.31
C3' 6YB U . 26.09 0.53 -13.23
O3' 6YB U . 25.01 -0.34 -13.23
CG 6YB U . 23.93 4.17 -14.69
CB 6YB U . 22.63 3.47 -15.04
CA 6YB U . 21.83 4.13 -16.20
C 6YB U . 20.76 5.05 -15.67
O 6YB U . 20.90 6.29 -15.78
N 6YB U . 22.73 4.82 -17.05
C12 6YB U . 26.67 6.68 -10.53
N12 6YB U . 27.37 6.69 -9.42
N11 6YB U . 26.46 7.92 -11.26
OXT 6YB U . 19.71 4.56 -15.11
H21 6YB U . 29.40 -2.54 -18.81
H103 6YB U . 26.25 4.68 -10.58
H112 6YB U . 24.76 6.24 -12.34
H111 6YB U . 25.94 5.42 -13.12
H102 6YB U . 24.66 3.63 -11.59
H101 6YB U . 23.50 4.50 -12.22
H5'2 6YB U . 26.45 3.05 -13.01
H5'1 6YB U . 26.37 3.54 -14.50
H4'1 6YB U . 25.01 1.40 -14.69
H1'1 6YB U . 27.16 -0.61 -15.59
H62 6YB U . 33.64 -0.54 -16.51
H61 6YB U . 33.73 -1.49 -17.73
H81 6YB U . 29.93 1.18 -13.76
H2'1 6YB U . 28.08 0.16 -13.02
H2'2 6YB U . 26.50 -1.94 -13.78
H3'1 6YB U . 26.17 0.96 -12.36
H3'2 6YB U . 24.88 -0.63 -14.03
HG3 6YB U . 24.51 4.15 -15.44
HG2 6YB U . 23.74 5.09 -14.43
HB3 6YB U . 22.84 2.58 -15.30
HB2 6YB U . 22.06 3.43 -14.25
HA 6YB U . 21.42 3.44 -16.68
H 6YB U . 22.86 4.33 -17.82
H2 6YB U . 22.38 5.64 -17.27
H121 6YB U . 27.69 7.44 -9.13
H113 6YB U . 25.98 7.91 -12.03
H4 6YB U . 26.83 8.73 -10.92
C1 EDO V . 25.89 26.20 -17.18
O1 EDO V . 26.28 27.14 -18.13
C2 EDO V . 24.95 26.86 -16.19
O2 EDO V . 25.42 28.16 -15.94
H11 EDO V . 26.68 25.87 -16.71
H12 EDO V . 25.43 25.46 -17.62
HO1 EDO V . 27.07 26.97 -18.40
H21 EDO V . 24.93 26.35 -15.35
H22 EDO V . 24.06 26.91 -16.57
HO2 EDO V . 26.02 28.13 -15.33
C1 PEG W . 28.51 4.53 -4.78
O1 PEG W . 29.19 5.62 -4.24
C2 PEG W . 29.54 3.55 -5.35
O2 PEG W . 29.21 2.27 -4.89
C3 PEG W . 30.28 1.37 -4.76
C4 PEG W . 30.31 0.89 -3.31
O4 PEG W . 30.83 -0.41 -3.29
H11 PEG W . 27.92 4.83 -5.49
H12 PEG W . 27.98 4.09 -4.09
HO1 PEG W . 28.65 6.28 -4.15
H21 PEG W . 30.42 3.80 -5.03
H22 PEG W . 29.51 3.58 -6.32
H31 PEG W . 31.12 1.83 -4.97
H32 PEG W . 30.15 0.62 -5.36
H41 PEG W . 30.87 1.47 -2.78
H42 PEG W . 29.41 0.88 -2.96
HO4 PEG W . 30.51 -0.84 -2.63
C1 PEG X . 18.49 10.28 -4.25
O1 PEG X . 18.09 9.07 -3.67
C2 PEG X . 17.26 11.02 -4.78
O2 PEG X . 17.69 12.19 -5.42
C3 PEG X . 17.34 13.39 -4.76
C4 PEG X . 18.17 13.50 -3.49
O4 PEG X . 17.95 14.77 -2.92
H11 PEG X . 18.92 10.83 -3.57
H12 PEG X . 19.10 10.11 -4.98
HO1 PEG X . 18.76 8.71 -3.28
H21 PEG X . 16.79 10.45 -5.43
H22 PEG X . 16.66 11.24 -4.05
H31 PEG X . 16.39 13.37 -4.54
H32 PEG X . 17.53 14.14 -5.34
H41 PEG X . 19.11 13.40 -3.69
H42 PEG X . 17.89 12.81 -2.85
HO4 PEG X . 17.82 14.68 -2.08
N1 6YB Y . 40.18 -12.81 14.24
C2 6YB Y . 40.59 -11.71 14.89
N3 6YB Y . 39.77 -10.63 15.05
C4 6YB Y . 38.52 -10.67 14.56
C6 6YB Y . 38.92 -12.89 13.73
N10 6YB Y . 31.03 -7.27 16.59
C11 6YB Y . 32.11 -6.88 17.56
C10 6YB Y . 33.00 -5.82 16.96
ND 6YB Y . 34.37 -5.88 17.49
C5' 6YB Y . 35.01 -7.14 16.96
C4' 6YB Y . 36.47 -6.90 16.54
O4' 6YB Y . 37.15 -8.17 16.57
C1' 6YB Y . 37.70 -8.43 15.23
N9 6YB Y . 37.52 -9.74 14.58
C5 6YB Y . 38.05 -11.80 13.89
N6 6YB Y . 38.47 -14.11 13.02
N7 6YB Y . 36.77 -11.53 13.52
C8 6YB Y . 36.45 -10.28 13.96
C2' 6YB Y . 37.03 -7.43 14.30
O2' 6YB Y . 37.93 -6.98 13.28
C3' 6YB Y . 36.58 -6.33 15.16
O3' 6YB Y . 37.52 -5.31 15.16
CG 6YB Y . 34.36 -5.85 18.96
CB 6YB Y . 35.56 -5.07 19.46
CA 6YB Y . 35.81 -5.21 20.99
C 6YB Y . 34.91 -4.33 21.80
O 6YB Y . 33.95 -4.83 22.44
N 6YB Y . 35.67 -6.57 21.39
C12 6YB Y . 29.67 -6.78 16.73
N12 6YB Y . 28.76 -7.15 15.86
N11 6YB Y . 29.30 -5.91 17.82
OXT 6YB Y . 35.11 -3.06 21.83
H21 6YB Y . 41.48 -11.68 15.23
H103 6YB Y . 31.22 -7.82 15.89
H112 6YB Y . 31.70 -6.54 18.38
H111 6YB Y . 32.67 -7.71 17.77
H102 6YB Y . 32.61 -4.93 17.13
H101 6YB Y . 33.04 -5.96 15.99
H5'2 6YB Y . 34.50 -7.46 16.21
H5'1 6YB Y . 35.00 -7.83 17.65
H4'1 6YB Y . 36.86 -6.29 17.17
H1'1 6YB Y . 38.68 -8.24 15.27
H62 6YB Y . 38.27 -14.84 13.48
H61 6YB Y . 38.40 -14.11 12.12
H81 6YB Y . 35.61 -9.86 13.82
H2'1 6YB Y . 36.25 -7.85 13.87
H2'2 6YB Y . 38.69 -6.63 13.68
H3'1 6YB Y . 35.72 -6.00 14.85
H3'2 6YB Y . 38.24 -5.59 15.50
HG3 6YB Y . 34.41 -6.73 19.28
HG2 6YB Y . 33.53 -5.43 19.27
HB3 6YB Y . 36.33 -5.41 19.00
HB2 6YB Y . 35.44 -4.12 19.25
HA 6YB Y . 36.70 -4.95 21.15
H 6YB Y . 35.20 -6.62 22.18
H2 6YB Y . 36.50 -6.94 21.51
H121 6YB Y . 28.98 -7.68 15.19
H113 6YB Y . 28.44 -5.61 17.89
H4 6YB Y . 29.96 -5.64 18.46
#